data_9OG0
#
_entry.id   9OG0
#
_cell.length_a   1.00
_cell.length_b   1.00
_cell.length_c   1.00
_cell.angle_alpha   90.00
_cell.angle_beta   90.00
_cell.angle_gamma   90.00
#
_symmetry.space_group_name_H-M   'P 1'
#
loop_
_entity.id
_entity.type
_entity.pdbx_description
1 polymer 'E3 ubiquitin-protein ligase synoviolin'
2 polymer 'Protein sel-1 homolog 1'
3 polymer 'Isoform 2 of Protein OS-9'
#
loop_
_entity_poly.entity_id
_entity_poly.type
_entity_poly.pdbx_seq_one_letter_code
_entity_poly.pdbx_strand_id
1 'polypeptide(L)'
;MFRTAVMMAASLALTGAVVAHAYYLKHQFYPTVVYLTKSSPSMAVLYIQAFVLVFLLGKVMGKVFFGQLRAAEMEHLLER
SWYAVTETCLAFTVFRDDFSPRFVALFTLLLFLKCFHWLAEDRVDFMERSPNISWLFHCRIVSLMFLLGILDFLFVSHAY
HSILTRGASVQLVFGFEYAILMTMVLTIFIKYVLHSVDLQSENPWDNKAVYMLYTELFTGFIKVLLYMAFMTIMIKVHTF
PLFAIRPMYLAMRQFKKAVTDAIMSRRAIRNMNTLYPDATPEELQAMDNVCIICREEMVTGAKRLPCNHIFHTSCLRSWF
QRQQTCPTCRMDVLRASLPAQSPPPPEPADQGPPPAPHPPPLLPQPPNFPQGLLPPFPPGMFPLWPPMGPFPPVPPPPSS
GEAVAPPSTSAAALSRPSGAATTTAAGTSATAASATASGPGSGSAPEAGPAPGFPFPPPWMGMPLPPPFAFPPMPVPPAG
FAGLTPEELRALEGHERQHLEARLQSLRNIHTLLDAAMLQINQYLTVLASLGPPRPATSVNSTEETATTVVAAASSTSIP
SSEATTPTPGASPPAPEMERPPAPESVGTEEMPEDGEPDAAELRRRRLQKLESPVAH
;
A,B
2 'polypeptide(L)'
;MQVRVRLSLLLLCAVLLGSAAATSDDKTNQDDSLDSKSSLPTDESVKDHTTTGKVVAGQIFVDSEEAEVESLLQDEEDSS
KTQEEEISFLESPNPSSKTYEELKRVRKPVLTAIEGTAHGEPCHFPFLFLDKEYDECTSDGREDGRLWCATTYDYKTDEK
WGFCETEEDAAKRRQMQEAEMIYQAGMKILNGSNRKSQKREAYRYLQKAAGMNHTKALERVSYALLFGDYLTQNIQAAKE
MFEKLTEEGSPKGQTGLGFLYASGLGVNSSQAKALVYYTFGALGGNLIAHMILGYRYWAGIGVLQSCESALTHYRLVANH
VASDISLTGGSVVQRIRLPDEVENPGMNSGMLEEDLIQYYQFLAEKGDVQAQVGLGQLHLHGGRGVEQNHQRAFDYFNLA
ANAGNSHAMAFLGKMYSEGSDIVPQSNETALHYFKKAADMGNPVGQSGLGMAYLYGRGVQVNYDLALKYFQKAAEQGWVD
GQLQLGSMYYNGIGVKRDYKQALKYFNLASQGGHILAFYNLAQMHASGTGVMRSCHTAVELFKNVCERGRWSERLMTAYN
SYKDEDYNAAVVQYLLLAEQGYEVAQSNAAFILDQREATIVGENETYPRALLHWNRAASQGYTVARIKLGDYHFYGFGTD
VDYETAFIHYRLASEQQHSAQAMFNLGYMHEKGLGIKQDIHLAKRFYDMAAEASPDAQVPVFLALCKLGVVYFLQYIREA
NIRDLFTQLDMDQLLGPEWDLYLMTIIALLLGTVIAYRQRQHQDIPVPRPPGPRPAPPQQEGPPEQQPPQ
;
C,D
3 'polypeptide(L)'
;MAAETLLSSLLGLLLLGLLLPASLTGGVGSLNLEELSEMRYGIEILPLPVMGGQSQSSDVVIVSSKYKQRYECRLPAGAI
HFQREREEETPAYQGPGIPELLSPMRDAPCLLKTKDWWTYEFCYGRHIQQYHMEDSEIKGEVLYLGYYQSAFDWDDETAK
ASKQHRLKRYHSQTYGNGSKCDLNGRPREAEVRFLCDEGAGISGDYIDRVDEPLSCSYVLTIRTPRLCPHPLLRPPPSAA
PQAILCHPSLQPEEYMAYVQRQADSKQYGDKIIEELQDLGPQVWSETKSGVAPQKMAGASPTKDDSKDSDFWKMLNEPED
QAPGGEEVPAEEQDPSPEAADSASGAPNDFQNNVQVKVIRSPADLIRFIEELKGGTKKGKPNIGQEQPVDDAAEVPQREP
EKERGDPERQREMEEEEDEDEDEDEDEDERQLLGEFEKELEGILLPSDRDRLRSEVKAGMERELENIIQETEKELDPDGL
KKESERDRAMLALTSTLNKLIKRLEEKQSPELVKKHKKKRVVPKKPPPSPQPTGKIEIKIVRPWAEGTEEGARWLTDEDT
RNLKEIFFNILVPGAEEAQKERQRQKELESNYRRVWGSPGGEGTGDLDEFDF
;
E,F
#
# COMPACT_ATOMS: atom_id res chain seq x y z
N MET A 1 -49.47 -30.94 -13.58
CA MET A 1 -48.19 -30.25 -13.74
C MET A 1 -48.33 -29.10 -14.74
N PHE A 2 -49.55 -28.59 -14.88
CA PHE A 2 -49.80 -27.48 -15.80
C PHE A 2 -49.02 -26.23 -15.38
N ARG A 3 -49.02 -25.93 -14.08
CA ARG A 3 -48.31 -24.74 -13.61
C ARG A 3 -46.82 -24.84 -13.85
N THR A 4 -46.24 -26.03 -13.66
CA THR A 4 -44.81 -26.21 -13.91
C THR A 4 -44.48 -26.01 -15.39
N ALA A 5 -45.33 -26.55 -16.27
CA ALA A 5 -45.11 -26.34 -17.71
C ALA A 5 -45.22 -24.88 -18.09
N VAL A 6 -46.21 -24.17 -17.51
CA VAL A 6 -46.35 -22.74 -17.79
C VAL A 6 -45.12 -21.98 -17.31
N MET A 7 -44.63 -22.31 -16.11
CA MET A 7 -43.45 -21.61 -15.58
C MET A 7 -42.22 -21.87 -16.43
N MET A 8 -42.00 -23.12 -16.84
CA MET A 8 -40.83 -23.42 -17.65
C MET A 8 -40.93 -22.77 -19.02
N ALA A 9 -42.13 -22.73 -19.61
CA ALA A 9 -42.30 -22.03 -20.88
C ALA A 9 -42.03 -20.54 -20.73
N ALA A 10 -42.49 -19.93 -19.65
CA ALA A 10 -42.22 -18.51 -19.42
C ALA A 10 -40.74 -18.25 -19.25
N SER A 11 -40.04 -19.10 -18.50
CA SER A 11 -38.60 -18.92 -18.31
C SER A 11 -37.85 -19.11 -19.63
N LEU A 12 -38.26 -20.09 -20.43
CA LEU A 12 -37.63 -20.31 -21.73
C LEU A 12 -37.84 -19.11 -22.64
N ALA A 13 -39.05 -18.55 -22.64
CA ALA A 13 -39.31 -17.36 -23.44
C ALA A 13 -38.46 -16.19 -22.98
N LEU A 14 -38.31 -16.02 -21.66
CA LEU A 14 -37.50 -14.92 -21.15
C LEU A 14 -36.03 -15.08 -21.54
N THR A 15 -35.49 -16.30 -21.42
CA THR A 15 -34.09 -16.49 -21.80
C THR A 15 -33.90 -16.36 -23.30
N GLY A 16 -34.88 -16.76 -24.10
CA GLY A 16 -34.80 -16.54 -25.54
C GLY A 16 -34.81 -15.07 -25.88
N ALA A 17 -35.63 -14.29 -25.18
CA ALA A 17 -35.65 -12.84 -25.38
C ALA A 17 -34.30 -12.22 -25.01
N VAL A 18 -33.70 -12.67 -23.91
CA VAL A 18 -32.41 -12.14 -23.50
C VAL A 18 -31.35 -12.46 -24.53
N VAL A 19 -31.34 -13.71 -25.02
CA VAL A 19 -30.37 -14.11 -26.03
C VAL A 19 -30.56 -13.30 -27.31
N ALA A 20 -31.81 -13.10 -27.73
CA ALA A 20 -32.07 -12.34 -28.94
C ALA A 20 -31.63 -10.90 -28.79
N HIS A 21 -31.89 -10.30 -27.63
CA HIS A 21 -31.45 -8.92 -27.39
C HIS A 21 -29.93 -8.81 -27.46
N ALA A 22 -29.22 -9.75 -26.81
CA ALA A 22 -27.76 -9.71 -26.85
C ALA A 22 -27.24 -9.90 -28.27
N TYR A 23 -27.84 -10.84 -29.02
CA TYR A 23 -27.40 -11.08 -30.39
C TYR A 23 -27.61 -9.86 -31.27
N TYR A 24 -28.77 -9.21 -31.14
CA TYR A 24 -29.03 -8.01 -31.93
C TYR A 24 -28.22 -6.81 -31.44
N LEU A 25 -27.62 -6.89 -30.26
CA LEU A 25 -26.70 -5.83 -29.85
C LEU A 25 -25.31 -6.04 -30.44
N LYS A 26 -24.82 -7.28 -30.44
CA LYS A 26 -23.52 -7.62 -31.00
C LYS A 26 -23.72 -8.78 -31.97
N HIS A 27 -23.65 -8.50 -33.27
CA HIS A 27 -23.98 -9.52 -34.28
C HIS A 27 -22.99 -10.68 -34.31
N GLN A 28 -21.83 -10.55 -33.68
CA GLN A 28 -20.81 -11.59 -33.75
C GLN A 28 -21.17 -12.72 -32.77
N PHE A 29 -20.24 -13.63 -32.53
CA PHE A 29 -20.45 -14.75 -31.62
C PHE A 29 -19.76 -14.55 -30.27
N TYR A 30 -18.57 -13.95 -30.27
CA TYR A 30 -17.85 -13.75 -29.01
C TYR A 30 -18.38 -12.56 -28.21
N PRO A 31 -18.50 -11.35 -28.78
CA PRO A 31 -18.92 -10.21 -27.95
C PRO A 31 -20.31 -10.37 -27.34
N THR A 32 -21.24 -11.04 -28.03
CA THR A 32 -22.56 -11.25 -27.43
C THR A 32 -22.45 -12.08 -26.15
N VAL A 33 -21.67 -13.16 -26.18
CA VAL A 33 -21.51 -14.00 -25.00
C VAL A 33 -20.76 -13.25 -23.91
N VAL A 34 -19.75 -12.47 -24.28
CA VAL A 34 -19.01 -11.73 -23.24
C VAL A 34 -19.90 -10.64 -22.64
N TYR A 35 -20.84 -10.10 -23.41
CA TYR A 35 -21.76 -9.12 -22.86
C TYR A 35 -22.78 -9.79 -21.94
N LEU A 36 -23.24 -10.99 -22.31
CA LEU A 36 -24.12 -11.75 -21.42
C LEU A 36 -23.42 -12.05 -20.10
N THR A 37 -22.16 -12.47 -20.17
CA THR A 37 -21.42 -12.80 -18.95
C THR A 37 -20.99 -11.56 -18.18
N LYS A 38 -20.95 -10.40 -18.83
CA LYS A 38 -20.61 -9.16 -18.14
C LYS A 38 -21.83 -8.47 -17.55
N SER A 39 -22.94 -8.44 -18.28
CA SER A 39 -24.17 -7.87 -17.75
C SER A 39 -24.75 -8.75 -16.65
N SER A 40 -25.23 -8.11 -15.60
CA SER A 40 -25.77 -8.84 -14.45
C SER A 40 -27.18 -9.37 -14.67
N PRO A 41 -28.14 -8.56 -15.13
CA PRO A 41 -29.51 -9.10 -15.27
C PRO A 41 -29.63 -10.24 -16.24
N SER A 42 -28.87 -10.23 -17.34
CA SER A 42 -28.92 -11.33 -18.29
C SER A 42 -28.41 -12.63 -17.65
N MET A 43 -27.32 -12.54 -16.90
CA MET A 43 -26.82 -13.72 -16.20
C MET A 43 -27.79 -14.18 -15.12
N ALA A 44 -28.50 -13.23 -14.49
CA ALA A 44 -29.52 -13.61 -13.51
C ALA A 44 -30.66 -14.37 -14.17
N VAL A 45 -31.08 -13.93 -15.35
CA VAL A 45 -32.12 -14.65 -16.08
C VAL A 45 -31.62 -16.03 -16.48
N LEU A 46 -30.35 -16.14 -16.88
CA LEU A 46 -29.78 -17.44 -17.20
C LEU A 46 -29.77 -18.36 -15.98
N TYR A 47 -29.43 -17.81 -14.81
CA TYR A 47 -29.47 -18.59 -13.58
C TYR A 47 -30.88 -19.05 -13.26
N ILE A 48 -31.87 -18.17 -13.45
CA ILE A 48 -33.27 -18.54 -13.21
C ILE A 48 -33.69 -19.67 -14.16
N GLN A 49 -33.28 -19.58 -15.43
CA GLN A 49 -33.58 -20.65 -16.37
C GLN A 49 -32.93 -21.96 -15.96
N ALA A 50 -31.69 -21.90 -15.46
CA ALA A 50 -31.02 -23.10 -14.98
C ALA A 50 -31.75 -23.70 -13.80
N PHE A 51 -32.20 -22.85 -12.86
CA PHE A 51 -32.94 -23.35 -11.71
C PHE A 51 -34.26 -23.98 -12.14
N VAL A 52 -34.94 -23.38 -13.12
CA VAL A 52 -36.20 -23.94 -13.60
C VAL A 52 -35.97 -25.28 -14.28
N LEU A 53 -34.88 -25.41 -15.04
CA LEU A 53 -34.56 -26.69 -15.65
C LEU A 53 -34.24 -27.74 -14.58
N VAL A 54 -33.54 -27.33 -13.53
CA VAL A 54 -33.27 -28.24 -12.41
C VAL A 54 -34.57 -28.68 -11.76
N PHE A 55 -35.50 -27.75 -11.58
CA PHE A 55 -36.81 -28.08 -11.00
C PHE A 55 -37.56 -29.06 -11.88
N LEU A 56 -37.53 -28.86 -13.20
CA LEU A 56 -38.19 -29.79 -14.10
C LEU A 56 -37.57 -31.17 -14.03
N LEU A 57 -36.24 -31.24 -13.98
CA LEU A 57 -35.58 -32.53 -13.86
C LEU A 57 -35.95 -33.19 -12.54
N GLY A 58 -36.03 -32.41 -11.47
CA GLY A 58 -36.44 -32.97 -10.19
C GLY A 58 -37.86 -33.50 -10.21
N LYS A 59 -38.77 -32.79 -10.89
CA LYS A 59 -40.13 -33.29 -11.03
C LYS A 59 -40.15 -34.60 -11.82
N VAL A 60 -39.37 -34.68 -12.90
CA VAL A 60 -39.32 -35.91 -13.68
C VAL A 60 -38.80 -37.06 -12.83
N MET A 61 -37.70 -36.82 -12.10
CA MET A 61 -37.12 -37.88 -11.28
C MET A 61 -38.08 -38.30 -10.17
N GLY A 62 -38.78 -37.34 -9.56
CA GLY A 62 -39.74 -37.68 -8.53
C GLY A 62 -40.91 -38.49 -9.06
N LYS A 63 -41.38 -38.14 -10.26
CA LYS A 63 -42.44 -38.94 -10.86
C LYS A 63 -41.96 -40.33 -11.22
N VAL A 64 -40.70 -40.47 -11.65
CA VAL A 64 -40.17 -41.79 -11.99
C VAL A 64 -40.00 -42.64 -10.75
N PHE A 65 -39.39 -42.09 -9.69
CA PHE A 65 -39.06 -42.88 -8.52
C PHE A 65 -40.25 -43.06 -7.58
N PHE A 66 -40.75 -41.97 -7.01
CA PHE A 66 -41.90 -42.06 -6.11
C PHE A 66 -43.20 -42.06 -6.90
N GLY A 67 -43.50 -40.94 -7.55
CA GLY A 67 -44.73 -40.77 -8.29
C GLY A 67 -45.76 -39.99 -7.50
N GLN A 68 -45.82 -38.68 -7.74
CA GLN A 68 -46.87 -37.82 -7.21
C GLN A 68 -47.01 -37.93 -5.69
N LEU A 69 -48.16 -38.47 -5.27
CA LEU A 69 -48.55 -38.79 -3.89
C LEU A 69 -48.90 -37.54 -3.08
N ARG A 70 -48.52 -36.36 -3.55
CA ARG A 70 -49.12 -35.07 -3.20
C ARG A 70 -49.67 -34.98 -1.78
N ALA A 71 -48.84 -35.17 -0.78
CA ALA A 71 -49.32 -35.28 0.60
C ALA A 71 -48.28 -34.62 1.52
N ALA A 72 -48.36 -34.96 2.81
CA ALA A 72 -47.43 -34.47 3.83
C ALA A 72 -45.98 -34.58 3.39
N GLU A 73 -45.72 -35.49 2.44
CA GLU A 73 -44.42 -35.52 1.77
C GLU A 73 -44.09 -34.16 1.18
N MET A 74 -45.04 -33.55 0.47
CA MET A 74 -44.80 -32.23 -0.12
C MET A 74 -44.63 -31.15 0.94
N GLU A 75 -45.43 -31.20 2.01
CA GLU A 75 -45.33 -30.21 3.06
C GLU A 75 -43.96 -30.28 3.75
N HIS A 76 -43.52 -31.51 4.06
CA HIS A 76 -42.20 -31.68 4.65
C HIS A 76 -41.11 -31.24 3.67
N LEU A 77 -41.29 -31.52 2.38
CA LEU A 77 -40.35 -31.05 1.38
C LEU A 77 -40.22 -29.53 1.45
N LEU A 78 -41.36 -28.82 1.49
CA LEU A 78 -41.32 -27.37 1.49
C LEU A 78 -40.66 -26.84 2.77
N GLU A 79 -41.04 -27.38 3.92
CA GLU A 79 -40.49 -26.89 5.19
C GLU A 79 -38.98 -27.13 5.26
N ARG A 80 -38.56 -28.37 5.02
CA ARG A 80 -37.13 -28.67 5.08
C ARG A 80 -36.37 -27.99 3.96
N SER A 81 -37.03 -27.67 2.85
CA SER A 81 -36.36 -26.93 1.77
C SER A 81 -36.09 -25.50 2.19
N TRP A 82 -37.08 -24.85 2.82
CA TRP A 82 -36.82 -23.50 3.34
C TRP A 82 -35.71 -23.53 4.38
N TYR A 83 -35.75 -24.49 5.30
CA TYR A 83 -34.70 -24.59 6.32
C TYR A 83 -33.34 -24.81 5.68
N ALA A 84 -33.27 -25.72 4.71
CA ALA A 84 -31.98 -26.03 4.08
C ALA A 84 -31.48 -24.86 3.25
N VAL A 85 -32.37 -24.12 2.59
CA VAL A 85 -31.94 -22.95 1.85
C VAL A 85 -31.34 -21.91 2.79
N THR A 86 -32.00 -21.67 3.93
CA THR A 86 -31.45 -20.74 4.90
C THR A 86 -30.09 -21.21 5.41
N GLU A 87 -29.99 -22.50 5.74
CA GLU A 87 -28.73 -23.03 6.27
C GLU A 87 -27.62 -22.93 5.24
N THR A 88 -27.96 -23.26 3.98
CA THR A 88 -26.96 -23.26 2.89
C THR A 88 -26.42 -21.85 2.67
N CYS A 89 -27.31 -20.86 2.55
CA CYS A 89 -26.87 -19.46 2.31
C CYS A 89 -26.04 -19.00 3.51
N LEU A 90 -26.45 -19.40 4.71
CA LEU A 90 -25.70 -19.03 5.93
C LEU A 90 -24.28 -19.60 5.82
N ALA A 91 -24.15 -20.88 5.48
CA ALA A 91 -22.83 -21.54 5.40
C ALA A 91 -22.00 -20.87 4.29
N PHE A 92 -22.67 -20.40 3.24
CA PHE A 92 -21.98 -19.73 2.11
C PHE A 92 -21.37 -18.42 2.61
N THR A 93 -22.17 -17.62 3.34
CA THR A 93 -21.62 -16.37 3.91
C THR A 93 -20.51 -16.73 4.90
N VAL A 94 -20.63 -17.89 5.54
CA VAL A 94 -19.63 -18.35 6.56
C VAL A 94 -18.23 -18.23 5.99
N PHE A 95 -18.09 -18.14 4.66
CA PHE A 95 -16.76 -18.03 4.08
C PHE A 95 -16.76 -16.91 3.06
N ARG A 96 -15.56 -16.40 2.77
CA ARG A 96 -15.40 -15.29 1.84
C ARG A 96 -15.68 -15.67 0.40
N ASP A 97 -15.83 -16.96 0.11
CA ASP A 97 -16.06 -17.39 -1.27
C ASP A 97 -17.48 -17.04 -1.72
N ASP A 98 -17.66 -15.80 -2.17
CA ASP A 98 -18.95 -15.35 -2.66
C ASP A 98 -19.08 -15.66 -4.15
N PHE A 99 -20.32 -15.54 -4.65
CA PHE A 99 -20.64 -15.86 -6.04
C PHE A 99 -20.22 -17.29 -6.35
N SER A 100 -19.18 -17.45 -7.16
CA SER A 100 -18.59 -18.75 -7.49
C SER A 100 -19.67 -19.71 -8.00
N PRO A 101 -20.13 -19.54 -9.24
CA PRO A 101 -21.28 -20.34 -9.72
C PRO A 101 -21.08 -21.84 -9.62
N ARG A 102 -19.84 -22.33 -9.67
CA ARG A 102 -19.61 -23.76 -9.49
C ARG A 102 -19.99 -24.21 -8.09
N PHE A 103 -19.61 -23.41 -7.07
CA PHE A 103 -20.03 -23.72 -5.71
C PHE A 103 -21.54 -23.60 -5.55
N VAL A 104 -22.16 -22.66 -6.25
CA VAL A 104 -23.62 -22.55 -6.23
C VAL A 104 -24.25 -23.81 -6.81
N ALA A 105 -23.68 -24.33 -7.90
CA ALA A 105 -24.18 -25.57 -8.48
C ALA A 105 -24.00 -26.74 -7.52
N LEU A 106 -22.86 -26.77 -6.82
CA LEU A 106 -22.64 -27.84 -5.84
C LEU A 106 -23.68 -27.77 -4.72
N PHE A 107 -23.95 -26.56 -4.21
CA PHE A 107 -24.97 -26.41 -3.18
C PHE A 107 -26.34 -26.80 -3.69
N THR A 108 -26.66 -26.44 -4.94
CA THR A 108 -27.95 -26.81 -5.51
C THR A 108 -28.08 -28.33 -5.64
N LEU A 109 -27.00 -29.00 -6.04
CA LEU A 109 -27.03 -30.45 -6.12
C LEU A 109 -27.20 -31.07 -4.73
N LEU A 110 -26.53 -30.49 -3.73
CA LEU A 110 -26.70 -30.98 -2.37
C LEU A 110 -28.15 -30.82 -1.91
N LEU A 111 -28.77 -29.68 -2.22
CA LEU A 111 -30.17 -29.48 -1.88
C LEU A 111 -31.08 -30.47 -2.61
N PHE A 112 -30.75 -30.74 -3.88
CA PHE A 112 -31.49 -31.73 -4.65
C PHE A 112 -31.46 -33.09 -3.96
N LEU A 113 -30.27 -33.55 -3.58
CA LEU A 113 -30.14 -34.84 -2.94
C LEU A 113 -30.80 -34.87 -1.57
N LYS A 114 -30.71 -33.76 -0.81
CA LYS A 114 -31.36 -33.72 0.50
C LYS A 114 -32.88 -33.78 0.37
N CYS A 115 -33.45 -33.07 -0.62
CA CYS A 115 -34.88 -33.14 -0.84
C CYS A 115 -35.30 -34.56 -1.23
N PHE A 116 -34.51 -35.21 -2.09
CA PHE A 116 -34.84 -36.58 -2.45
C PHE A 116 -34.72 -37.52 -1.26
N HIS A 117 -33.76 -37.28 -0.37
CA HIS A 117 -33.65 -38.09 0.84
C HIS A 117 -34.86 -37.92 1.73
N TRP A 118 -35.33 -36.68 1.89
CA TRP A 118 -36.52 -36.44 2.70
C TRP A 118 -37.74 -37.11 2.09
N LEU A 119 -37.87 -37.05 0.77
CA LEU A 119 -38.98 -37.75 0.11
C LEU A 119 -38.87 -39.25 0.29
N ALA A 120 -37.65 -39.80 0.27
CA ALA A 120 -37.46 -41.22 0.52
C ALA A 120 -37.88 -41.59 1.93
N GLU A 121 -37.54 -40.75 2.91
CA GLU A 121 -37.97 -41.01 4.29
C GLU A 121 -39.49 -41.00 4.39
N ASP A 122 -40.13 -40.03 3.75
CA ASP A 122 -41.59 -39.97 3.79
C ASP A 122 -42.22 -41.19 3.11
N ARG A 123 -41.65 -41.63 1.99
CA ARG A 123 -42.17 -42.83 1.34
C ARG A 123 -41.95 -44.06 2.20
N VAL A 124 -40.85 -44.13 2.94
CA VAL A 124 -40.64 -45.24 3.87
C VAL A 124 -41.69 -45.23 4.97
N ASP A 125 -41.98 -44.04 5.51
CA ASP A 125 -43.01 -43.95 6.55
C ASP A 125 -44.38 -44.35 6.01
N PHE A 126 -44.69 -43.96 4.78
CA PHE A 126 -45.93 -44.40 4.16
C PHE A 126 -45.94 -45.92 3.94
N MET A 127 -44.80 -46.47 3.51
CA MET A 127 -44.71 -47.90 3.24
C MET A 127 -44.86 -48.73 4.51
N GLU A 128 -44.42 -48.20 5.65
CA GLU A 128 -44.47 -48.98 6.88
C GLU A 128 -45.88 -49.34 7.31
N ARG A 129 -46.88 -48.56 6.91
CA ARG A 129 -48.25 -48.77 7.41
C ARG A 129 -49.08 -49.65 6.47
N SER A 130 -49.33 -49.17 5.25
CA SER A 130 -50.20 -49.90 4.33
C SER A 130 -50.05 -49.38 2.90
N PRO A 131 -48.97 -49.71 2.20
CA PRO A 131 -48.79 -49.19 0.84
C PRO A 131 -49.38 -50.10 -0.22
N ASN A 132 -49.22 -49.73 -1.49
CA ASN A 132 -49.60 -50.60 -2.60
C ASN A 132 -48.41 -51.50 -2.91
N ILE A 133 -48.29 -52.56 -2.12
CA ILE A 133 -47.13 -53.45 -2.20
C ILE A 133 -47.17 -54.22 -3.51
N SER A 134 -46.06 -54.18 -4.25
CA SER A 134 -45.95 -54.88 -5.52
C SER A 134 -44.47 -54.93 -5.90
N TRP A 135 -44.19 -55.55 -7.05
CA TRP A 135 -42.82 -55.63 -7.54
C TRP A 135 -42.26 -54.25 -7.86
N LEU A 136 -43.09 -53.39 -8.47
CA LEU A 136 -42.60 -52.07 -8.89
C LEU A 136 -42.20 -51.22 -7.69
N PHE A 137 -42.93 -51.35 -6.57
CA PHE A 137 -42.56 -50.59 -5.37
C PHE A 137 -41.18 -51.00 -4.87
N HIS A 138 -40.93 -52.30 -4.79
CA HIS A 138 -39.61 -52.77 -4.36
C HIS A 138 -38.53 -52.31 -5.34
N CYS A 139 -38.82 -52.39 -6.64
CA CYS A 139 -37.83 -51.96 -7.63
C CYS A 139 -37.50 -50.48 -7.47
N ARG A 140 -38.52 -49.64 -7.30
CA ARG A 140 -38.29 -48.21 -7.11
C ARG A 140 -37.46 -47.96 -5.85
N ILE A 141 -37.81 -48.63 -4.76
CA ILE A 141 -37.11 -48.39 -3.49
C ILE A 141 -35.65 -48.80 -3.61
N VAL A 142 -35.39 -49.99 -4.15
CA VAL A 142 -34.01 -50.47 -4.23
C VAL A 142 -33.20 -49.63 -5.21
N SER A 143 -33.82 -49.21 -6.32
CA SER A 143 -33.10 -48.40 -7.29
C SER A 143 -32.73 -47.04 -6.68
N LEU A 144 -33.67 -46.40 -6.00
CA LEU A 144 -33.37 -45.13 -5.36
C LEU A 144 -32.31 -45.29 -4.28
N MET A 145 -32.40 -46.37 -3.48
CA MET A 145 -31.42 -46.61 -2.44
C MET A 145 -30.03 -46.75 -3.02
N PHE A 146 -29.89 -47.58 -4.06
CA PHE A 146 -28.57 -47.80 -4.66
C PHE A 146 -28.03 -46.51 -5.29
N LEU A 147 -28.90 -45.76 -5.97
CA LEU A 147 -28.46 -44.52 -6.59
C LEU A 147 -27.95 -43.52 -5.55
N LEU A 148 -28.76 -43.31 -4.50
CA LEU A 148 -28.37 -42.37 -3.45
C LEU A 148 -27.09 -42.82 -2.75
N GLY A 149 -26.97 -44.12 -2.47
CA GLY A 149 -25.78 -44.61 -1.81
C GLY A 149 -24.53 -44.43 -2.64
N ILE A 150 -24.61 -44.76 -3.94
CA ILE A 150 -23.46 -44.63 -4.81
C ILE A 150 -23.04 -43.16 -4.94
N LEU A 151 -24.03 -42.28 -5.16
CA LEU A 151 -23.70 -40.86 -5.30
C LEU A 151 -23.11 -40.30 -4.01
N ASP A 152 -23.69 -40.66 -2.86
CA ASP A 152 -23.17 -40.17 -1.60
C ASP A 152 -21.76 -40.66 -1.35
N PHE A 153 -21.49 -41.94 -1.62
CA PHE A 153 -20.15 -42.47 -1.43
C PHE A 153 -19.15 -41.77 -2.34
N LEU A 154 -19.50 -41.57 -3.61
CA LEU A 154 -18.58 -40.90 -4.52
C LEU A 154 -18.29 -39.48 -4.07
N PHE A 155 -19.34 -38.74 -3.66
CA PHE A 155 -19.14 -37.35 -3.28
C PHE A 155 -18.36 -37.23 -1.98
N VAL A 156 -18.62 -38.12 -1.02
CA VAL A 156 -17.87 -38.06 0.23
C VAL A 156 -16.41 -38.46 0.00
N SER A 157 -16.15 -39.40 -0.91
CA SER A 157 -14.78 -39.73 -1.25
C SER A 157 -14.07 -38.54 -1.90
N HIS A 158 -14.76 -37.85 -2.80
CA HIS A 158 -14.18 -36.66 -3.43
C HIS A 158 -13.90 -35.58 -2.38
N ALA A 159 -14.84 -35.40 -1.44
CA ALA A 159 -14.64 -34.41 -0.38
C ALA A 159 -13.45 -34.78 0.50
N TYR A 160 -13.31 -36.06 0.83
CA TYR A 160 -12.17 -36.51 1.63
C TYR A 160 -10.86 -36.25 0.89
N HIS A 161 -10.83 -36.55 -0.41
CA HIS A 161 -9.62 -36.28 -1.20
C HIS A 161 -9.32 -34.79 -1.23
N SER A 162 -10.35 -33.96 -1.39
CA SER A 162 -10.14 -32.51 -1.43
C SER A 162 -9.60 -31.97 -0.12
N ILE A 163 -10.16 -32.43 1.00
CA ILE A 163 -9.71 -31.91 2.30
C ILE A 163 -8.32 -32.45 2.63
N LEU A 164 -7.99 -33.67 2.18
CA LEU A 164 -6.64 -34.18 2.39
C LEU A 164 -5.63 -33.41 1.55
N THR A 165 -5.99 -33.06 0.32
CA THR A 165 -5.06 -32.35 -0.55
C THR A 165 -5.04 -30.85 -0.24
N ARG A 166 -6.19 -30.18 -0.37
CA ARG A 166 -6.24 -28.74 -0.16
C ARG A 166 -6.32 -28.41 1.33
N GLY A 167 -7.39 -28.84 1.99
CA GLY A 167 -7.59 -28.53 3.39
C GLY A 167 -9.05 -28.40 3.76
N ALA A 168 -9.32 -28.06 5.02
CA ALA A 168 -10.69 -27.93 5.52
C ALA A 168 -11.08 -26.45 5.49
N SER A 169 -11.49 -25.98 4.31
CA SER A 169 -11.94 -24.60 4.14
C SER A 169 -13.42 -24.53 3.84
N VAL A 170 -13.87 -25.17 2.75
CA VAL A 170 -15.29 -25.22 2.42
C VAL A 170 -15.77 -26.63 2.10
N GLN A 171 -14.89 -27.57 1.77
CA GLN A 171 -15.33 -28.90 1.37
C GLN A 171 -15.80 -29.71 2.57
N LEU A 172 -15.37 -29.36 3.78
CA LEU A 172 -15.76 -30.10 4.97
C LEU A 172 -17.26 -30.01 5.22
N VAL A 173 -17.88 -28.88 4.85
CA VAL A 173 -19.33 -28.75 4.99
C VAL A 173 -20.03 -29.79 4.12
N PHE A 174 -19.60 -29.92 2.86
CA PHE A 174 -20.15 -30.94 1.98
C PHE A 174 -19.91 -32.33 2.56
N GLY A 175 -18.71 -32.58 3.08
CA GLY A 175 -18.41 -33.89 3.63
C GLY A 175 -19.34 -34.26 4.77
N PHE A 176 -19.54 -33.33 5.71
CA PHE A 176 -20.41 -33.61 6.85
C PHE A 176 -21.87 -33.75 6.42
N GLU A 177 -22.34 -32.89 5.51
CA GLU A 177 -23.72 -32.99 5.07
C GLU A 177 -23.97 -34.32 4.36
N TYR A 178 -23.03 -34.76 3.51
CA TYR A 178 -23.21 -36.02 2.83
C TYR A 178 -23.01 -37.20 3.77
N ALA A 179 -22.23 -37.03 4.84
CA ALA A 179 -22.18 -38.07 5.88
C ALA A 179 -23.54 -38.22 6.57
N ILE A 180 -24.18 -37.10 6.87
CA ILE A 180 -25.53 -37.16 7.44
C ILE A 180 -26.49 -37.82 6.47
N LEU A 181 -26.36 -37.50 5.17
CA LEU A 181 -27.21 -38.14 4.17
C LEU A 181 -26.94 -39.63 4.09
N MET A 182 -25.67 -40.04 4.24
CA MET A 182 -25.35 -41.46 4.28
C MET A 182 -26.00 -42.15 5.46
N THR A 183 -26.00 -41.49 6.62
CA THR A 183 -26.71 -42.05 7.78
C THR A 183 -28.20 -42.17 7.49
N MET A 184 -28.77 -41.17 6.82
CA MET A 184 -30.18 -41.23 6.44
C MET A 184 -30.44 -42.42 5.52
N VAL A 185 -29.55 -42.64 4.55
CA VAL A 185 -29.73 -43.75 3.62
C VAL A 185 -29.59 -45.09 4.36
N LEU A 186 -28.71 -45.15 5.35
CA LEU A 186 -28.59 -46.37 6.15
C LEU A 186 -29.89 -46.63 6.92
N THR A 187 -30.46 -45.58 7.52
CA THR A 187 -31.73 -45.73 8.22
C THR A 187 -32.83 -46.19 7.26
N ILE A 188 -32.85 -45.62 6.05
CA ILE A 188 -33.86 -46.00 5.06
C ILE A 188 -33.71 -47.46 4.68
N PHE A 189 -32.47 -47.91 4.45
CA PHE A 189 -32.25 -49.31 4.09
C PHE A 189 -32.68 -50.23 5.21
N ILE A 190 -32.34 -49.88 6.46
CA ILE A 190 -32.71 -50.72 7.59
C ILE A 190 -34.23 -50.80 7.72
N LYS A 191 -34.91 -49.66 7.62
CA LYS A 191 -36.36 -49.66 7.73
C LYS A 191 -37.01 -50.46 6.60
N TYR A 192 -36.48 -50.32 5.38
CA TYR A 192 -37.05 -51.05 4.25
C TYR A 192 -36.87 -52.56 4.41
N VAL A 193 -35.68 -53.00 4.81
CA VAL A 193 -35.47 -54.44 4.97
C VAL A 193 -36.30 -54.98 6.12
N LEU A 194 -36.45 -54.19 7.19
CA LEU A 194 -37.29 -54.62 8.31
C LEU A 194 -38.75 -54.76 7.88
N HIS A 195 -39.26 -53.80 7.12
CA HIS A 195 -40.64 -53.90 6.63
C HIS A 195 -40.80 -55.07 5.66
N SER A 196 -39.79 -55.31 4.83
CA SER A 196 -39.86 -56.45 3.91
C SER A 196 -39.90 -57.77 4.67
N VAL A 197 -39.09 -57.90 5.72
CA VAL A 197 -39.10 -59.11 6.54
C VAL A 197 -40.45 -59.26 7.24
N ASP A 198 -40.99 -58.14 7.73
CA ASP A 198 -42.30 -58.19 8.39
C ASP A 198 -43.39 -58.64 7.43
N LEU A 199 -43.35 -58.15 6.19
CA LEU A 199 -44.40 -58.47 5.22
C LEU A 199 -44.26 -59.90 4.70
N GLN A 200 -43.03 -60.34 4.43
CA GLN A 200 -42.85 -61.67 3.84
C GLN A 200 -43.09 -62.78 4.84
N SER A 201 -43.11 -62.49 6.14
CA SER A 201 -43.28 -63.49 7.18
C SER A 201 -44.73 -63.71 7.56
N GLU A 202 -45.68 -63.03 6.91
CA GLU A 202 -47.10 -63.18 7.17
C GLU A 202 -47.45 -62.78 8.60
N ASN A 203 -46.96 -63.55 9.58
CA ASN A 203 -47.21 -63.22 10.98
C ASN A 203 -46.52 -61.91 11.33
N PRO A 204 -47.05 -61.18 12.33
CA PRO A 204 -46.47 -59.87 12.66
C PRO A 204 -45.00 -59.92 13.04
N TRP A 205 -44.55 -60.99 13.69
CA TRP A 205 -43.15 -61.15 14.08
C TRP A 205 -42.65 -59.94 14.86
N ASP A 206 -43.36 -59.65 15.95
CA ASP A 206 -43.09 -58.45 16.74
C ASP A 206 -41.73 -58.50 17.42
N ASN A 207 -41.19 -59.71 17.65
CA ASN A 207 -39.90 -59.83 18.34
C ASN A 207 -38.77 -59.11 17.61
N LYS A 208 -38.93 -58.86 16.31
CA LYS A 208 -37.95 -58.09 15.56
C LYS A 208 -38.28 -56.60 15.47
N ALA A 209 -39.56 -56.23 15.60
CA ALA A 209 -39.93 -54.83 15.50
C ALA A 209 -39.24 -54.00 16.59
N VAL A 210 -39.23 -54.51 17.82
CA VAL A 210 -38.50 -53.84 18.89
C VAL A 210 -37.03 -53.70 18.51
N TYR A 211 -36.45 -54.76 17.94
CA TYR A 211 -35.06 -54.68 17.48
C TYR A 211 -34.91 -53.57 16.45
N MET A 212 -35.89 -53.43 15.56
CA MET A 212 -35.87 -52.35 14.59
C MET A 212 -35.81 -51.00 15.30
N LEU A 213 -36.63 -50.83 16.33
CA LEU A 213 -36.59 -49.59 17.10
C LEU A 213 -35.20 -49.39 17.70
N TYR A 214 -34.60 -50.46 18.22
CA TYR A 214 -33.24 -50.39 18.73
C TYR A 214 -32.31 -49.86 17.66
N THR A 215 -32.38 -50.45 16.47
CA THR A 215 -31.52 -50.00 15.38
C THR A 215 -31.73 -48.52 15.12
N GLU A 216 -33.00 -48.09 15.09
CA GLU A 216 -33.30 -46.69 14.85
C GLU A 216 -32.59 -45.81 15.85
N LEU A 217 -32.73 -46.12 17.14
CA LEU A 217 -32.11 -45.27 18.16
C LEU A 217 -30.61 -45.28 18.00
N PHE A 218 -30.04 -46.44 17.68
CA PHE A 218 -28.59 -46.51 17.49
C PHE A 218 -28.17 -45.58 16.37
N THR A 219 -28.90 -45.61 15.26
CA THR A 219 -28.58 -44.74 14.14
C THR A 219 -28.69 -43.29 14.56
N GLY A 220 -29.72 -42.96 15.34
CA GLY A 220 -29.85 -41.60 15.83
C GLY A 220 -28.63 -41.18 16.63
N PHE A 221 -28.15 -42.07 17.50
CA PHE A 221 -26.93 -41.80 18.24
C PHE A 221 -25.78 -41.51 17.29
N ILE A 222 -25.62 -42.35 16.27
CA ILE A 222 -24.56 -42.12 15.28
C ILE A 222 -24.70 -40.73 14.70
N LYS A 223 -25.92 -40.37 14.31
CA LYS A 223 -26.15 -39.07 13.68
C LYS A 223 -25.71 -37.96 14.60
N VAL A 224 -26.15 -38.02 15.87
CA VAL A 224 -25.83 -36.91 16.76
C VAL A 224 -24.34 -36.87 17.01
N LEU A 225 -23.69 -38.03 17.06
CA LEU A 225 -22.23 -38.05 17.22
C LEU A 225 -21.59 -37.31 16.06
N LEU A 226 -21.99 -37.63 14.83
CA LEU A 226 -21.44 -36.93 13.68
C LEU A 226 -21.65 -35.43 13.82
N TYR A 227 -22.85 -35.03 14.22
CA TYR A 227 -23.15 -33.61 14.30
C TYR A 227 -22.25 -32.93 15.32
N MET A 228 -22.06 -33.57 16.48
CA MET A 228 -21.22 -32.92 17.49
C MET A 228 -19.78 -32.86 17.02
N ALA A 229 -19.33 -33.88 16.29
CA ALA A 229 -18.00 -33.81 15.71
C ALA A 229 -17.89 -32.64 14.76
N PHE A 230 -18.93 -32.45 13.94
CA PHE A 230 -18.98 -31.29 13.05
C PHE A 230 -18.80 -30.01 13.86
N MET A 231 -19.57 -29.89 14.93
CA MET A 231 -19.48 -28.68 15.76
C MET A 231 -18.05 -28.49 16.24
N THR A 232 -17.42 -29.57 16.70
CA THR A 232 -16.05 -29.49 17.19
C THR A 232 -15.14 -28.93 16.11
N ILE A 233 -15.19 -29.52 14.92
CA ILE A 233 -14.25 -29.06 13.89
C ILE A 233 -14.60 -27.64 13.48
N MET A 234 -15.88 -27.27 13.56
CA MET A 234 -16.28 -25.95 13.11
C MET A 234 -15.88 -24.88 14.11
N ILE A 235 -15.64 -25.27 15.37
CA ILE A 235 -15.05 -24.33 16.31
C ILE A 235 -13.53 -24.44 16.30
N LYS A 236 -12.98 -25.53 15.75
CA LYS A 236 -11.54 -25.64 15.64
C LYS A 236 -10.99 -24.80 14.49
N VAL A 237 -11.74 -24.71 13.40
CA VAL A 237 -11.24 -24.02 12.21
C VAL A 237 -11.51 -22.51 12.30
N HIS A 238 -12.78 -22.13 12.37
CA HIS A 238 -13.15 -20.72 12.38
C HIS A 238 -13.77 -20.35 13.73
N THR A 239 -14.27 -19.12 13.82
CA THR A 239 -14.68 -18.56 15.12
C THR A 239 -15.87 -19.31 15.70
N PHE A 240 -17.02 -19.28 15.02
CA PHE A 240 -18.23 -19.81 15.61
C PHE A 240 -19.26 -20.22 14.56
N PRO A 241 -19.71 -21.47 14.57
CA PRO A 241 -20.73 -21.90 13.60
C PRO A 241 -22.04 -21.17 13.80
N LEU A 242 -22.73 -20.91 12.69
CA LEU A 242 -24.01 -20.23 12.74
C LEU A 242 -25.06 -20.95 11.90
N PHE A 243 -24.62 -21.67 10.87
CA PHE A 243 -25.54 -22.26 9.91
C PHE A 243 -26.22 -23.52 10.44
N ALA A 244 -25.50 -24.34 11.20
CA ALA A 244 -26.00 -25.66 11.59
C ALA A 244 -26.48 -25.73 13.03
N ILE A 245 -26.55 -24.59 13.73
CA ILE A 245 -26.94 -24.63 15.14
C ILE A 245 -28.37 -25.14 15.29
N ARG A 246 -29.29 -24.66 14.46
CA ARG A 246 -30.67 -25.14 14.52
C ARG A 246 -30.79 -26.61 14.16
N PRO A 247 -30.15 -27.12 13.08
CA PRO A 247 -30.15 -28.57 12.88
C PRO A 247 -29.52 -29.34 14.03
N MET A 248 -28.49 -28.77 14.67
CA MET A 248 -27.91 -29.42 15.84
C MET A 248 -28.95 -29.55 16.95
N TYR A 249 -29.71 -28.48 17.19
CA TYR A 249 -30.75 -28.52 18.22
C TYR A 249 -31.83 -29.53 17.85
N LEU A 250 -32.20 -29.59 16.57
CA LEU A 250 -33.22 -30.54 16.13
C LEU A 250 -32.76 -31.97 16.34
N ALA A 251 -31.50 -32.27 15.97
CA ALA A 251 -30.96 -33.61 16.15
C ALA A 251 -30.87 -33.96 17.64
N MET A 252 -30.43 -33.01 18.46
CA MET A 252 -30.36 -33.25 19.90
C MET A 252 -31.74 -33.54 20.48
N ARG A 253 -32.75 -32.76 20.07
CA ARG A 253 -34.11 -32.98 20.57
C ARG A 253 -34.65 -34.34 20.12
N GLN A 254 -34.41 -34.71 18.86
CA GLN A 254 -34.87 -36.01 18.38
C GLN A 254 -34.20 -37.14 19.15
N PHE A 255 -32.89 -37.05 19.36
CA PHE A 255 -32.18 -38.09 20.09
C PHE A 255 -32.63 -38.16 21.54
N LYS A 256 -32.88 -37.01 22.16
CA LYS A 256 -33.38 -36.99 23.54
C LYS A 256 -34.74 -37.65 23.64
N LYS A 257 -35.64 -37.34 22.70
CA LYS A 257 -36.95 -37.99 22.71
C LYS A 257 -36.82 -39.49 22.50
N ALA A 258 -35.94 -39.90 21.58
CA ALA A 258 -35.76 -41.33 21.33
C ALA A 258 -35.22 -42.05 22.54
N VAL A 259 -34.21 -41.48 23.21
CA VAL A 259 -33.62 -42.14 24.36
C VAL A 259 -34.59 -42.18 25.54
N THR A 260 -35.37 -41.11 25.72
CA THR A 260 -36.38 -41.13 26.76
C THR A 260 -37.44 -42.19 26.48
N ASP A 261 -37.86 -42.33 25.22
CA ASP A 261 -38.82 -43.37 24.86
C ASP A 261 -38.25 -44.75 25.10
N ALA A 262 -36.96 -44.94 24.78
CA ALA A 262 -36.33 -46.23 25.02
C ALA A 262 -36.22 -46.54 26.50
N ILE A 263 -35.90 -45.54 27.33
CA ILE A 263 -35.76 -45.75 28.76
C ILE A 263 -37.10 -46.07 29.39
N MET A 264 -38.14 -45.30 29.04
CA MET A 264 -39.46 -45.53 29.63
C MET A 264 -40.06 -46.86 29.19
N SER A 265 -39.64 -47.37 28.03
CA SER A 265 -40.14 -48.65 27.54
C SER A 265 -39.46 -49.81 28.24
N MET B 1 -41.20 -23.59 36.61
CA MET B 1 -40.04 -22.83 36.16
C MET B 1 -38.78 -23.30 36.88
N PHE B 2 -38.79 -24.55 37.32
CA PHE B 2 -37.62 -25.11 38.01
C PHE B 2 -36.41 -25.17 37.09
N ARG B 3 -36.61 -25.59 35.83
CA ARG B 3 -35.50 -25.68 34.90
C ARG B 3 -34.89 -24.32 34.61
N THR B 4 -35.74 -23.28 34.49
CA THR B 4 -35.22 -21.93 34.26
C THR B 4 -34.39 -21.45 35.43
N ALA B 5 -34.86 -21.70 36.66
CA ALA B 5 -34.10 -21.32 37.85
C ALA B 5 -32.77 -22.06 37.91
N VAL B 6 -32.78 -23.36 37.58
CA VAL B 6 -31.53 -24.12 37.58
C VAL B 6 -30.56 -23.57 36.54
N MET B 7 -31.07 -23.25 35.35
CA MET B 7 -30.20 -22.72 34.30
C MET B 7 -29.61 -21.37 34.69
N MET B 8 -30.43 -20.48 35.26
CA MET B 8 -29.92 -19.17 35.64
C MET B 8 -28.92 -19.28 36.79
N ALA B 9 -29.17 -20.20 37.73
CA ALA B 9 -28.20 -20.41 38.81
C ALA B 9 -26.88 -20.95 38.26
N ALA B 10 -26.94 -21.88 37.31
CA ALA B 10 -25.72 -22.40 36.71
C ALA B 10 -24.95 -21.31 35.96
N SER B 11 -25.66 -20.47 35.21
CA SER B 11 -25.00 -19.39 34.50
C SER B 11 -24.38 -18.39 35.47
N LEU B 12 -25.09 -18.07 36.55
CA LEU B 12 -24.55 -17.15 37.55
C LEU B 12 -23.31 -17.73 38.21
N ALA B 13 -23.32 -19.03 38.51
CA ALA B 13 -22.14 -19.67 39.08
C ALA B 13 -20.98 -19.62 38.10
N LEU B 14 -21.24 -19.86 36.82
CA LEU B 14 -20.16 -19.83 35.83
C LEU B 14 -19.57 -18.43 35.70
N THR B 15 -20.42 -17.40 35.66
CA THR B 15 -19.88 -16.05 35.54
C THR B 15 -19.15 -15.63 36.81
N GLY B 16 -19.61 -16.09 37.99
CA GLY B 16 -18.88 -15.82 39.20
C GLY B 16 -17.52 -16.49 39.21
N ALA B 17 -17.45 -17.72 38.70
CA ALA B 17 -16.16 -18.40 38.59
C ALA B 17 -15.22 -17.65 37.63
N VAL B 18 -15.75 -17.17 36.51
CA VAL B 18 -14.93 -16.42 35.56
C VAL B 18 -14.40 -15.14 36.20
N VAL B 19 -15.28 -14.42 36.90
CA VAL B 19 -14.86 -13.19 37.57
C VAL B 19 -13.80 -13.47 38.62
N ALA B 20 -14.00 -14.54 39.40
CA ALA B 20 -13.03 -14.88 40.45
C ALA B 20 -11.68 -15.26 39.84
N HIS B 21 -11.69 -16.02 38.74
CA HIS B 21 -10.44 -16.38 38.08
C HIS B 21 -9.72 -15.14 37.58
N ALA B 22 -10.44 -14.22 36.94
CA ALA B 22 -9.81 -13.00 36.46
C ALA B 22 -9.26 -12.16 37.60
N TYR B 23 -10.02 -12.04 38.70
CA TYR B 23 -9.55 -11.26 39.83
C TYR B 23 -8.30 -11.85 40.45
N TYR B 24 -8.27 -13.18 40.61
CA TYR B 24 -7.08 -13.82 41.16
C TYR B 24 -5.92 -13.84 40.17
N LEU B 25 -6.16 -13.55 38.89
CA LEU B 25 -5.04 -13.39 37.97
C LEU B 25 -4.44 -11.98 38.06
N LYS B 26 -5.29 -10.97 38.16
CA LYS B 26 -4.86 -9.58 38.28
C LYS B 26 -5.57 -8.96 39.47
N HIS B 27 -4.84 -8.77 40.58
CA HIS B 27 -5.46 -8.32 41.82
C HIS B 27 -6.04 -6.92 41.75
N GLN B 28 -5.68 -6.12 40.74
CA GLN B 28 -6.12 -4.74 40.66
C GLN B 28 -7.56 -4.70 40.14
N PHE B 29 -8.03 -3.51 39.78
CA PHE B 29 -9.39 -3.33 39.27
C PHE B 29 -9.42 -3.14 37.76
N TYR B 30 -8.44 -2.43 37.20
CA TYR B 30 -8.42 -2.19 35.76
C TYR B 30 -7.92 -3.39 34.96
N PRO B 31 -6.75 -3.98 35.26
CA PRO B 31 -6.26 -5.08 34.41
C PRO B 31 -7.16 -6.30 34.39
N THR B 32 -7.87 -6.59 35.48
CA THR B 32 -8.79 -7.73 35.45
C THR B 32 -9.90 -7.50 34.43
N VAL B 33 -10.48 -6.30 34.42
CA VAL B 33 -11.55 -5.99 33.47
C VAL B 33 -11.00 -5.98 32.04
N VAL B 34 -9.79 -5.42 31.85
CA VAL B 34 -9.25 -5.40 30.49
C VAL B 34 -8.90 -6.80 30.02
N TYR B 35 -8.55 -7.70 30.94
CA TYR B 35 -8.30 -9.08 30.56
C TYR B 35 -9.60 -9.80 30.23
N LEU B 36 -10.67 -9.52 30.98
CA LEU B 36 -11.97 -10.07 30.65
C LEU B 36 -12.42 -9.62 29.26
N THR B 37 -12.24 -8.33 28.97
CA THR B 37 -12.65 -7.80 27.66
C THR B 37 -11.70 -8.23 26.55
N LYS B 38 -10.48 -8.63 26.88
CA LYS B 38 -9.55 -9.10 25.86
C LYS B 38 -9.67 -10.59 25.61
N SER B 39 -9.84 -11.38 26.67
CA SER B 39 -10.04 -12.81 26.50
C SER B 39 -11.40 -13.11 25.89
N SER B 40 -11.44 -14.05 24.96
CA SER B 40 -12.67 -14.38 24.26
C SER B 40 -13.61 -15.27 25.08
N PRO B 41 -13.15 -16.38 25.68
CA PRO B 41 -14.11 -17.25 26.39
C PRO B 41 -14.79 -16.57 27.58
N SER B 42 -14.08 -15.70 28.30
CA SER B 42 -14.69 -14.99 29.41
C SER B 42 -15.80 -14.06 28.94
N MET B 43 -15.56 -13.34 27.84
CA MET B 43 -16.60 -12.48 27.28
C MET B 43 -17.74 -13.31 26.73
N ALA B 44 -17.47 -14.50 26.21
CA ALA B 44 -18.55 -15.38 25.76
C ALA B 44 -19.42 -15.82 26.93
N VAL B 45 -18.79 -16.14 28.06
CA VAL B 45 -19.57 -16.51 29.25
C VAL B 45 -20.39 -15.32 29.73
N LEU B 46 -19.81 -14.11 29.67
CA LEU B 46 -20.56 -12.93 30.04
C LEU B 46 -21.77 -12.72 29.12
N TYR B 47 -21.58 -12.96 27.81
CA TYR B 47 -22.69 -12.86 26.87
C TYR B 47 -23.77 -13.90 27.18
N ILE B 48 -23.36 -15.12 27.52
CA ILE B 48 -24.32 -16.16 27.88
C ILE B 48 -25.11 -15.76 29.12
N GLN B 49 -24.42 -15.19 30.11
CA GLN B 49 -25.10 -14.71 31.31
C GLN B 49 -26.09 -13.60 30.98
N ALA B 50 -25.71 -12.69 30.09
CA ALA B 50 -26.62 -11.63 29.67
C ALA B 50 -27.85 -12.21 28.97
N PHE B 51 -27.65 -13.20 28.10
CA PHE B 51 -28.78 -13.83 27.42
C PHE B 51 -29.69 -14.54 28.41
N VAL B 52 -29.11 -15.19 29.42
CA VAL B 52 -29.92 -15.88 30.42
C VAL B 52 -30.72 -14.88 31.24
N LEU B 53 -30.11 -13.73 31.58
CA LEU B 53 -30.85 -12.70 32.29
C LEU B 53 -31.98 -12.14 31.43
N VAL B 54 -31.73 -11.97 30.13
CA VAL B 54 -32.78 -11.53 29.21
C VAL B 54 -33.90 -12.55 29.19
N PHE B 55 -33.57 -13.84 29.15
CA PHE B 55 -34.58 -14.88 29.15
C PHE B 55 -35.40 -14.86 30.43
N LEU B 56 -34.74 -14.65 31.58
CA LEU B 56 -35.47 -14.55 32.84
C LEU B 56 -36.42 -13.36 32.85
N LEU B 57 -35.94 -12.22 32.34
CA LEU B 57 -36.81 -11.04 32.27
C LEU B 57 -37.99 -11.30 31.34
N GLY B 58 -37.75 -12.00 30.22
CA GLY B 58 -38.83 -12.34 29.33
C GLY B 58 -39.85 -13.26 29.98
N LYS B 59 -39.39 -14.23 30.75
CA LYS B 59 -40.30 -15.10 31.48
C LYS B 59 -41.13 -14.31 32.48
N VAL B 60 -40.50 -13.38 33.20
CA VAL B 60 -41.23 -12.56 34.16
C VAL B 60 -42.30 -11.73 33.45
N MET B 61 -41.91 -11.09 32.34
CA MET B 61 -42.86 -10.25 31.61
C MET B 61 -43.99 -11.08 31.03
N GLY B 62 -43.69 -12.27 30.52
CA GLY B 62 -44.74 -13.13 29.99
C GLY B 62 -45.70 -13.60 31.06
N LYS B 63 -45.18 -13.92 32.25
CA LYS B 63 -46.06 -14.29 33.35
C LYS B 63 -46.91 -13.11 33.80
N VAL B 64 -46.36 -11.89 33.77
CA VAL B 64 -47.12 -10.73 34.17
C VAL B 64 -48.23 -10.43 33.16
N PHE B 65 -47.89 -10.41 31.87
CA PHE B 65 -48.85 -9.98 30.85
C PHE B 65 -49.81 -11.10 30.46
N PHE B 66 -49.29 -12.19 29.89
CA PHE B 66 -50.16 -13.29 29.50
C PHE B 66 -50.41 -14.23 30.67
N GLY B 67 -49.36 -14.89 31.14
CA GLY B 67 -49.44 -15.86 32.21
C GLY B 67 -49.48 -17.28 31.69
N GLN B 68 -48.32 -17.93 31.65
CA GLN B 68 -48.21 -19.35 31.35
C GLN B 68 -48.90 -19.74 30.05
N LEU B 69 -49.97 -20.53 30.18
CA LEU B 69 -50.88 -21.00 29.14
C LEU B 69 -50.28 -22.08 28.26
N ARG B 70 -48.94 -22.24 28.30
CA ARG B 70 -48.23 -23.46 27.92
C ARG B 70 -48.88 -24.28 26.81
N ALA B 71 -49.06 -23.68 25.63
CA ALA B 71 -49.84 -24.33 24.57
C ALA B 71 -49.19 -23.97 23.24
N ALA B 72 -49.97 -24.16 22.15
CA ALA B 72 -49.54 -23.84 20.80
C ALA B 72 -48.89 -22.46 20.72
N GLU B 73 -49.21 -21.59 21.67
CA GLU B 73 -48.48 -20.34 21.82
C GLU B 73 -46.98 -20.60 21.95
N MET B 74 -46.60 -21.56 22.80
CA MET B 74 -45.18 -21.88 22.98
C MET B 74 -44.58 -22.50 21.72
N GLU B 75 -45.33 -23.38 21.05
CA GLU B 75 -44.83 -24.01 19.83
C GLU B 75 -44.59 -22.97 18.74
N HIS B 76 -45.54 -22.06 18.55
CA HIS B 76 -45.36 -20.98 17.60
C HIS B 76 -44.20 -20.08 18.00
N LEU B 77 -44.06 -19.82 19.31
CA LEU B 77 -42.91 -19.04 19.78
C LEU B 77 -41.61 -19.70 19.35
N LEU B 78 -41.49 -21.01 19.57
CA LEU B 78 -40.25 -21.70 19.23
C LEU B 78 -39.98 -21.68 17.73
N GLU B 79 -41.02 -21.97 16.93
CA GLU B 79 -40.84 -22.02 15.49
C GLU B 79 -40.44 -20.65 14.93
N ARG B 80 -41.23 -19.63 15.26
CA ARG B 80 -40.92 -18.29 14.76
C ARG B 80 -39.64 -17.75 15.37
N SER B 81 -39.24 -18.23 16.55
CA SER B 81 -37.98 -17.80 17.13
C SER B 81 -36.80 -18.38 16.35
N TRP B 82 -36.88 -19.66 15.98
CA TRP B 82 -35.84 -20.22 15.13
C TRP B 82 -35.77 -19.49 13.79
N TYR B 83 -36.93 -19.25 13.18
CA TYR B 83 -36.94 -18.53 11.91
C TYR B 83 -36.35 -17.14 12.04
N ALA B 84 -36.74 -16.42 13.10
CA ALA B 84 -36.26 -15.06 13.28
C ALA B 84 -34.78 -15.02 13.61
N VAL B 85 -34.28 -16.00 14.36
CA VAL B 85 -32.85 -16.06 14.64
C VAL B 85 -32.07 -16.27 13.35
N THR B 86 -32.55 -17.19 12.50
CA THR B 86 -31.87 -17.40 11.22
C THR B 86 -31.91 -16.14 10.36
N GLU B 87 -33.07 -15.47 10.30
CA GLU B 87 -33.19 -14.26 9.49
C GLU B 87 -32.29 -13.15 10.01
N THR B 88 -32.24 -13.03 11.34
CA THR B 88 -31.44 -11.95 11.98
C THR B 88 -29.95 -12.15 11.70
N CYS B 89 -29.46 -13.38 11.88
CA CYS B 89 -28.02 -13.67 11.62
C CYS B 89 -27.72 -13.44 10.13
N LEU B 90 -28.67 -13.82 9.27
CA LEU B 90 -28.50 -13.61 7.81
C LEU B 90 -28.37 -12.11 7.55
N ALA B 91 -29.25 -11.31 8.15
CA ALA B 91 -29.23 -9.84 7.94
C ALA B 91 -27.92 -9.26 8.47
N PHE B 92 -27.39 -9.86 9.56
CA PHE B 92 -26.11 -9.40 10.13
C PHE B 92 -24.99 -9.66 9.14
N THR B 93 -24.94 -10.87 8.58
CA THR B 93 -23.91 -11.17 7.54
C THR B 93 -24.11 -10.20 6.38
N VAL B 94 -25.37 -9.84 6.10
CA VAL B 94 -25.70 -8.93 4.96
C VAL B 94 -24.78 -7.71 4.98
N PHE B 95 -24.20 -7.38 6.13
CA PHE B 95 -23.36 -6.19 6.17
C PHE B 95 -22.04 -6.53 6.85
N ARG B 96 -21.03 -5.70 6.58
CA ARG B 96 -19.70 -5.93 7.14
C ARG B 96 -19.62 -5.66 8.62
N ASP B 97 -20.66 -5.09 9.23
CA ASP B 97 -20.64 -4.77 10.65
C ASP B 97 -20.75 -6.05 11.48
N ASP B 98 -19.62 -6.71 11.70
CA ASP B 98 -19.58 -7.93 12.51
C ASP B 98 -19.38 -7.57 13.97
N PHE B 99 -19.59 -8.55 14.84
CA PHE B 99 -19.50 -8.38 16.29
C PHE B 99 -20.43 -7.26 16.73
N SER B 100 -19.84 -6.12 17.14
CA SER B 100 -20.59 -4.92 17.51
C SER B 100 -21.65 -5.24 18.55
N PRO B 101 -21.25 -5.44 19.81
CA PRO B 101 -22.22 -5.92 20.82
C PRO B 101 -23.44 -5.02 20.98
N ARG B 102 -23.33 -3.72 20.70
CA ARG B 102 -24.51 -2.87 20.75
C ARG B 102 -25.53 -3.26 19.70
N PHE B 103 -25.08 -3.55 18.48
CA PHE B 103 -25.99 -4.04 17.45
C PHE B 103 -26.56 -5.41 17.81
N VAL B 104 -25.77 -6.26 18.48
CA VAL B 104 -26.28 -7.53 18.95
C VAL B 104 -27.39 -7.32 19.97
N ALA B 105 -27.21 -6.35 20.88
CA ALA B 105 -28.25 -6.03 21.84
C ALA B 105 -29.50 -5.51 21.15
N LEU B 106 -29.32 -4.67 20.13
CA LEU B 106 -30.47 -4.18 19.38
C LEU B 106 -31.23 -5.32 18.71
N PHE B 107 -30.50 -6.26 18.09
CA PHE B 107 -31.15 -7.41 17.47
C PHE B 107 -31.86 -8.27 18.51
N THR B 108 -31.24 -8.45 19.68
CA THR B 108 -31.87 -9.22 20.75
C THR B 108 -33.15 -8.55 21.22
N LEU B 109 -33.14 -7.23 21.36
CA LEU B 109 -34.35 -6.52 21.75
C LEU B 109 -35.44 -6.65 20.68
N LEU B 110 -35.04 -6.59 19.40
CA LEU B 110 -36.00 -6.79 18.33
C LEU B 110 -36.61 -8.18 18.39
N LEU B 111 -35.80 -9.19 18.65
CA LEU B 111 -36.32 -10.55 18.80
C LEU B 111 -37.25 -10.67 19.99
N PHE B 112 -36.90 -9.99 21.10
CA PHE B 112 -37.76 -9.95 22.27
C PHE B 112 -39.14 -9.40 21.92
N LEU B 113 -39.17 -8.26 21.24
CA LEU B 113 -40.44 -7.64 20.90
C LEU B 113 -41.22 -8.48 19.89
N LYS B 114 -40.52 -9.11 18.93
CA LYS B 114 -41.20 -9.96 17.97
C LYS B 114 -41.83 -11.18 18.64
N CYS B 115 -41.11 -11.80 19.57
CA CYS B 115 -41.67 -12.92 20.31
C CYS B 115 -42.89 -12.50 21.12
N PHE B 116 -42.83 -11.32 21.76
CA PHE B 116 -43.98 -10.86 22.50
C PHE B 116 -45.15 -10.54 21.56
N HIS B 117 -44.87 -10.02 20.37
CA HIS B 117 -45.94 -9.79 19.39
C HIS B 117 -46.61 -11.10 18.97
N TRP B 118 -45.81 -12.14 18.74
CA TRP B 118 -46.38 -13.43 18.36
C TRP B 118 -47.23 -13.99 19.50
N LEU B 119 -46.76 -13.86 20.74
CA LEU B 119 -47.55 -14.30 21.87
C LEU B 119 -48.84 -13.49 22.00
N ALA B 120 -48.79 -12.19 21.70
CA ALA B 120 -50.00 -11.39 21.71
C ALA B 120 -50.99 -11.86 20.65
N GLU B 121 -50.50 -12.19 19.46
CA GLU B 121 -51.37 -12.72 18.42
C GLU B 121 -52.02 -14.03 18.85
N ASP B 122 -51.24 -14.92 19.46
CA ASP B 122 -51.79 -16.17 19.94
C ASP B 122 -52.83 -15.96 21.03
N ARG B 123 -52.58 -15.02 21.94
CA ARG B 123 -53.57 -14.73 22.98
C ARG B 123 -54.82 -14.11 22.38
N VAL B 124 -54.69 -13.32 21.32
CA VAL B 124 -55.87 -12.78 20.65
C VAL B 124 -56.68 -13.92 20.02
N ASP B 125 -55.99 -14.87 19.37
CA ASP B 125 -56.70 -15.99 18.77
C ASP B 125 -57.40 -16.83 19.83
N PHE B 126 -56.76 -17.02 20.98
CA PHE B 126 -57.42 -17.72 22.09
C PHE B 126 -58.61 -16.93 22.61
N MET B 127 -58.48 -15.60 22.71
CA MET B 127 -59.54 -14.76 23.23
C MET B 127 -60.75 -14.75 22.30
N GLU B 128 -60.54 -14.89 21.01
CA GLU B 128 -61.65 -14.79 20.06
C GLU B 128 -62.67 -15.90 20.26
N ARG B 129 -62.28 -17.05 20.81
CA ARG B 129 -63.18 -18.20 20.89
C ARG B 129 -63.93 -18.26 22.22
N SER B 130 -63.19 -18.45 23.31
CA SER B 130 -63.83 -18.62 24.62
C SER B 130 -62.83 -18.45 25.75
N PRO B 131 -62.41 -17.23 26.07
CA PRO B 131 -61.42 -17.05 27.14
C PRO B 131 -62.06 -16.87 28.50
N ASN B 132 -61.23 -16.65 29.52
CA ASN B 132 -61.72 -16.30 30.87
C ASN B 132 -61.89 -14.79 30.92
N ILE B 133 -63.02 -14.33 30.37
CA ILE B 133 -63.26 -12.90 30.23
C ILE B 133 -63.46 -12.27 31.60
N SER B 134 -62.71 -11.20 31.87
CA SER B 134 -62.80 -10.49 33.13
C SER B 134 -62.11 -9.14 32.96
N TRP B 135 -62.11 -8.36 34.05
CA TRP B 135 -61.45 -7.05 34.02
C TRP B 135 -59.95 -7.19 33.83
N LEU B 136 -59.34 -8.19 34.47
CA LEU B 136 -57.89 -8.34 34.40
C LEU B 136 -57.44 -8.68 33.00
N PHE B 137 -58.23 -9.46 32.27
CA PHE B 137 -57.88 -9.79 30.88
C PHE B 137 -57.83 -8.53 30.02
N HIS B 138 -58.87 -7.69 30.13
CA HIS B 138 -58.88 -6.44 29.39
C HIS B 138 -57.71 -5.56 29.78
N CYS B 139 -57.41 -5.48 31.09
CA CYS B 139 -56.31 -4.66 31.55
C CYS B 139 -54.99 -5.13 30.97
N ARG B 140 -54.75 -6.45 31.00
CA ARG B 140 -53.52 -7.00 30.44
C ARG B 140 -53.42 -6.69 28.94
N ILE B 141 -54.51 -6.89 28.22
CA ILE B 141 -54.49 -6.69 26.76
C ILE B 141 -54.19 -5.23 26.44
N VAL B 142 -54.89 -4.30 27.09
CA VAL B 142 -54.71 -2.89 26.77
C VAL B 142 -53.33 -2.41 27.20
N SER B 143 -52.83 -2.90 28.35
CA SER B 143 -51.50 -2.50 28.80
C SER B 143 -50.43 -2.97 27.82
N LEU B 144 -50.52 -4.24 27.40
CA LEU B 144 -49.55 -4.75 26.43
C LEU B 144 -49.64 -4.00 25.11
N MET B 145 -50.87 -3.73 24.66
CA MET B 145 -51.05 -3.00 23.40
C MET B 145 -50.40 -1.63 23.48
N PHE B 146 -50.67 -0.88 24.54
CA PHE B 146 -50.10 0.46 24.66
C PHE B 146 -48.58 0.41 24.77
N LEU B 147 -48.05 -0.55 25.53
CA LEU B 147 -46.60 -0.65 25.68
C LEU B 147 -45.94 -0.95 24.35
N LEU B 148 -46.45 -1.95 23.63
CA LEU B 148 -45.87 -2.30 22.34
C LEU B 148 -45.99 -1.16 21.34
N GLY B 149 -47.13 -0.48 21.32
CA GLY B 149 -47.30 0.63 20.39
C GLY B 149 -46.34 1.78 20.68
N ILE B 150 -46.20 2.14 21.95
CA ILE B 150 -45.31 3.23 22.32
C ILE B 150 -43.87 2.88 21.97
N LEU B 151 -43.43 1.67 22.33
CA LEU B 151 -42.06 1.26 22.03
C LEU B 151 -41.80 1.20 20.54
N ASP B 152 -42.75 0.66 19.78
CA ASP B 152 -42.58 0.58 18.33
C ASP B 152 -42.51 1.96 17.71
N PHE B 153 -43.38 2.88 18.14
CA PHE B 153 -43.36 4.23 17.60
C PHE B 153 -42.03 4.92 17.92
N LEU B 154 -41.56 4.80 19.16
CA LEU B 154 -40.30 5.44 19.52
C LEU B 154 -39.15 4.87 18.71
N PHE B 155 -39.09 3.55 18.55
CA PHE B 155 -37.97 2.94 17.83
C PHE B 155 -38.02 3.26 16.34
N VAL B 156 -39.22 3.28 15.76
CA VAL B 156 -39.30 3.62 14.33
C VAL B 156 -38.97 5.09 14.12
N SER B 157 -39.33 5.96 15.05
CA SER B 157 -38.93 7.36 14.94
C SER B 157 -37.41 7.50 15.03
N HIS B 158 -36.78 6.77 15.95
CA HIS B 158 -35.33 6.81 16.05
C HIS B 158 -34.67 6.28 14.78
N ALA B 159 -35.24 5.21 14.21
CA ALA B 159 -34.70 4.66 12.97
C ALA B 159 -34.85 5.66 11.82
N TYR B 160 -35.98 6.34 11.75
CA TYR B 160 -36.19 7.35 10.72
C TYR B 160 -35.17 8.48 10.86
N HIS B 161 -34.95 8.93 12.09
CA HIS B 161 -33.96 9.98 12.33
C HIS B 161 -32.56 9.51 11.93
N SER B 162 -32.22 8.26 12.26
CA SER B 162 -30.90 7.73 11.93
C SER B 162 -30.70 7.64 10.42
N ILE B 163 -31.71 7.15 9.69
CA ILE B 163 -31.56 7.01 8.25
C ILE B 163 -31.57 8.37 7.57
N LEU B 164 -32.29 9.35 8.12
CA LEU B 164 -32.25 10.69 7.55
C LEU B 164 -30.90 11.34 7.79
N THR B 165 -30.31 11.13 8.96
CA THR B 165 -29.02 11.74 9.28
C THR B 165 -27.87 10.95 8.67
N ARG B 166 -27.73 9.68 9.05
CA ARG B 166 -26.60 8.88 8.57
C ARG B 166 -26.88 8.32 7.18
N GLY B 167 -27.92 7.50 7.05
CA GLY B 167 -28.24 6.88 5.77
C GLY B 167 -28.86 5.51 5.93
N ALA B 168 -29.13 4.84 4.81
CA ALA B 168 -29.74 3.52 4.82
C ALA B 168 -28.65 2.47 4.66
N SER B 169 -28.00 2.14 5.78
CA SER B 169 -26.96 1.12 5.80
C SER B 169 -27.38 -0.11 6.59
N VAL B 170 -27.72 0.06 7.87
CA VAL B 170 -28.23 -1.03 8.68
C VAL B 170 -29.49 -0.68 9.45
N GLN B 171 -29.81 0.61 9.65
CA GLN B 171 -30.97 0.97 10.44
C GLN B 171 -32.27 0.72 9.70
N LEU B 172 -32.22 0.65 8.36
CA LEU B 172 -33.43 0.44 7.58
C LEU B 172 -34.04 -0.92 7.87
N VAL B 173 -33.22 -1.93 8.18
CA VAL B 173 -33.75 -3.24 8.54
C VAL B 173 -34.60 -3.13 9.80
N PHE B 174 -34.08 -2.43 10.81
CA PHE B 174 -34.86 -2.20 12.03
C PHE B 174 -36.13 -1.43 11.72
N GLY B 175 -36.04 -0.41 10.88
CA GLY B 175 -37.22 0.38 10.54
C GLY B 175 -38.31 -0.47 9.91
N PHE B 176 -37.95 -1.30 8.94
CA PHE B 176 -38.95 -2.13 8.27
C PHE B 176 -39.50 -3.21 9.20
N GLU B 177 -38.64 -3.83 10.01
CA GLU B 177 -39.13 -4.85 10.93
C GLU B 177 -40.10 -4.25 11.94
N TYR B 178 -39.77 -3.07 12.48
CA TYR B 178 -40.67 -2.44 13.44
C TYR B 178 -41.92 -1.88 12.76
N ALA B 179 -41.85 -1.56 11.47
CA ALA B 179 -43.06 -1.22 10.74
C ALA B 179 -43.98 -2.42 10.62
N ILE B 180 -43.42 -3.60 10.33
CA ILE B 180 -44.21 -4.82 10.30
C ILE B 180 -44.82 -5.09 11.68
N LEU B 181 -44.03 -4.87 12.73
CA LEU B 181 -44.55 -5.05 14.08
C LEU B 181 -45.67 -4.06 14.39
N MET B 182 -45.56 -2.84 13.87
CA MET B 182 -46.63 -1.86 14.04
C MET B 182 -47.90 -2.32 13.34
N THR B 183 -47.76 -2.89 12.13
CA THR B 183 -48.93 -3.46 11.46
C THR B 183 -49.52 -4.60 12.28
N MET B 184 -48.68 -5.44 12.88
CA MET B 184 -49.16 -6.51 13.73
C MET B 184 -49.94 -5.94 14.93
N VAL B 185 -49.43 -4.87 15.53
CA VAL B 185 -50.10 -4.28 16.67
C VAL B 185 -51.43 -3.66 16.25
N LEU B 186 -51.49 -3.09 15.03
CA LEU B 186 -52.75 -2.57 14.53
C LEU B 186 -53.77 -3.68 14.34
N THR B 187 -53.33 -4.82 13.78
CA THR B 187 -54.23 -5.96 13.63
C THR B 187 -54.71 -6.46 14.99
N ILE B 188 -53.81 -6.50 15.97
CA ILE B 188 -54.19 -6.95 17.31
C ILE B 188 -55.22 -6.02 17.92
N PHE B 189 -55.01 -4.72 17.79
CA PHE B 189 -55.97 -3.76 18.33
C PHE B 189 -57.32 -3.90 17.65
N ILE B 190 -57.34 -4.05 16.33
CA ILE B 190 -58.60 -4.19 15.61
C ILE B 190 -59.33 -5.45 16.05
N LYS B 191 -58.61 -6.57 16.15
CA LYS B 191 -59.23 -7.82 16.56
C LYS B 191 -59.77 -7.72 17.98
N TYR B 192 -59.01 -7.09 18.88
CA TYR B 192 -59.45 -6.97 20.26
C TYR B 192 -60.70 -6.10 20.38
N VAL B 193 -60.73 -4.96 19.68
CA VAL B 193 -61.91 -4.11 19.78
C VAL B 193 -63.12 -4.79 19.13
N LEU B 194 -62.90 -5.53 18.04
CA LEU B 194 -64.00 -6.26 17.42
C LEU B 194 -64.55 -7.33 18.36
N HIS B 195 -63.68 -8.08 19.03
CA HIS B 195 -64.15 -9.08 19.98
C HIS B 195 -64.86 -8.44 21.16
N SER B 196 -64.35 -7.29 21.63
CA SER B 196 -65.01 -6.58 22.72
C SER B 196 -66.40 -6.13 22.32
N VAL B 197 -66.56 -5.59 21.10
CA VAL B 197 -67.88 -5.19 20.63
C VAL B 197 -68.79 -6.40 20.50
N ASP B 198 -68.26 -7.52 20.01
CA ASP B 198 -69.06 -8.74 19.88
C ASP B 198 -69.53 -9.23 21.24
N LEU B 199 -68.66 -9.18 22.25
CA LEU B 199 -69.02 -9.68 23.57
C LEU B 199 -69.98 -8.75 24.31
N GLN B 200 -69.76 -7.43 24.21
CA GLN B 200 -70.59 -6.50 24.95
C GLN B 200 -71.99 -6.38 24.38
N SER B 201 -72.20 -6.81 23.14
CA SER B 201 -73.49 -6.67 22.48
C SER B 201 -74.40 -7.87 22.68
N GLU B 202 -73.98 -8.86 23.47
CA GLU B 202 -74.77 -10.06 23.77
C GLU B 202 -75.10 -10.85 22.50
N ASN B 203 -75.88 -10.25 21.60
CA ASN B 203 -76.20 -10.92 20.35
C ASN B 203 -74.96 -11.07 19.50
N PRO B 204 -74.90 -12.09 18.62
CA PRO B 204 -73.69 -12.32 17.84
C PRO B 204 -73.27 -11.14 16.98
N TRP B 205 -74.22 -10.37 16.45
CA TRP B 205 -73.92 -9.19 15.64
C TRP B 205 -72.97 -9.54 14.49
N ASP B 206 -73.41 -10.52 13.70
CA ASP B 206 -72.57 -11.04 12.62
C ASP B 206 -72.31 -10.01 11.52
N ASN B 207 -73.18 -9.01 11.38
CA ASN B 207 -73.00 -8.02 10.33
C ASN B 207 -71.68 -7.27 10.44
N LYS B 208 -71.07 -7.25 11.62
CA LYS B 208 -69.76 -6.64 11.80
C LYS B 208 -68.62 -7.64 11.68
N ALA B 209 -68.87 -8.93 11.93
CA ALA B 209 -67.79 -9.91 11.85
C ALA B 209 -67.20 -9.98 10.45
N VAL B 210 -68.07 -9.96 9.42
CA VAL B 210 -67.59 -9.91 8.06
C VAL B 210 -66.75 -8.67 7.83
N TYR B 211 -67.19 -7.53 8.39
CA TYR B 211 -66.40 -6.31 8.29
C TYR B 211 -65.04 -6.51 8.94
N MET B 212 -65.01 -7.22 10.07
CA MET B 212 -63.73 -7.53 10.71
C MET B 212 -62.83 -8.29 9.76
N LEU B 213 -63.39 -9.29 9.08
CA LEU B 213 -62.60 -10.03 8.09
C LEU B 213 -62.07 -9.09 7.02
N TYR B 214 -62.93 -8.17 6.55
CA TYR B 214 -62.49 -7.17 5.59
C TYR B 214 -61.29 -6.41 6.12
N THR B 215 -61.39 -5.92 7.35
CA THR B 215 -60.27 -5.19 7.94
C THR B 215 -59.03 -6.06 7.95
N GLU B 216 -59.17 -7.32 8.33
CA GLU B 216 -58.04 -8.22 8.36
C GLU B 216 -57.35 -8.27 7.00
N LEU B 217 -58.14 -8.51 5.95
CA LEU B 217 -57.52 -8.63 4.63
C LEU B 217 -56.86 -7.32 4.23
N PHE B 218 -57.50 -6.20 4.56
CA PHE B 218 -56.91 -4.90 4.24
C PHE B 218 -55.55 -4.76 4.92
N THR B 219 -55.48 -5.13 6.20
CA THR B 219 -54.22 -5.06 6.91
C THR B 219 -53.19 -5.95 6.26
N GLY B 220 -53.61 -7.16 5.84
CA GLY B 220 -52.68 -8.04 5.15
C GLY B 220 -52.12 -7.39 3.90
N PHE B 221 -52.99 -6.73 3.13
CA PHE B 221 -52.53 -5.99 1.97
C PHE B 221 -51.48 -4.98 2.36
N ILE B 222 -51.76 -4.20 3.42
CA ILE B 222 -50.80 -3.21 3.88
C ILE B 222 -49.47 -3.89 4.17
N LYS B 223 -49.52 -5.01 4.88
CA LYS B 223 -48.30 -5.71 5.25
C LYS B 223 -47.51 -6.10 4.02
N VAL B 224 -48.18 -6.71 3.04
CA VAL B 224 -47.44 -7.18 1.88
C VAL B 224 -46.88 -5.99 1.12
N LEU B 225 -47.62 -4.88 1.08
CA LEU B 225 -47.10 -3.69 0.43
C LEU B 225 -45.81 -3.25 1.09
N LEU B 226 -45.80 -3.18 2.42
CA LEU B 226 -44.58 -2.81 3.12
C LEU B 226 -43.46 -3.76 2.75
N TYR B 227 -43.75 -5.06 2.73
CA TYR B 227 -42.70 -6.02 2.46
C TYR B 227 -42.13 -5.82 1.06
N MET B 228 -43.00 -5.59 0.07
CA MET B 228 -42.48 -5.42 -1.27
C MET B 228 -41.66 -4.15 -1.37
N ALA B 229 -42.08 -3.09 -0.66
CA ALA B 229 -41.28 -1.88 -0.61
C ALA B 229 -39.92 -2.18 -0.03
N PHE B 230 -39.88 -2.98 1.04
CA PHE B 230 -38.61 -3.40 1.62
C PHE B 230 -37.75 -4.05 0.55
N MET B 231 -38.34 -4.99 -0.19
CA MET B 231 -37.58 -5.68 -1.22
C MET B 231 -37.01 -4.68 -2.21
N THR B 232 -37.83 -3.71 -2.62
CA THR B 232 -37.37 -2.71 -3.58
C THR B 232 -36.15 -1.98 -3.03
N ILE B 233 -36.24 -1.48 -1.80
CA ILE B 233 -35.12 -0.70 -1.30
C ILE B 233 -33.92 -1.61 -1.11
N MET B 234 -34.15 -2.88 -0.80
CA MET B 234 -33.03 -3.79 -0.53
C MET B 234 -32.34 -4.18 -1.82
N ILE B 235 -33.02 -4.07 -2.95
CA ILE B 235 -32.32 -4.23 -4.23
C ILE B 235 -31.79 -2.89 -4.74
N LYS B 236 -32.28 -1.78 -4.19
CA LYS B 236 -31.76 -0.47 -4.58
C LYS B 236 -30.42 -0.19 -3.91
N VAL B 237 -30.26 -0.63 -2.67
CA VAL B 237 -29.04 -0.31 -1.91
C VAL B 237 -27.93 -1.29 -2.22
N HIS B 238 -28.14 -2.57 -1.93
CA HIS B 238 -27.11 -3.59 -2.09
C HIS B 238 -27.53 -4.57 -3.19
N THR B 239 -26.72 -5.62 -3.36
CA THR B 239 -26.88 -6.52 -4.50
C THR B 239 -28.20 -7.28 -4.45
N PHE B 240 -28.40 -8.11 -3.43
CA PHE B 240 -29.56 -9.00 -3.43
C PHE B 240 -29.93 -9.43 -2.02
N PRO B 241 -31.18 -9.21 -1.60
CA PRO B 241 -31.61 -9.64 -0.26
C PRO B 241 -31.61 -11.15 -0.13
N LEU B 242 -31.27 -11.62 1.07
CA LEU B 242 -31.22 -13.05 1.33
C LEU B 242 -31.97 -13.39 2.63
N PHE B 243 -32.02 -12.44 3.56
CA PHE B 243 -32.55 -12.73 4.88
C PHE B 243 -34.07 -12.79 4.91
N ALA B 244 -34.75 -11.94 4.14
CA ALA B 244 -36.20 -11.78 4.24
C ALA B 244 -36.97 -12.46 3.12
N ILE B 245 -36.29 -13.23 2.26
CA ILE B 245 -36.97 -13.85 1.13
C ILE B 245 -38.03 -14.82 1.61
N ARG B 246 -37.71 -15.67 2.58
CA ARG B 246 -38.69 -16.61 3.12
C ARG B 246 -39.85 -15.90 3.81
N PRO B 247 -39.64 -14.89 4.67
CA PRO B 247 -40.79 -14.12 5.16
C PRO B 247 -41.58 -13.45 4.05
N MET B 248 -40.92 -13.00 2.99
CA MET B 248 -41.65 -12.44 1.85
C MET B 248 -42.57 -13.49 1.24
N TYR B 249 -42.07 -14.71 1.05
CA TYR B 249 -42.89 -15.78 0.50
C TYR B 249 -44.05 -16.12 1.44
N LEU B 250 -43.77 -16.13 2.75
CA LEU B 250 -44.84 -16.42 3.72
C LEU B 250 -45.94 -15.37 3.66
N ALA B 251 -45.54 -14.09 3.61
CA ALA B 251 -46.53 -13.01 3.54
C ALA B 251 -47.31 -13.07 2.24
N MET B 252 -46.63 -13.35 1.12
CA MET B 252 -47.32 -13.48 -0.15
C MET B 252 -48.32 -14.62 -0.13
N ARG B 253 -47.93 -15.77 0.43
CA ARG B 253 -48.84 -16.90 0.51
C ARG B 253 -50.04 -16.59 1.39
N GLN B 254 -49.81 -15.95 2.54
CA GLN B 254 -50.92 -15.58 3.42
C GLN B 254 -51.87 -14.62 2.72
N PHE B 255 -51.34 -13.61 2.05
CA PHE B 255 -52.19 -12.65 1.35
C PHE B 255 -52.95 -13.30 0.21
N LYS B 256 -52.30 -14.23 -0.51
CA LYS B 256 -52.97 -14.93 -1.59
C LYS B 256 -54.12 -15.77 -1.06
N LYS B 257 -53.90 -16.49 0.05
CA LYS B 257 -54.97 -17.27 0.64
C LYS B 257 -56.11 -16.37 1.11
N ALA B 258 -55.77 -15.24 1.72
CA ALA B 258 -56.81 -14.32 2.19
C ALA B 258 -57.63 -13.77 1.04
N VAL B 259 -56.97 -13.35 -0.04
CA VAL B 259 -57.70 -12.76 -1.16
C VAL B 259 -58.53 -13.81 -1.87
N THR B 260 -58.03 -15.04 -1.98
CA THR B 260 -58.83 -16.11 -2.58
C THR B 260 -60.06 -16.41 -1.72
N ASP B 261 -59.88 -16.43 -0.39
CA ASP B 261 -61.03 -16.64 0.49
C ASP B 261 -62.04 -15.53 0.37
N ALA B 262 -61.57 -14.28 0.24
CA ALA B 262 -62.48 -13.16 0.08
C ALA B 262 -63.22 -13.23 -1.25
N ILE B 263 -62.54 -13.63 -2.31
CA ILE B 263 -63.17 -13.71 -3.63
C ILE B 263 -64.21 -14.83 -3.66
N MET B 264 -63.86 -16.01 -3.13
CA MET B 264 -64.79 -17.12 -3.16
C MET B 264 -66.01 -16.88 -2.26
N SER B 265 -65.85 -16.03 -1.25
CA SER B 265 -66.96 -15.71 -0.35
C SER B 265 -67.91 -14.70 -0.98
N GLU C 115 -17.38 66.05 -43.73
CA GLU C 115 -18.09 65.60 -44.91
C GLU C 115 -17.31 64.52 -45.65
N GLY C 116 -15.99 64.48 -45.41
CA GLY C 116 -15.16 63.48 -46.05
C GLY C 116 -15.04 63.73 -47.54
N THR C 117 -14.96 62.62 -48.30
CA THR C 117 -14.82 62.67 -49.75
C THR C 117 -16.14 62.29 -50.39
N ALA C 118 -16.55 63.07 -51.39
CA ALA C 118 -17.85 62.91 -52.05
C ALA C 118 -17.67 62.15 -53.35
N HIS C 119 -17.72 60.82 -53.27
CA HIS C 119 -17.65 59.95 -54.43
C HIS C 119 -19.05 59.56 -54.86
N GLY C 120 -19.31 59.66 -56.16
CA GLY C 120 -20.64 59.36 -56.68
C GLY C 120 -21.67 60.45 -56.45
N GLU C 121 -21.29 61.71 -56.57
CA GLU C 121 -22.15 62.84 -56.33
C GLU C 121 -22.03 63.81 -57.51
N PRO C 122 -23.02 64.73 -57.70
CA PRO C 122 -22.96 65.73 -58.78
C PRO C 122 -21.80 66.71 -58.56
N CYS C 123 -21.36 67.40 -59.62
CA CYS C 123 -20.19 68.31 -59.52
C CYS C 123 -20.08 69.14 -60.80
N HIS C 124 -21.19 69.28 -61.54
CA HIS C 124 -21.15 70.01 -62.83
C HIS C 124 -20.58 71.42 -62.63
N PHE C 125 -20.91 72.07 -61.51
CA PHE C 125 -20.42 73.44 -61.24
C PHE C 125 -18.89 73.44 -61.25
N PRO C 126 -18.25 74.49 -61.82
CA PRO C 126 -16.79 74.58 -61.88
C PRO C 126 -16.18 74.60 -60.48
N PHE C 127 -15.02 73.97 -60.30
CA PHE C 127 -14.38 73.90 -58.95
C PHE C 127 -12.96 74.45 -59.02
N LEU C 128 -12.46 75.01 -57.92
CA LEU C 128 -11.11 75.53 -57.88
C LEU C 128 -10.13 74.41 -57.56
N PHE C 129 -9.08 74.29 -58.37
CA PHE C 129 -8.07 73.26 -58.17
C PHE C 129 -6.72 73.83 -58.59
N LEU C 130 -5.79 73.89 -57.63
CA LEU C 130 -4.47 74.47 -57.87
C LEU C 130 -4.58 75.90 -58.39
N ASP C 131 -5.49 76.67 -57.79
CA ASP C 131 -5.74 78.07 -58.18
C ASP C 131 -6.11 78.18 -59.66
N LYS C 132 -6.93 77.24 -60.13
CA LYS C 132 -7.38 77.25 -61.53
C LYS C 132 -8.75 76.60 -61.59
N GLU C 133 -9.74 77.33 -62.10
CA GLU C 133 -11.09 76.81 -62.21
C GLU C 133 -11.24 75.95 -63.45
N TYR C 134 -12.02 74.87 -63.33
CA TYR C 134 -12.31 73.97 -64.43
C TYR C 134 -13.82 73.87 -64.62
N ASP C 135 -14.29 74.05 -65.85
CA ASP C 135 -15.71 74.00 -66.16
C ASP C 135 -16.19 72.61 -66.55
N GLU C 136 -15.29 71.64 -66.71
CA GLU C 136 -15.65 70.29 -67.09
C GLU C 136 -14.81 69.31 -66.28
N CYS C 137 -15.02 68.02 -66.54
CA CYS C 137 -14.25 66.98 -65.87
C CYS C 137 -12.80 67.03 -66.34
N THR C 138 -11.87 67.06 -65.38
CA THR C 138 -10.45 67.15 -65.68
C THR C 138 -9.69 66.06 -64.94
N SER C 139 -8.54 65.69 -65.49
CA SER C 139 -7.68 64.66 -64.92
C SER C 139 -6.39 65.23 -64.33
N ASP C 140 -6.35 66.54 -64.11
CA ASP C 140 -5.16 67.17 -63.54
C ASP C 140 -4.94 66.73 -62.10
N GLY C 141 -3.68 66.58 -61.72
CA GLY C 141 -3.31 66.15 -60.38
C GLY C 141 -3.24 64.66 -60.18
N ARG C 142 -3.62 63.86 -61.17
CA ARG C 142 -3.59 62.41 -61.08
C ARG C 142 -2.77 61.83 -62.22
N GLU C 143 -2.07 60.74 -61.93
CA GLU C 143 -1.24 60.07 -62.92
C GLU C 143 -2.01 59.06 -63.77
N ASP C 144 -3.11 58.51 -63.24
CA ASP C 144 -3.88 57.53 -63.99
C ASP C 144 -4.73 58.16 -65.08
N GLY C 145 -4.91 59.48 -65.06
CA GLY C 145 -5.67 60.17 -66.09
C GLY C 145 -7.17 60.09 -65.95
N ARG C 146 -7.68 59.58 -64.82
CA ARG C 146 -9.11 59.51 -64.62
C ARG C 146 -9.71 60.92 -64.47
N LEU C 147 -10.86 61.12 -65.12
CA LEU C 147 -11.55 62.41 -65.05
C LEU C 147 -12.26 62.51 -63.71
N TRP C 148 -11.75 63.36 -62.83
CA TRP C 148 -12.31 63.54 -61.50
C TRP C 148 -12.91 64.94 -61.37
N CYS C 149 -13.89 65.06 -60.48
CA CYS C 149 -14.60 66.30 -60.27
C CYS C 149 -14.70 66.58 -58.78
N ALA C 150 -14.83 67.87 -58.45
CA ALA C 150 -15.01 68.30 -57.08
C ALA C 150 -16.41 68.85 -56.88
N THR C 151 -17.10 68.34 -55.85
CA THR C 151 -18.47 68.75 -55.57
C THR C 151 -18.57 70.11 -54.91
N THR C 152 -17.45 70.71 -54.52
CA THR C 152 -17.43 72.02 -53.89
C THR C 152 -16.69 73.02 -54.78
N TYR C 153 -16.94 74.30 -54.54
CA TYR C 153 -16.29 75.35 -55.32
C TYR C 153 -14.78 75.34 -55.13
N ASP C 154 -14.32 75.14 -53.89
CA ASP C 154 -12.90 75.10 -53.57
C ASP C 154 -12.54 73.69 -53.13
N TYR C 155 -11.75 73.00 -53.96
CA TYR C 155 -11.31 71.65 -53.61
C TYR C 155 -10.23 71.65 -52.54
N LYS C 156 -9.46 72.74 -52.44
CA LYS C 156 -8.35 72.77 -51.50
C LYS C 156 -8.82 72.74 -50.05
N THR C 157 -9.96 73.37 -49.74
CA THR C 157 -10.41 73.48 -48.36
C THR C 157 -11.22 72.26 -47.93
N ASP C 158 -12.33 71.98 -48.61
CA ASP C 158 -13.21 70.89 -48.21
C ASP C 158 -12.67 69.52 -48.58
N GLU C 159 -11.73 69.45 -49.53
CA GLU C 159 -11.15 68.19 -49.98
C GLU C 159 -12.23 67.23 -50.48
N LYS C 160 -13.26 67.78 -51.11
CA LYS C 160 -14.37 67.01 -51.66
C LYS C 160 -14.16 66.82 -53.16
N TRP C 161 -14.09 65.56 -53.60
CA TRP C 161 -13.86 65.27 -55.00
C TRP C 161 -14.46 63.91 -55.33
N GLY C 162 -14.68 63.68 -56.62
CA GLY C 162 -15.25 62.43 -57.08
C GLY C 162 -15.02 62.24 -58.56
N PHE C 163 -15.07 60.99 -58.99
CA PHE C 163 -14.86 60.68 -60.40
C PHE C 163 -16.08 61.02 -61.22
N CYS C 164 -15.87 61.26 -62.51
CA CYS C 164 -16.95 61.54 -63.45
C CYS C 164 -17.46 60.29 -64.15
N GLU C 165 -16.90 59.12 -63.85
CA GLU C 165 -17.30 57.88 -64.50
C GLU C 165 -18.46 57.24 -63.73
N THR C 166 -18.75 55.97 -64.03
CA THR C 166 -19.91 55.29 -63.46
C THR C 166 -19.78 55.04 -61.96
N GLU C 167 -18.59 55.25 -61.39
CA GLU C 167 -18.38 55.11 -59.95
C GLU C 167 -18.70 53.70 -59.46
N GLU C 168 -18.37 52.69 -60.28
CA GLU C 168 -18.47 51.32 -59.83
C GLU C 168 -17.48 51.04 -58.70
N ASP C 169 -16.30 51.67 -58.77
CA ASP C 169 -15.32 51.52 -57.70
C ASP C 169 -15.85 52.08 -56.38
N ALA C 170 -16.54 53.21 -56.42
CA ALA C 170 -17.11 53.77 -55.20
C ALA C 170 -18.18 52.86 -54.61
N ALA C 171 -19.03 52.29 -55.46
CA ALA C 171 -20.04 51.35 -54.98
C ALA C 171 -19.40 50.11 -54.37
N LYS C 172 -18.35 49.59 -55.01
CA LYS C 172 -17.64 48.45 -54.45
C LYS C 172 -17.00 48.80 -53.11
N ARG C 173 -16.44 50.01 -53.00
CA ARG C 173 -15.83 50.45 -51.75
C ARG C 173 -16.87 50.54 -50.64
N ARG C 174 -18.04 51.11 -50.94
CA ARG C 174 -19.10 51.22 -49.93
C ARG C 174 -19.59 49.84 -49.52
N GLN C 175 -19.79 48.94 -50.48
CA GLN C 175 -20.21 47.58 -50.16
C GLN C 175 -19.17 46.86 -49.30
N MET C 176 -17.89 47.06 -49.63
CA MET C 176 -16.82 46.44 -48.85
C MET C 176 -16.79 46.98 -47.43
N GLN C 177 -16.97 48.29 -47.27
CA GLN C 177 -16.99 48.88 -45.93
C GLN C 177 -18.17 48.34 -45.12
N GLU C 178 -19.35 48.27 -45.73
CA GLU C 178 -20.51 47.72 -45.03
C GLU C 178 -20.28 46.26 -44.65
N ALA C 179 -19.72 45.47 -45.57
CA ALA C 179 -19.46 44.06 -45.27
C ALA C 179 -18.43 43.92 -44.16
N GLU C 180 -17.40 44.77 -44.15
CA GLU C 180 -16.40 44.71 -43.10
C GLU C 180 -17.00 45.08 -41.75
N MET C 181 -17.88 46.09 -41.72
CA MET C 181 -18.55 46.44 -40.48
C MET C 181 -19.40 45.29 -39.97
N ILE C 182 -20.16 44.66 -40.86
CA ILE C 182 -20.98 43.51 -40.45
C ILE C 182 -20.09 42.38 -39.95
N TYR C 183 -18.98 42.12 -40.65
CA TYR C 183 -18.08 41.04 -40.25
C TYR C 183 -17.46 41.29 -38.89
N GLN C 184 -17.01 42.52 -38.64
CA GLN C 184 -16.39 42.82 -37.34
C GLN C 184 -17.42 42.78 -36.22
N ALA C 185 -18.65 43.22 -36.49
CA ALA C 185 -19.71 43.08 -35.49
C ALA C 185 -19.96 41.61 -35.18
N GLY C 186 -20.05 40.77 -36.22
CA GLY C 186 -20.26 39.36 -36.00
C GLY C 186 -19.11 38.70 -35.26
N MET C 187 -17.89 39.13 -35.55
CA MET C 187 -16.72 38.53 -34.90
C MET C 187 -16.59 38.97 -33.45
N LYS C 188 -16.93 40.21 -33.13
CA LYS C 188 -16.95 40.62 -31.74
C LYS C 188 -18.11 39.98 -30.99
N ILE C 189 -19.19 39.64 -31.71
CA ILE C 189 -20.27 38.86 -31.10
C ILE C 189 -19.78 37.45 -30.77
N LEU C 190 -19.11 36.81 -31.74
CA LEU C 190 -18.66 35.44 -31.55
C LEU C 190 -17.59 35.35 -30.47
N ASN C 191 -16.63 36.27 -30.49
CA ASN C 191 -15.57 36.28 -29.49
C ASN C 191 -16.01 36.86 -28.16
N GLY C 192 -17.19 37.48 -28.10
CA GLY C 192 -17.69 38.06 -26.87
C GLY C 192 -18.53 37.16 -26.01
N SER C 193 -18.94 36.01 -26.53
CA SER C 193 -19.75 35.08 -25.76
C SER C 193 -19.59 33.68 -26.32
N ASN C 194 -19.84 32.68 -25.47
CA ASN C 194 -19.78 31.28 -25.87
C ASN C 194 -21.17 30.66 -25.99
N ARG C 195 -22.22 31.47 -25.92
CA ARG C 195 -23.58 30.95 -26.09
C ARG C 195 -23.77 30.45 -27.51
N LYS C 196 -24.39 29.27 -27.65
CA LYS C 196 -24.56 28.70 -28.98
C LYS C 196 -25.45 29.56 -29.85
N SER C 197 -26.52 30.11 -29.28
CA SER C 197 -27.37 31.03 -30.05
C SER C 197 -26.61 32.30 -30.42
N GLN C 198 -25.70 32.75 -29.57
CA GLN C 198 -24.86 33.89 -29.93
C GLN C 198 -23.99 33.57 -31.14
N LYS C 199 -23.41 32.36 -31.16
CA LYS C 199 -22.64 31.94 -32.33
C LYS C 199 -23.53 31.85 -33.57
N ARG C 200 -24.76 31.36 -33.39
CA ARG C 200 -25.70 31.28 -34.52
C ARG C 200 -26.01 32.66 -35.08
N GLU C 201 -26.23 33.64 -34.21
CA GLU C 201 -26.50 34.99 -34.68
C GLU C 201 -25.27 35.60 -35.34
N ALA C 202 -24.08 35.30 -34.81
CA ALA C 202 -22.85 35.76 -35.46
C ALA C 202 -22.74 35.18 -36.87
N TYR C 203 -23.06 33.90 -37.03
CA TYR C 203 -23.00 33.29 -38.36
C TYR C 203 -24.13 33.81 -39.25
N ARG C 204 -25.26 34.22 -38.68
CA ARG C 204 -26.28 34.89 -39.47
C ARG C 204 -25.76 36.21 -40.02
N TYR C 205 -25.05 36.98 -39.18
CA TYR C 205 -24.40 38.20 -39.65
C TYR C 205 -23.38 37.89 -40.75
N LEU C 206 -22.60 36.82 -40.56
CA LEU C 206 -21.61 36.44 -41.55
C LEU C 206 -22.26 36.08 -42.88
N GLN C 207 -23.34 35.29 -42.84
CA GLN C 207 -24.06 34.95 -44.06
C GLN C 207 -24.64 36.17 -44.73
N LYS C 208 -25.15 37.12 -43.94
CA LYS C 208 -25.62 38.39 -44.50
C LYS C 208 -24.47 39.11 -45.19
N ALA C 209 -23.27 39.07 -44.61
CA ALA C 209 -22.09 39.68 -45.20
C ALA C 209 -21.38 38.76 -46.18
N ALA C 210 -21.88 37.54 -46.38
CA ALA C 210 -21.25 36.59 -47.29
C ALA C 210 -21.89 36.69 -48.67
N GLY C 211 -21.61 35.72 -49.53
CA GLY C 211 -22.14 35.70 -50.88
C GLY C 211 -21.24 36.35 -51.90
N MET C 212 -21.10 37.68 -51.84
CA MET C 212 -20.31 38.37 -52.85
C MET C 212 -19.47 39.50 -52.27
N ASN C 213 -19.13 39.46 -50.98
CA ASN C 213 -18.41 40.55 -50.36
C ASN C 213 -17.40 40.04 -49.35
N HIS C 214 -16.12 40.35 -49.60
CA HIS C 214 -14.97 40.10 -48.74
C HIS C 214 -14.77 38.64 -48.33
N THR C 215 -13.50 38.22 -48.25
CA THR C 215 -13.17 36.81 -48.18
C THR C 215 -13.38 36.21 -46.79
N LYS C 216 -13.15 36.97 -45.73
CA LYS C 216 -13.12 36.40 -44.39
C LYS C 216 -14.45 35.71 -44.03
N ALA C 217 -15.56 36.42 -44.18
CA ALA C 217 -16.85 35.83 -43.85
C ALA C 217 -17.18 34.69 -44.80
N LEU C 218 -16.79 34.81 -46.07
CA LEU C 218 -17.04 33.73 -47.02
C LEU C 218 -16.34 32.45 -46.59
N GLU C 219 -15.07 32.56 -46.20
CA GLU C 219 -14.33 31.38 -45.75
C GLU C 219 -14.93 30.81 -44.47
N ARG C 220 -15.28 31.69 -43.52
CA ARG C 220 -15.86 31.21 -42.27
C ARG C 220 -17.17 30.49 -42.50
N VAL C 221 -18.08 31.10 -43.27
CA VAL C 221 -19.39 30.48 -43.51
C VAL C 221 -19.24 29.23 -44.36
N SER C 222 -18.26 29.20 -45.27
CA SER C 222 -18.07 28.01 -46.09
C SER C 222 -17.58 26.84 -45.26
N TYR C 223 -16.60 27.07 -44.39
CA TYR C 223 -16.12 26.01 -43.52
C TYR C 223 -17.12 25.67 -42.40
N ALA C 224 -18.10 26.51 -42.15
CA ALA C 224 -19.20 26.11 -41.27
C ALA C 224 -20.23 25.27 -42.03
N LEU C 225 -20.53 25.64 -43.27
CA LEU C 225 -21.50 24.90 -44.07
C LEU C 225 -21.00 23.50 -44.39
N LEU C 226 -19.71 23.37 -44.71
CA LEU C 226 -19.18 22.06 -45.06
C LEU C 226 -19.27 21.10 -43.88
N PHE C 227 -18.90 21.56 -42.69
CA PHE C 227 -18.81 20.69 -41.53
C PHE C 227 -20.10 20.63 -40.73
N GLY C 228 -21.14 21.35 -41.15
CA GLY C 228 -22.43 21.28 -40.49
C GLY C 228 -22.45 21.79 -39.07
N ASP C 229 -21.40 22.49 -38.64
CA ASP C 229 -21.32 23.04 -37.30
C ASP C 229 -21.65 24.52 -37.34
N TYR C 230 -22.39 24.98 -36.34
CA TYR C 230 -22.82 26.37 -36.20
C TYR C 230 -23.74 26.82 -37.33
N LEU C 231 -24.13 25.91 -38.22
CA LEU C 231 -25.02 26.23 -39.33
C LEU C 231 -25.44 24.93 -40.00
N THR C 232 -26.61 24.95 -40.62
CA THR C 232 -27.10 23.78 -41.33
C THR C 232 -26.16 23.42 -42.48
N GLN C 233 -25.84 22.14 -42.59
CA GLN C 233 -24.88 21.69 -43.59
C GLN C 233 -25.45 21.88 -44.99
N ASN C 234 -24.71 22.59 -45.84
CA ASN C 234 -25.08 22.82 -47.23
C ASN C 234 -23.86 22.46 -48.08
N ILE C 235 -23.78 21.19 -48.46
CA ILE C 235 -22.59 20.70 -49.17
C ILE C 235 -22.43 21.41 -50.51
N GLN C 236 -23.53 21.62 -51.24
CA GLN C 236 -23.44 22.26 -52.54
C GLN C 236 -23.07 23.73 -52.40
N ALA C 237 -23.63 24.43 -51.40
CA ALA C 237 -23.26 25.82 -51.16
C ALA C 237 -21.80 25.93 -50.75
N ALA C 238 -21.32 25.00 -49.91
CA ALA C 238 -19.92 24.99 -49.54
C ALA C 238 -19.03 24.76 -50.75
N LYS C 239 -19.44 23.86 -51.65
CA LYS C 239 -18.67 23.61 -52.86
C LYS C 239 -18.63 24.87 -53.74
N GLU C 240 -19.75 25.56 -53.87
CA GLU C 240 -19.77 26.79 -54.65
C GLU C 240 -18.84 27.84 -54.06
N MET C 241 -18.90 28.01 -52.74
CA MET C 241 -18.02 28.99 -52.09
C MET C 241 -16.56 28.61 -52.27
N PHE C 242 -16.23 27.33 -52.14
CA PHE C 242 -14.86 26.89 -52.33
C PHE C 242 -14.39 27.14 -53.75
N GLU C 243 -15.23 26.85 -54.75
CA GLU C 243 -14.84 27.08 -56.13
C GLU C 243 -14.63 28.56 -56.40
N LYS C 244 -15.51 29.42 -55.86
CA LYS C 244 -15.34 30.85 -56.03
C LYS C 244 -14.04 31.34 -55.39
N LEU C 245 -13.75 30.87 -54.18
CA LEU C 245 -12.52 31.26 -53.50
C LEU C 245 -11.29 30.78 -54.25
N THR C 246 -11.33 29.54 -54.76
CA THR C 246 -10.20 29.02 -55.52
C THR C 246 -9.97 29.80 -56.80
N GLU C 247 -11.04 30.15 -57.51
CA GLU C 247 -10.88 30.94 -58.73
C GLU C 247 -10.33 32.33 -58.40
N GLU C 248 -10.79 32.93 -57.32
CA GLU C 248 -10.26 34.23 -56.91
C GLU C 248 -8.91 34.09 -56.23
N GLY C 249 -8.84 33.30 -55.16
CA GLY C 249 -7.60 32.98 -54.50
C GLY C 249 -7.68 33.12 -52.99
N SER C 250 -7.43 32.02 -52.28
CA SER C 250 -7.45 31.96 -50.83
C SER C 250 -6.89 30.62 -50.37
N PRO C 251 -6.09 30.58 -49.30
CA PRO C 251 -5.59 29.27 -48.83
C PRO C 251 -6.69 28.34 -48.32
N LYS C 252 -7.55 28.84 -47.42
CA LYS C 252 -8.58 27.98 -46.83
C LYS C 252 -9.63 27.57 -47.86
N GLY C 253 -9.99 28.48 -48.77
CA GLY C 253 -10.93 28.14 -49.81
C GLY C 253 -10.41 27.08 -50.75
N GLN C 254 -9.11 27.08 -51.02
CA GLN C 254 -8.52 26.04 -51.86
C GLN C 254 -8.40 24.73 -51.09
N THR C 255 -8.06 24.79 -49.81
CA THR C 255 -7.98 23.59 -49.00
C THR C 255 -9.33 22.88 -48.90
N GLY C 256 -10.42 23.64 -48.72
CA GLY C 256 -11.73 23.04 -48.65
C GLY C 256 -12.13 22.34 -49.94
N LEU C 257 -11.85 22.98 -51.08
CA LEU C 257 -12.17 22.36 -52.36
C LEU C 257 -11.32 21.13 -52.60
N GLY C 258 -10.05 21.16 -52.17
CA GLY C 258 -9.24 19.97 -52.25
C GLY C 258 -9.79 18.83 -51.41
N PHE C 259 -10.27 19.16 -50.20
CA PHE C 259 -10.89 18.13 -49.37
C PHE C 259 -12.13 17.56 -50.03
N LEU C 260 -12.95 18.42 -50.64
CA LEU C 260 -14.14 17.92 -51.33
C LEU C 260 -13.77 16.99 -52.47
N TYR C 261 -12.77 17.36 -53.28
CA TYR C 261 -12.37 16.52 -54.39
C TYR C 261 -11.63 15.27 -53.94
N ALA C 262 -11.09 15.26 -52.71
CA ALA C 262 -10.34 14.10 -52.25
C ALA C 262 -11.21 13.08 -51.52
N SER C 263 -12.04 13.54 -50.58
CA SER C 263 -12.84 12.64 -49.76
C SER C 263 -14.15 12.25 -50.43
N GLY C 264 -14.46 12.79 -51.62
CA GLY C 264 -15.62 12.38 -52.37
C GLY C 264 -16.91 13.07 -52.01
N LEU C 265 -16.90 13.98 -51.04
CA LEU C 265 -18.12 14.69 -50.67
C LEU C 265 -18.52 15.65 -51.79
N GLY C 266 -19.82 15.68 -52.09
CA GLY C 266 -20.37 16.68 -52.99
C GLY C 266 -20.09 16.41 -54.46
N VAL C 267 -18.85 16.59 -54.87
CA VAL C 267 -18.48 16.45 -56.27
C VAL C 267 -17.75 15.13 -56.45
N ASN C 268 -17.67 14.68 -57.70
CA ASN C 268 -17.00 13.43 -58.00
C ASN C 268 -15.54 13.48 -57.58
N SER C 269 -15.06 12.38 -57.01
CA SER C 269 -13.69 12.32 -56.50
C SER C 269 -12.68 12.39 -57.64
N SER C 270 -11.58 13.08 -57.38
CA SER C 270 -10.50 13.20 -58.37
C SER C 270 -9.21 13.44 -57.59
N GLN C 271 -8.40 12.40 -57.44
CA GLN C 271 -7.18 12.50 -56.65
C GLN C 271 -6.09 13.30 -57.34
N ALA C 272 -6.31 13.74 -58.58
CA ALA C 272 -5.35 14.59 -59.29
C ALA C 272 -5.60 16.07 -59.03
N LYS C 273 -6.87 16.50 -59.08
CA LYS C 273 -7.18 17.90 -58.78
C LYS C 273 -7.10 18.18 -57.29
N ALA C 274 -7.45 17.20 -56.47
CA ALA C 274 -7.35 17.38 -55.02
C ALA C 274 -5.91 17.61 -54.60
N LEU C 275 -4.97 16.90 -55.23
CA LEU C 275 -3.56 17.14 -54.95
C LEU C 275 -3.15 18.56 -55.31
N VAL C 276 -3.64 19.06 -56.45
CA VAL C 276 -3.31 20.42 -56.87
C VAL C 276 -3.83 21.43 -55.86
N TYR C 277 -5.08 21.27 -55.43
CA TYR C 277 -5.65 22.20 -54.46
C TYR C 277 -4.92 22.13 -53.13
N TYR C 278 -4.60 20.92 -52.67
CA TYR C 278 -3.85 20.78 -51.42
C TYR C 278 -2.49 21.45 -51.51
N THR C 279 -1.79 21.26 -52.63
CA THR C 279 -0.47 21.87 -52.79
C THR C 279 -0.56 23.39 -52.83
N PHE C 280 -1.55 23.93 -53.53
CA PHE C 280 -1.69 25.37 -53.56
C PHE C 280 -2.09 25.92 -52.19
N GLY C 281 -2.87 25.17 -51.42
CA GLY C 281 -3.16 25.58 -50.06
C GLY C 281 -1.94 25.56 -49.17
N ALA C 282 -1.09 24.54 -49.33
CA ALA C 282 0.14 24.47 -48.55
C ALA C 282 1.08 25.61 -48.91
N LEU C 283 1.19 25.94 -50.20
CA LEU C 283 2.05 27.04 -50.61
C LEU C 283 1.45 28.40 -50.26
N GLY C 284 0.13 28.48 -50.10
CA GLY C 284 -0.50 29.73 -49.74
C GLY C 284 -0.22 30.17 -48.31
N GLY C 285 0.15 29.24 -47.45
CA GLY C 285 0.48 29.54 -46.09
C GLY C 285 -0.44 28.97 -45.03
N ASN C 286 -1.28 27.99 -45.38
CA ASN C 286 -2.18 27.39 -44.42
C ASN C 286 -1.47 26.26 -43.65
N LEU C 287 -2.13 25.79 -42.59
CA LEU C 287 -1.62 24.70 -41.78
C LEU C 287 -2.40 23.40 -41.97
N ILE C 288 -3.71 23.48 -42.14
CA ILE C 288 -4.50 22.28 -42.42
C ILE C 288 -4.04 21.63 -43.71
N ALA C 289 -3.81 22.44 -44.75
CA ALA C 289 -3.26 21.91 -45.99
C ALA C 289 -1.89 21.30 -45.76
N HIS C 290 -1.07 21.94 -44.93
CA HIS C 290 0.27 21.43 -44.64
C HIS C 290 0.20 20.07 -43.94
N MET C 291 -0.64 19.95 -42.91
CA MET C 291 -0.76 18.68 -42.21
C MET C 291 -1.34 17.60 -43.11
N ILE C 292 -2.33 17.96 -43.94
CA ILE C 292 -2.93 16.99 -44.85
C ILE C 292 -1.91 16.47 -45.84
N LEU C 293 -1.11 17.37 -46.42
CA LEU C 293 -0.09 16.93 -47.36
C LEU C 293 1.00 16.13 -46.64
N GLY C 294 1.32 16.49 -45.41
CA GLY C 294 2.28 15.71 -44.65
C GLY C 294 1.82 14.29 -44.44
N TYR C 295 0.56 14.11 -44.06
CA TYR C 295 0.03 12.76 -43.88
C TYR C 295 -0.04 12.02 -45.20
N ARG C 296 -0.42 12.71 -46.28
CA ARG C 296 -0.52 12.06 -47.58
C ARG C 296 0.84 11.57 -48.06
N TYR C 297 1.90 12.32 -47.79
CA TYR C 297 3.24 11.86 -48.15
C TYR C 297 3.79 10.83 -47.18
N TRP C 298 3.39 10.87 -45.91
CA TRP C 298 3.89 9.91 -44.93
C TRP C 298 3.23 8.54 -45.08
N ALA C 299 1.95 8.50 -45.43
CA ALA C 299 1.24 7.24 -45.56
C ALA C 299 1.22 6.72 -46.99
N GLY C 300 1.82 7.44 -47.93
CA GLY C 300 1.81 6.98 -49.31
C GLY C 300 0.42 6.96 -49.94
N ILE C 301 -0.42 7.92 -49.57
CA ILE C 301 -1.77 8.02 -50.10
C ILE C 301 -1.78 9.10 -51.18
N GLY C 302 -2.32 8.77 -52.34
CA GLY C 302 -2.42 9.78 -53.40
C GLY C 302 -1.12 10.11 -54.08
N VAL C 303 -0.06 10.32 -53.31
CA VAL C 303 1.27 10.63 -53.84
C VAL C 303 2.23 9.53 -53.41
N LEU C 304 3.37 9.47 -54.09
CA LEU C 304 4.35 8.44 -53.83
C LEU C 304 4.91 8.57 -52.42
N GLN C 305 5.15 7.43 -51.77
CA GLN C 305 5.63 7.44 -50.40
C GLN C 305 7.03 8.02 -50.32
N SER C 306 7.24 8.87 -49.31
CA SER C 306 8.54 9.46 -49.05
C SER C 306 8.54 10.08 -47.67
N CYS C 307 9.66 10.01 -46.98
CA CYS C 307 9.75 10.56 -45.64
C CYS C 307 10.19 12.01 -45.61
N GLU C 308 10.89 12.48 -46.64
CA GLU C 308 11.41 13.85 -46.64
C GLU C 308 10.29 14.87 -46.72
N SER C 309 9.35 14.68 -47.66
CA SER C 309 8.28 15.65 -47.84
C SER C 309 7.36 15.70 -46.62
N ALA C 310 6.98 14.53 -46.13
CA ALA C 310 6.17 14.48 -44.91
C ALA C 310 6.91 15.10 -43.74
N LEU C 311 8.22 14.86 -43.66
CA LEU C 311 9.01 15.47 -42.61
C LEU C 311 8.96 16.99 -42.70
N THR C 312 9.08 17.54 -43.91
CA THR C 312 9.06 18.99 -44.06
C THR C 312 7.70 19.57 -43.65
N HIS C 313 6.62 18.98 -44.16
CA HIS C 313 5.29 19.51 -43.85
C HIS C 313 4.99 19.41 -42.36
N TYR C 314 5.24 18.24 -41.77
CA TYR C 314 5.01 18.06 -40.34
C TYR C 314 5.93 18.95 -39.52
N ARG C 315 7.15 19.21 -40.00
CA ARG C 315 8.05 20.11 -39.27
C ARG C 315 7.50 21.52 -39.26
N LEU C 316 6.98 22.00 -40.39
CA LEU C 316 6.39 23.33 -40.43
C LEU C 316 5.19 23.42 -39.48
N VAL C 317 4.31 22.43 -39.52
CA VAL C 317 3.14 22.46 -38.65
C VAL C 317 3.56 22.36 -37.19
N ALA C 318 4.56 21.54 -36.88
CA ALA C 318 5.04 21.40 -35.52
C ALA C 318 5.67 22.68 -35.02
N ASN C 319 6.42 23.38 -35.89
CA ASN C 319 6.99 24.66 -35.49
C ASN C 319 5.89 25.67 -35.16
N HIS C 320 4.86 25.73 -36.00
CA HIS C 320 3.77 26.67 -35.72
C HIS C 320 3.06 26.32 -34.43
N VAL C 321 2.76 25.04 -34.20
CA VAL C 321 2.04 24.67 -32.99
C VAL C 321 2.92 24.82 -31.76
N ALA C 322 4.24 24.65 -31.90
CA ALA C 322 5.15 24.91 -30.78
C ALA C 322 5.16 26.38 -30.43
N SER C 323 5.18 27.26 -31.43
CA SER C 323 5.05 28.69 -31.15
C SER C 323 3.72 28.99 -30.46
N ASP C 324 2.64 28.34 -30.92
CA ASP C 324 1.33 28.55 -30.31
C ASP C 324 1.34 28.15 -28.83
N ILE C 325 1.89 26.97 -28.51
CA ILE C 325 1.87 26.50 -27.13
C ILE C 325 2.84 27.28 -26.27
N SER C 326 3.91 27.82 -26.86
CA SER C 326 4.82 28.65 -26.08
C SER C 326 4.23 30.02 -25.78
N LEU C 327 3.46 30.59 -26.72
CA LEU C 327 2.86 31.90 -26.49
C LEU C 327 1.53 31.81 -25.76
N THR C 328 0.91 30.63 -25.66
CA THR C 328 -0.36 30.46 -24.98
C THR C 328 -0.26 29.53 -23.79
N GLY C 329 0.27 28.32 -23.97
CA GLY C 329 0.34 27.35 -22.90
C GLY C 329 -0.04 25.97 -23.36
N GLY C 330 -0.80 25.88 -24.44
CA GLY C 330 -1.22 24.60 -24.99
C GLY C 330 -2.56 24.14 -24.44
N SER C 331 -3.34 23.45 -25.27
CA SER C 331 -4.63 22.91 -24.89
C SER C 331 -4.55 21.39 -24.90
N VAL C 332 -4.93 20.76 -23.79
CA VAL C 332 -4.89 19.31 -23.70
C VAL C 332 -6.02 18.73 -24.55
N VAL C 333 -5.68 17.80 -25.43
CA VAL C 333 -6.63 17.18 -26.34
C VAL C 333 -7.16 15.90 -25.71
N GLN C 334 -8.48 15.77 -25.66
CA GLN C 334 -9.15 14.60 -25.10
C GLN C 334 -9.71 13.79 -26.25
N ARG C 335 -9.00 12.72 -26.62
CA ARG C 335 -9.39 11.88 -27.74
C ARG C 335 -10.25 10.72 -27.23
N ILE C 336 -11.46 10.61 -27.76
CA ILE C 336 -12.38 9.54 -27.39
C ILE C 336 -12.84 8.85 -28.66
N ARG C 337 -12.76 7.52 -28.68
CA ARG C 337 -13.11 6.73 -29.85
C ARG C 337 -14.46 6.05 -29.65
N LEU C 338 -15.32 6.18 -30.65
CA LEU C 338 -16.65 5.56 -30.57
C LEU C 338 -16.61 4.04 -30.44
N PRO C 339 -15.75 3.28 -31.15
CA PRO C 339 -15.81 1.82 -31.02
C PRO C 339 -15.65 1.31 -29.60
N ASP C 340 -14.64 1.79 -28.86
CA ASP C 340 -14.45 1.29 -27.50
C ASP C 340 -15.54 1.80 -26.57
N GLU C 341 -16.05 3.01 -26.80
CA GLU C 341 -17.13 3.52 -25.98
C GLU C 341 -18.40 2.69 -26.14
N VAL C 342 -18.72 2.30 -27.39
CA VAL C 342 -19.90 1.48 -27.63
C VAL C 342 -19.69 0.07 -27.09
N GLU C 343 -18.51 -0.51 -27.35
CA GLU C 343 -18.24 -1.86 -26.87
C GLU C 343 -18.07 -1.91 -25.36
N ASN C 344 -17.63 -0.79 -24.76
CA ASN C 344 -17.47 -0.69 -23.31
C ASN C 344 -18.20 0.58 -22.84
N PRO C 345 -19.51 0.49 -22.64
CA PRO C 345 -20.27 1.69 -22.21
C PRO C 345 -20.18 1.99 -20.72
N GLY C 346 -19.67 1.06 -19.91
CA GLY C 346 -19.63 1.25 -18.48
C GLY C 346 -18.43 2.00 -17.93
N MET C 347 -17.45 2.31 -18.78
CA MET C 347 -16.26 3.01 -18.31
C MET C 347 -16.47 4.52 -18.36
N ASN C 348 -15.63 5.23 -17.62
CA ASN C 348 -15.64 6.69 -17.60
C ASN C 348 -14.72 7.22 -18.69
N SER C 349 -15.26 8.07 -19.54
CA SER C 349 -14.49 8.62 -20.66
C SER C 349 -13.46 9.63 -20.14
N GLY C 350 -12.71 10.21 -21.08
CA GLY C 350 -11.73 11.22 -20.72
C GLY C 350 -12.35 12.45 -20.09
N MET C 351 -13.56 12.82 -20.52
CA MET C 351 -14.25 13.95 -19.92
C MET C 351 -14.76 13.58 -18.54
N LEU C 352 -14.49 14.44 -17.56
CA LEU C 352 -14.90 14.17 -16.19
C LEU C 352 -16.42 14.24 -16.06
N GLU C 353 -16.97 13.36 -15.24
CA GLU C 353 -18.41 13.35 -15.01
C GLU C 353 -18.85 14.61 -14.27
N GLU C 354 -20.10 15.01 -14.52
CA GLU C 354 -20.61 16.24 -13.92
C GLU C 354 -20.70 16.12 -12.39
N ASP C 355 -21.01 14.92 -11.89
CA ASP C 355 -21.06 14.73 -10.45
C ASP C 355 -19.70 14.92 -9.82
N LEU C 356 -18.65 14.43 -10.47
CA LEU C 356 -17.29 14.64 -9.96
C LEU C 356 -16.93 16.12 -9.97
N ILE C 357 -17.33 16.85 -11.00
CA ILE C 357 -17.08 18.28 -11.07
C ILE C 357 -17.80 19.00 -9.93
N GLN C 358 -19.05 18.63 -9.67
CA GLN C 358 -19.80 19.25 -8.58
C GLN C 358 -19.14 18.94 -7.23
N TYR C 359 -18.67 17.70 -7.04
CA TYR C 359 -18.00 17.35 -5.79
C TYR C 359 -16.70 18.14 -5.62
N TYR C 360 -15.94 18.29 -6.70
CA TYR C 360 -14.71 19.08 -6.62
C TYR C 360 -15.01 20.54 -6.31
N GLN C 361 -16.06 21.10 -6.91
CA GLN C 361 -16.43 22.48 -6.63
C GLN C 361 -16.88 22.63 -5.17
N PHE C 362 -17.62 21.65 -4.66
CA PHE C 362 -18.04 21.69 -3.27
C PHE C 362 -16.84 21.64 -2.33
N LEU C 363 -15.86 20.78 -2.63
CA LEU C 363 -14.65 20.73 -1.82
C LEU C 363 -13.89 22.04 -1.88
N ALA C 364 -13.80 22.65 -3.08
CA ALA C 364 -13.11 23.92 -3.23
C ALA C 364 -13.80 25.02 -2.42
N GLU C 365 -15.13 25.06 -2.45
CA GLU C 365 -15.87 26.05 -1.67
C GLU C 365 -15.73 25.80 -0.17
N LYS C 366 -15.67 24.55 0.25
CA LYS C 366 -15.50 24.26 1.68
C LYS C 366 -14.15 24.71 2.20
N GLY C 367 -13.10 24.62 1.37
CA GLY C 367 -11.78 25.06 1.79
C GLY C 367 -10.65 24.16 1.37
N ASP C 368 -10.96 23.09 0.63
CA ASP C 368 -9.93 22.17 0.17
C ASP C 368 -8.99 22.88 -0.79
N VAL C 369 -7.73 23.04 -0.38
CA VAL C 369 -6.77 23.79 -1.18
C VAL C 369 -6.39 23.00 -2.43
N GLN C 370 -6.17 21.69 -2.28
CA GLN C 370 -5.79 20.88 -3.44
C GLN C 370 -6.92 20.82 -4.46
N ALA C 371 -8.17 20.78 -4.00
CA ALA C 371 -9.30 20.82 -4.93
C ALA C 371 -9.34 22.14 -5.69
N GLN C 372 -9.05 23.25 -5.00
CA GLN C 372 -9.00 24.54 -5.67
C GLN C 372 -7.90 24.57 -6.71
N VAL C 373 -6.72 24.04 -6.38
CA VAL C 373 -5.61 24.01 -7.33
C VAL C 373 -5.96 23.17 -8.54
N GLY C 374 -6.57 22.00 -8.31
CA GLY C 374 -6.96 21.15 -9.42
C GLY C 374 -8.00 21.80 -10.33
N LEU C 375 -8.99 22.45 -9.72
CA LEU C 375 -10.01 23.14 -10.52
C LEU C 375 -9.39 24.29 -11.31
N GLY C 376 -8.47 25.04 -10.69
CA GLY C 376 -7.80 26.11 -11.41
C GLY C 376 -6.98 25.60 -12.58
N GLN C 377 -6.26 24.50 -12.38
CA GLN C 377 -5.50 23.92 -13.48
C GLN C 377 -6.42 23.43 -14.60
N LEU C 378 -7.53 22.80 -14.23
CA LEU C 378 -8.48 22.33 -15.25
C LEU C 378 -9.07 23.49 -16.03
N HIS C 379 -9.42 24.58 -15.35
CA HIS C 379 -9.97 25.74 -16.04
C HIS C 379 -8.92 26.45 -16.89
N LEU C 380 -7.66 26.45 -16.46
CA LEU C 380 -6.62 27.09 -17.25
C LEU C 380 -6.29 26.28 -18.51
N HIS C 381 -6.17 24.96 -18.36
CA HIS C 381 -5.81 24.12 -19.51
C HIS C 381 -7.05 23.75 -20.34
N GLY C 382 -8.18 23.55 -19.69
CA GLY C 382 -9.39 23.17 -20.39
C GLY C 382 -9.50 21.67 -20.60
N GLY C 383 -10.68 21.23 -21.01
CA GLY C 383 -10.93 19.83 -21.28
C GLY C 383 -11.47 19.09 -20.07
N ARG C 384 -11.61 17.78 -20.26
CA ARG C 384 -12.13 16.87 -19.24
C ARG C 384 -13.50 17.33 -18.74
N GLY C 385 -14.37 17.66 -19.69
CA GLY C 385 -15.73 18.07 -19.38
C GLY C 385 -15.87 19.49 -18.88
N VAL C 386 -14.80 20.27 -18.86
CA VAL C 386 -14.82 21.65 -18.39
C VAL C 386 -14.24 22.53 -19.48
N GLU C 387 -14.98 23.56 -19.88
CA GLU C 387 -14.47 24.53 -20.84
C GLU C 387 -13.39 25.39 -20.20
N GLN C 388 -12.44 25.82 -21.02
CA GLN C 388 -11.33 26.63 -20.52
C GLN C 388 -11.83 28.00 -20.11
N ASN C 389 -11.58 28.36 -18.84
CA ASN C 389 -12.03 29.64 -18.29
C ASN C 389 -10.87 30.25 -17.51
N HIS C 390 -10.40 31.42 -17.95
CA HIS C 390 -9.31 32.09 -17.24
C HIS C 390 -9.78 32.74 -15.95
N GLN C 391 -11.02 33.23 -15.91
CA GLN C 391 -11.51 33.91 -14.71
C GLN C 391 -11.65 32.94 -13.54
N ARG C 392 -12.28 31.79 -13.77
CA ARG C 392 -12.43 30.81 -12.69
C ARG C 392 -11.09 30.26 -12.24
N ALA C 393 -10.18 30.01 -13.18
CA ALA C 393 -8.84 29.56 -12.81
C ALA C 393 -8.11 30.60 -11.98
N PHE C 394 -8.22 31.87 -12.36
CA PHE C 394 -7.58 32.94 -11.59
C PHE C 394 -8.17 33.03 -10.19
N ASP C 395 -9.50 32.93 -10.08
CA ASP C 395 -10.14 32.98 -8.77
C ASP C 395 -9.72 31.81 -7.89
N TYR C 396 -9.67 30.61 -8.46
CA TYR C 396 -9.26 29.44 -7.69
C TYR C 396 -7.80 29.54 -7.26
N PHE C 397 -6.93 30.05 -8.14
CA PHE C 397 -5.53 30.23 -7.78
C PHE C 397 -5.38 31.27 -6.67
N ASN C 398 -6.17 32.35 -6.72
CA ASN C 398 -6.14 33.33 -5.65
C ASN C 398 -6.61 32.73 -4.33
N LEU C 399 -7.68 31.93 -4.37
CA LEU C 399 -8.19 31.31 -3.15
C LEU C 399 -7.17 30.35 -2.56
N ALA C 400 -6.50 29.57 -3.41
CA ALA C 400 -5.52 28.60 -2.91
C ALA C 400 -4.24 29.29 -2.45
N ALA C 401 -3.90 30.44 -3.05
CA ALA C 401 -2.70 31.16 -2.64
C ALA C 401 -2.85 31.75 -1.25
N ASN C 402 -4.06 32.16 -0.87
CA ASN C 402 -4.29 32.68 0.47
C ASN C 402 -4.11 31.62 1.54
N ALA C 403 -4.19 30.34 1.18
CA ALA C 403 -3.98 29.25 2.13
C ALA C 403 -2.52 28.88 2.28
N GLY C 404 -1.72 29.02 1.23
CA GLY C 404 -0.30 28.71 1.30
C GLY C 404 0.14 27.60 0.37
N ASN C 405 -0.55 27.44 -0.75
CA ASN C 405 -0.21 26.40 -1.72
C ASN C 405 0.84 26.93 -2.69
N SER C 406 1.89 26.14 -2.88
CA SER C 406 2.99 26.57 -3.75
C SER C 406 2.53 26.66 -5.20
N HIS C 407 1.82 25.64 -5.68
CA HIS C 407 1.38 25.63 -7.06
C HIS C 407 0.43 26.78 -7.36
N ALA C 408 -0.32 27.24 -6.37
CA ALA C 408 -1.24 28.36 -6.57
C ALA C 408 -0.49 29.60 -7.04
N MET C 409 0.44 30.11 -6.22
CA MET C 409 1.17 31.30 -6.62
C MET C 409 2.13 31.01 -7.77
N ALA C 410 2.57 29.76 -7.92
CA ALA C 410 3.39 29.43 -9.09
C ALA C 410 2.63 29.65 -10.39
N PHE C 411 1.41 29.11 -10.48
CA PHE C 411 0.59 29.33 -11.66
C PHE C 411 0.12 30.76 -11.78
N LEU C 412 -0.08 31.45 -10.66
CA LEU C 412 -0.40 32.87 -10.71
C LEU C 412 0.73 33.66 -11.37
N GLY C 413 1.98 33.39 -10.96
CA GLY C 413 3.11 34.04 -11.58
C GLY C 413 3.27 33.67 -13.04
N LYS C 414 3.03 32.40 -13.37
CA LYS C 414 3.11 31.99 -14.77
C LYS C 414 2.08 32.74 -15.62
N MET C 415 0.85 32.86 -15.12
CA MET C 415 -0.19 33.59 -15.85
C MET C 415 0.16 35.07 -15.98
N TYR C 416 0.68 35.68 -14.91
CA TYR C 416 1.05 37.09 -14.98
C TYR C 416 2.19 37.32 -15.97
N SER C 417 3.17 36.42 -16.01
CA SER C 417 4.26 36.54 -16.96
C SER C 417 3.77 36.35 -18.39
N GLU C 418 2.92 35.35 -18.62
CA GLU C 418 2.41 35.12 -19.97
C GLU C 418 1.37 36.18 -20.35
N GLY C 419 0.52 36.56 -19.42
CA GLY C 419 -0.52 37.54 -19.68
C GLY C 419 -1.82 36.91 -20.13
N SER C 420 -2.91 37.65 -19.92
CA SER C 420 -4.24 37.19 -20.29
C SER C 420 -5.12 38.39 -20.58
N ASP C 421 -6.22 38.13 -21.27
CA ASP C 421 -7.17 39.20 -21.59
C ASP C 421 -7.88 39.72 -20.35
N ILE C 422 -8.11 38.86 -19.36
CA ILE C 422 -8.80 39.27 -18.15
C ILE C 422 -7.83 39.93 -17.18
N VAL C 423 -6.80 39.20 -16.77
CA VAL C 423 -5.80 39.70 -15.84
C VAL C 423 -4.66 40.33 -16.64
N PRO C 424 -4.36 41.61 -16.45
CA PRO C 424 -3.30 42.24 -17.23
C PRO C 424 -1.93 41.65 -16.90
N GLN C 425 -1.04 41.72 -17.89
CA GLN C 425 0.32 41.21 -17.72
C GLN C 425 1.10 42.10 -16.76
N SER C 426 1.80 41.48 -15.82
CA SER C 426 2.62 42.20 -14.85
C SER C 426 3.89 41.40 -14.62
N ASN C 427 5.04 41.94 -15.05
CA ASN C 427 6.30 41.25 -14.87
C ASN C 427 6.72 41.23 -13.40
N GLU C 428 6.50 42.35 -12.70
CA GLU C 428 6.87 42.42 -11.29
C GLU C 428 6.05 41.45 -10.44
N THR C 429 4.73 41.38 -10.70
CA THR C 429 3.90 40.44 -9.96
C THR C 429 4.29 39.00 -10.25
N ALA C 430 4.59 38.69 -11.51
CA ALA C 430 5.04 37.35 -11.85
C ALA C 430 6.35 37.01 -11.16
N LEU C 431 7.29 37.96 -11.12
CA LEU C 431 8.56 37.72 -10.43
C LEU C 431 8.33 37.50 -8.93
N HIS C 432 7.46 38.30 -8.32
CA HIS C 432 7.17 38.14 -6.90
C HIS C 432 6.56 36.78 -6.62
N TYR C 433 5.59 36.35 -7.43
CA TYR C 433 4.97 35.06 -7.23
C TYR C 433 5.96 33.91 -7.43
N PHE C 434 6.82 34.03 -8.45
CA PHE C 434 7.83 33.00 -8.68
C PHE C 434 8.80 32.92 -7.50
N LYS C 435 9.23 34.07 -6.98
CA LYS C 435 10.13 34.07 -5.83
C LYS C 435 9.46 33.46 -4.62
N LYS C 436 8.19 33.81 -4.38
CA LYS C 436 7.47 33.27 -3.22
C LYS C 436 7.31 31.75 -3.34
N ALA C 437 7.01 31.26 -4.55
CA ALA C 437 6.91 29.82 -4.75
C ALA C 437 8.26 29.13 -4.55
N ALA C 438 9.33 29.72 -5.09
CA ALA C 438 10.65 29.10 -4.97
C ALA C 438 11.22 29.17 -3.57
N ASP C 439 10.69 30.07 -2.72
CA ASP C 439 11.17 30.15 -1.35
C ASP C 439 10.91 28.86 -0.59
N MET C 440 9.74 28.26 -0.78
CA MET C 440 9.36 27.04 -0.08
C MET C 440 9.75 25.77 -0.82
N GLY C 441 10.41 25.89 -1.98
CA GLY C 441 10.85 24.72 -2.71
C GLY C 441 9.82 24.18 -3.67
N ASN C 442 9.25 25.05 -4.50
CA ASN C 442 8.25 24.64 -5.49
C ASN C 442 8.92 24.48 -6.84
N PRO C 443 8.91 23.28 -7.43
CA PRO C 443 9.57 23.12 -8.74
C PRO C 443 9.00 24.01 -9.82
N VAL C 444 7.69 24.24 -9.82
CA VAL C 444 7.08 25.15 -10.79
C VAL C 444 7.59 26.57 -10.57
N GLY C 445 7.66 27.00 -9.31
CA GLY C 445 8.21 28.32 -9.02
C GLY C 445 9.67 28.43 -9.39
N GLN C 446 10.45 27.37 -9.17
CA GLN C 446 11.85 27.38 -9.59
C GLN C 446 11.97 27.51 -11.10
N SER C 447 11.15 26.77 -11.85
CA SER C 447 11.17 26.87 -13.30
C SER C 447 10.77 28.27 -13.76
N GLY C 448 9.76 28.85 -13.13
CA GLY C 448 9.34 30.20 -13.50
C GLY C 448 10.41 31.23 -13.22
N LEU C 449 11.09 31.12 -12.07
CA LEU C 449 12.17 32.04 -11.75
C LEU C 449 13.35 31.86 -12.70
N GLY C 450 13.65 30.61 -13.07
CA GLY C 450 14.70 30.38 -14.05
C GLY C 450 14.36 30.98 -15.40
N MET C 451 13.10 30.85 -15.83
CA MET C 451 12.67 31.47 -17.08
C MET C 451 12.78 32.99 -17.00
N ALA C 452 12.40 33.58 -15.85
CA ALA C 452 12.50 35.02 -15.69
C ALA C 452 13.95 35.48 -15.75
N TYR C 453 14.86 34.73 -15.12
CA TYR C 453 16.28 35.05 -15.23
C TYR C 453 16.80 34.90 -16.64
N LEU C 454 16.36 33.86 -17.36
CA LEU C 454 16.83 33.64 -18.72
C LEU C 454 16.39 34.75 -19.66
N TYR C 455 15.13 35.17 -19.56
CA TYR C 455 14.57 36.17 -20.46
C TYR C 455 14.46 37.55 -19.82
N GLY C 456 15.04 37.75 -18.64
CA GLY C 456 15.09 39.07 -18.03
C GLY C 456 13.72 39.68 -17.72
N ARG C 457 12.83 38.89 -17.13
CA ARG C 457 11.50 39.35 -16.75
C ARG C 457 11.52 39.67 -15.26
N GLY C 458 11.60 40.95 -14.92
CA GLY C 458 11.62 41.38 -13.54
C GLY C 458 13.01 41.65 -13.01
N VAL C 459 13.97 40.81 -13.40
CA VAL C 459 15.36 40.92 -12.98
C VAL C 459 16.25 40.92 -14.22
N GLN C 460 17.55 41.03 -13.99
CA GLN C 460 18.52 41.02 -15.07
C GLN C 460 18.68 39.61 -15.63
N VAL C 461 19.36 39.52 -16.77
CA VAL C 461 19.58 38.24 -17.44
C VAL C 461 20.75 37.53 -16.74
N ASN C 462 20.45 36.41 -16.09
CA ASN C 462 21.45 35.62 -15.38
C ASN C 462 21.30 34.17 -15.82
N TYR C 463 22.30 33.66 -16.56
CA TYR C 463 22.24 32.28 -17.04
C TYR C 463 22.54 31.27 -15.94
N ASP C 464 23.45 31.60 -15.02
CA ASP C 464 23.83 30.66 -13.98
C ASP C 464 22.66 30.37 -13.04
N LEU C 465 21.97 31.41 -12.58
CA LEU C 465 20.83 31.22 -11.70
C LEU C 465 19.71 30.47 -12.40
N ALA C 466 19.48 30.79 -13.68
CA ALA C 466 18.48 30.06 -14.45
C ALA C 466 18.82 28.58 -14.56
N LEU C 467 20.10 28.29 -14.81
CA LEU C 467 20.54 26.89 -14.88
C LEU C 467 20.32 26.18 -13.55
N LYS C 468 20.68 26.84 -12.44
CA LYS C 468 20.54 26.21 -11.13
C LYS C 468 19.08 25.96 -10.81
N TYR C 469 18.20 26.92 -11.08
CA TYR C 469 16.78 26.74 -10.81
C TYR C 469 16.17 25.66 -11.71
N PHE C 470 16.59 25.60 -12.97
CA PHE C 470 16.11 24.55 -13.86
C PHE C 470 16.56 23.17 -13.36
N GLN C 471 17.80 23.06 -12.89
CA GLN C 471 18.27 21.79 -12.37
C GLN C 471 17.51 21.41 -11.11
N LYS C 472 17.24 22.37 -10.23
CA LYS C 472 16.48 22.08 -9.02
C LYS C 472 15.06 21.63 -9.36
N ALA C 473 14.43 22.27 -10.35
CA ALA C 473 13.11 21.84 -10.78
C ALA C 473 13.13 20.44 -11.40
N ALA C 474 14.17 20.15 -12.19
CA ALA C 474 14.26 18.85 -12.84
C ALA C 474 14.52 17.74 -11.83
N GLU C 475 15.26 18.02 -10.76
CA GLU C 475 15.53 17.02 -9.74
C GLU C 475 14.29 16.61 -8.97
N GLN C 476 13.19 17.38 -9.07
CA GLN C 476 11.95 17.05 -8.40
C GLN C 476 10.94 16.39 -9.33
N GLY C 477 11.35 16.03 -10.55
CA GLY C 477 10.48 15.38 -11.50
C GLY C 477 9.58 16.28 -12.29
N TRP C 478 9.79 17.60 -12.24
CA TRP C 478 8.96 18.54 -12.98
C TRP C 478 9.33 18.52 -14.45
N VAL C 479 8.32 18.40 -15.31
CA VAL C 479 8.57 18.23 -16.74
C VAL C 479 9.13 19.51 -17.36
N ASP C 480 8.57 20.66 -16.99
CA ASP C 480 9.01 21.92 -17.58
C ASP C 480 10.47 22.22 -17.22
N GLY C 481 10.86 21.91 -15.97
CA GLY C 481 12.25 22.10 -15.59
C GLY C 481 13.20 21.23 -16.39
N GLN C 482 12.83 19.97 -16.60
CA GLN C 482 13.63 19.07 -17.41
C GLN C 482 13.74 19.58 -18.84
N LEU C 483 12.63 20.06 -19.41
CA LEU C 483 12.65 20.59 -20.76
C LEU C 483 13.54 21.81 -20.87
N GLN C 484 13.44 22.73 -19.90
CA GLN C 484 14.28 23.92 -19.91
C GLN C 484 15.75 23.57 -19.78
N LEU C 485 16.08 22.62 -18.91
CA LEU C 485 17.47 22.20 -18.74
C LEU C 485 18.00 21.55 -20.01
N GLY C 486 17.21 20.69 -20.64
CA GLY C 486 17.63 20.10 -21.90
C GLY C 486 17.82 21.13 -23.00
N SER C 487 16.91 22.11 -23.07
CA SER C 487 17.02 23.15 -24.09
C SER C 487 18.28 23.99 -23.87
N MET C 488 18.56 24.38 -22.63
CA MET C 488 19.74 25.20 -22.38
C MET C 488 21.02 24.40 -22.55
N TYR C 489 20.97 23.08 -22.33
CA TYR C 489 22.15 22.25 -22.57
C TYR C 489 22.40 22.06 -24.06
N TYR C 490 21.33 21.88 -24.84
CA TYR C 490 21.47 21.73 -26.29
C TYR C 490 21.93 23.04 -26.93
N ASN C 491 21.38 24.17 -26.49
CA ASN C 491 21.74 25.46 -27.05
C ASN C 491 23.08 25.97 -26.52
N GLY C 492 23.58 25.40 -25.43
CA GLY C 492 24.84 25.86 -24.88
C GLY C 492 24.78 27.22 -24.23
N ILE C 493 23.62 27.66 -23.78
CA ILE C 493 23.45 28.98 -23.17
C ILE C 493 24.01 28.90 -21.75
N GLY C 494 25.26 29.34 -21.58
CA GLY C 494 25.90 29.34 -20.29
C GLY C 494 26.64 28.06 -19.96
N VAL C 495 26.47 27.00 -20.75
CA VAL C 495 27.13 25.73 -20.54
C VAL C 495 27.67 25.24 -21.88
N LYS C 496 28.43 24.14 -21.82
CA LYS C 496 28.95 23.54 -23.04
C LYS C 496 27.86 22.75 -23.75
N ARG C 497 27.99 22.67 -25.07
CA ARG C 497 26.99 21.99 -25.91
C ARG C 497 27.22 20.49 -25.83
N ASP C 498 26.67 19.86 -24.79
CA ASP C 498 26.71 18.42 -24.62
C ASP C 498 25.33 17.87 -24.98
N TYR C 499 25.24 17.20 -26.12
CA TYR C 499 23.94 16.75 -26.63
C TYR C 499 23.40 15.54 -25.87
N LYS C 500 24.25 14.81 -25.16
CA LYS C 500 23.79 13.62 -24.45
C LYS C 500 22.83 13.98 -23.32
N GLN C 501 23.24 14.92 -22.46
CA GLN C 501 22.37 15.32 -21.35
C GLN C 501 21.10 15.99 -21.86
N ALA C 502 21.21 16.80 -22.91
CA ALA C 502 20.02 17.41 -23.50
C ALA C 502 19.07 16.36 -24.03
N LEU C 503 19.62 15.32 -24.69
CA LEU C 503 18.79 14.23 -25.19
C LEU C 503 18.10 13.49 -24.05
N LYS C 504 18.84 13.22 -22.97
CA LYS C 504 18.23 12.52 -21.84
C LYS C 504 17.11 13.34 -21.20
N TYR C 505 17.34 14.63 -21.01
CA TYR C 505 16.31 15.48 -20.41
C TYR C 505 15.11 15.62 -21.33
N PHE C 506 15.34 15.69 -22.65
CA PHE C 506 14.23 15.74 -23.59
C PHE C 506 13.43 14.45 -23.57
N ASN C 507 14.11 13.31 -23.48
CA ASN C 507 13.39 12.04 -23.36
C ASN C 507 12.56 11.99 -22.09
N LEU C 508 13.13 12.45 -20.98
CA LEU C 508 12.38 12.48 -19.72
C LEU C 508 11.17 13.39 -19.81
N ALA C 509 11.33 14.57 -20.42
CA ALA C 509 10.21 15.49 -20.58
C ALA C 509 9.14 14.91 -21.48
N SER C 510 9.54 14.23 -22.56
CA SER C 510 8.56 13.60 -23.44
C SER C 510 7.81 12.49 -22.72
N GLN C 511 8.50 11.72 -21.90
CA GLN C 511 7.81 10.74 -21.05
C GLN C 511 6.86 11.43 -20.09
N GLY C 512 7.21 12.65 -19.64
CA GLY C 512 6.29 13.44 -18.87
C GLY C 512 5.07 13.89 -19.65
N GLY C 513 5.23 14.20 -20.93
CA GLY C 513 4.11 14.55 -21.78
C GLY C 513 4.14 15.98 -22.30
N HIS C 514 5.33 16.52 -22.54
CA HIS C 514 5.47 17.88 -23.04
C HIS C 514 5.77 17.84 -24.54
N ILE C 515 5.04 18.68 -25.30
CA ILE C 515 5.12 18.65 -26.75
C ILE C 515 6.49 19.12 -27.24
N LEU C 516 7.07 20.12 -26.57
CA LEU C 516 8.35 20.66 -27.01
C LEU C 516 9.45 19.62 -26.96
N ALA C 517 9.36 18.66 -26.04
CA ALA C 517 10.34 17.59 -25.99
C ALA C 517 10.30 16.76 -27.27
N PHE C 518 9.09 16.40 -27.72
CA PHE C 518 8.94 15.68 -28.97
C PHE C 518 9.43 16.51 -30.15
N TYR C 519 9.13 17.82 -30.13
CA TYR C 519 9.59 18.71 -31.19
C TYR C 519 11.11 18.69 -31.29
N ASN C 520 11.79 18.88 -30.16
CA ASN C 520 13.24 18.92 -30.17
C ASN C 520 13.84 17.57 -30.56
N LEU C 521 13.24 16.47 -30.08
CA LEU C 521 13.76 15.16 -30.43
C LEU C 521 13.62 14.89 -31.93
N ALA C 522 12.47 15.27 -32.51
CA ALA C 522 12.30 15.11 -33.94
C ALA C 522 13.27 15.98 -34.73
N GLN C 523 13.51 17.21 -34.25
CA GLN C 523 14.49 18.06 -34.91
C GLN C 523 15.87 17.42 -34.88
N MET C 524 16.25 16.85 -33.73
CA MET C 524 17.55 16.19 -33.64
C MET C 524 17.63 15.00 -34.58
N HIS C 525 16.57 14.20 -34.67
CA HIS C 525 16.58 13.04 -35.55
C HIS C 525 16.60 13.45 -37.02
N ALA C 526 15.95 14.57 -37.36
CA ALA C 526 15.93 15.02 -38.74
C ALA C 526 17.26 15.63 -39.17
N SER C 527 17.87 16.42 -38.30
CA SER C 527 19.14 17.08 -38.63
C SER C 527 20.36 16.26 -38.26
N GLY C 528 20.18 15.11 -37.60
CA GLY C 528 21.31 14.32 -37.17
C GLY C 528 22.13 14.95 -36.06
N THR C 529 21.53 15.85 -35.29
CA THR C 529 22.23 16.56 -34.23
C THR C 529 22.15 15.75 -32.93
N GLY C 530 23.30 15.29 -32.46
CA GLY C 530 23.35 14.48 -31.25
C GLY C 530 23.08 13.00 -31.47
N VAL C 531 22.03 12.67 -32.23
CA VAL C 531 21.69 11.29 -32.54
C VAL C 531 21.79 11.11 -34.05
N MET C 532 21.88 9.85 -34.47
CA MET C 532 21.96 9.53 -35.89
C MET C 532 20.71 10.01 -36.62
N ARG C 533 20.90 10.47 -37.85
CA ARG C 533 19.82 11.07 -38.62
C ARG C 533 18.87 9.99 -39.10
N SER C 534 17.78 9.79 -38.37
CA SER C 534 16.71 8.87 -38.76
C SER C 534 15.45 9.69 -39.05
N CYS C 535 14.88 9.52 -40.23
CA CYS C 535 13.74 10.31 -40.65
C CYS C 535 12.41 9.79 -40.10
N HIS C 536 12.27 8.47 -39.97
CA HIS C 536 10.98 7.90 -39.59
C HIS C 536 10.58 8.33 -38.19
N THR C 537 11.52 8.28 -37.23
CA THR C 537 11.19 8.68 -35.87
C THR C 537 10.89 10.18 -35.80
N ALA C 538 11.62 10.99 -36.57
CA ALA C 538 11.34 12.42 -36.62
C ALA C 538 9.94 12.67 -37.15
N VAL C 539 9.53 11.95 -38.18
CA VAL C 539 8.19 12.10 -38.74
C VAL C 539 7.14 11.69 -37.74
N GLU C 540 7.35 10.58 -37.03
CA GLU C 540 6.38 10.14 -36.03
C GLU C 540 6.23 11.16 -34.91
N LEU C 541 7.36 11.68 -34.41
CA LEU C 541 7.31 12.68 -33.35
C LEU C 541 6.62 13.95 -33.82
N PHE C 542 6.93 14.39 -35.05
CA PHE C 542 6.28 15.56 -35.59
C PHE C 542 4.78 15.34 -35.75
N LYS C 543 4.38 14.14 -36.17
CA LYS C 543 2.96 13.82 -36.29
C LYS C 543 2.27 13.90 -34.94
N ASN C 544 2.90 13.33 -33.91
CA ASN C 544 2.31 13.39 -32.58
C ASN C 544 2.24 14.83 -32.07
N VAL C 545 3.21 15.66 -32.43
CA VAL C 545 3.17 17.07 -32.06
C VAL C 545 2.01 17.77 -32.78
N CYS C 546 1.90 17.56 -34.09
CA CYS C 546 0.88 18.23 -34.89
C CYS C 546 -0.53 17.82 -34.51
N GLU C 547 -0.71 16.60 -33.98
CA GLU C 547 -2.02 16.16 -33.55
C GLU C 547 -2.46 16.79 -32.23
N ARG C 548 -1.77 17.83 -31.79
CA ARG C 548 -2.11 18.55 -30.56
C ARG C 548 -2.48 20.01 -30.84
N GLY C 549 -2.69 20.39 -32.09
CA GLY C 549 -2.95 21.76 -32.43
C GLY C 549 -4.35 22.21 -32.02
N ARG C 550 -4.63 23.47 -32.35
CA ARG C 550 -5.96 24.02 -32.05
C ARG C 550 -7.05 23.26 -32.78
N TRP C 551 -6.83 22.96 -34.07
CA TRP C 551 -7.83 22.24 -34.85
C TRP C 551 -8.13 20.85 -34.27
N SER C 552 -7.21 20.29 -33.49
CA SER C 552 -7.46 19.01 -32.85
C SER C 552 -8.65 19.07 -31.90
N GLU C 553 -9.03 20.26 -31.45
CA GLU C 553 -10.24 20.38 -30.63
C GLU C 553 -11.51 20.08 -31.41
N ARG C 554 -11.47 20.24 -32.74
CA ARG C 554 -12.66 20.02 -33.55
C ARG C 554 -13.25 18.63 -33.33
N LEU C 555 -12.40 17.65 -33.00
CA LEU C 555 -12.89 16.31 -32.70
C LEU C 555 -14.03 16.35 -31.70
N MET C 556 -13.84 17.08 -30.60
CA MET C 556 -14.89 17.19 -29.59
C MET C 556 -16.19 17.70 -30.22
N THR C 557 -16.09 18.76 -31.02
CA THR C 557 -17.26 19.27 -31.71
C THR C 557 -17.92 18.17 -32.52
N ALA C 558 -17.12 17.44 -33.32
CA ALA C 558 -17.66 16.31 -34.05
C ALA C 558 -18.29 15.31 -33.11
N TYR C 559 -17.59 14.99 -32.01
CA TYR C 559 -18.16 14.10 -31.01
C TYR C 559 -19.50 14.61 -30.52
N ASN C 560 -19.60 15.92 -30.29
CA ASN C 560 -20.87 16.51 -29.88
C ASN C 560 -21.94 16.24 -30.92
N SER C 561 -21.63 16.44 -32.20
CA SER C 561 -22.62 16.19 -33.24
C SER C 561 -22.95 14.71 -33.36
N TYR C 562 -22.11 13.83 -32.80
CA TYR C 562 -22.47 12.43 -32.76
C TYR C 562 -23.51 12.16 -31.67
N LYS C 563 -23.41 12.87 -30.55
CA LYS C 563 -24.37 12.68 -29.47
C LYS C 563 -25.67 13.44 -29.69
N ASP C 564 -25.70 14.37 -30.64
CA ASP C 564 -26.90 15.13 -30.97
C ASP C 564 -27.71 14.47 -32.08
N GLU C 565 -27.37 13.23 -32.45
CA GLU C 565 -28.01 12.45 -33.52
C GLU C 565 -27.75 13.04 -34.91
N ASP C 566 -27.04 14.16 -35.01
CA ASP C 566 -26.72 14.78 -36.30
C ASP C 566 -25.46 14.12 -36.82
N TYR C 567 -25.62 12.91 -37.35
CA TYR C 567 -24.47 12.10 -37.74
C TYR C 567 -23.82 12.56 -39.04
N ASN C 568 -24.52 13.32 -39.87
CA ASN C 568 -23.93 13.77 -41.13
C ASN C 568 -22.79 14.76 -40.88
N ALA C 569 -23.03 15.78 -40.06
CA ALA C 569 -21.98 16.74 -39.76
C ALA C 569 -20.84 16.08 -39.00
N ALA C 570 -21.16 15.14 -38.11
CA ALA C 570 -20.13 14.41 -37.40
C ALA C 570 -19.25 13.61 -38.36
N VAL C 571 -19.87 12.95 -39.35
CA VAL C 571 -19.08 12.16 -40.30
C VAL C 571 -18.26 13.08 -41.20
N VAL C 572 -18.76 14.27 -41.52
CA VAL C 572 -17.97 15.17 -42.37
C VAL C 572 -16.76 15.70 -41.60
N GLN C 573 -16.97 16.11 -40.35
CA GLN C 573 -15.85 16.56 -39.53
C GLN C 573 -14.84 15.43 -39.34
N TYR C 574 -15.32 14.21 -39.14
CA TYR C 574 -14.42 13.09 -38.95
C TYR C 574 -13.69 12.72 -40.24
N LEU C 575 -14.33 12.86 -41.40
CA LEU C 575 -13.62 12.65 -42.65
C LEU C 575 -12.54 13.68 -42.85
N LEU C 576 -12.80 14.95 -42.51
CA LEU C 576 -11.76 15.96 -42.59
C LEU C 576 -10.60 15.61 -41.67
N LEU C 577 -10.89 15.34 -40.39
CA LEU C 577 -9.83 15.05 -39.44
C LEU C 577 -9.18 13.69 -39.68
N ALA C 578 -9.77 12.84 -40.51
CA ALA C 578 -9.13 11.61 -40.95
C ALA C 578 -8.29 11.83 -42.19
N GLU C 579 -8.58 12.85 -42.98
CA GLU C 579 -7.69 13.24 -44.05
C GLU C 579 -6.34 13.70 -43.50
N GLN C 580 -6.36 14.35 -42.35
CA GLN C 580 -5.14 14.80 -41.69
C GLN C 580 -4.36 13.65 -41.06
N GLY C 581 -4.93 12.46 -40.99
CA GLY C 581 -4.20 11.31 -40.51
C GLY C 581 -4.35 11.00 -39.03
N TYR C 582 -5.40 11.49 -38.39
CA TYR C 582 -5.63 11.11 -37.01
C TYR C 582 -5.94 9.63 -36.91
N GLU C 583 -5.74 9.08 -35.71
CA GLU C 583 -6.16 7.71 -35.44
C GLU C 583 -7.58 7.65 -34.93
N VAL C 584 -7.95 8.58 -34.04
CA VAL C 584 -9.31 8.61 -33.52
C VAL C 584 -10.30 8.99 -34.62
N ALA C 585 -9.94 9.98 -35.45
CA ALA C 585 -10.86 10.44 -36.47
C ALA C 585 -11.14 9.35 -37.51
N GLN C 586 -10.10 8.63 -37.94
CA GLN C 586 -10.30 7.55 -38.91
C GLN C 586 -11.21 6.47 -38.34
N SER C 587 -10.95 6.05 -37.11
CA SER C 587 -11.77 5.00 -36.50
C SER C 587 -13.21 5.47 -36.33
N ASN C 588 -13.40 6.70 -35.87
CA ASN C 588 -14.76 7.21 -35.67
C ASN C 588 -15.51 7.33 -37.00
N ALA C 589 -14.85 7.84 -38.04
CA ALA C 589 -15.51 7.97 -39.33
C ALA C 589 -15.85 6.60 -39.91
N ALA C 590 -14.94 5.64 -39.78
CA ALA C 590 -15.22 4.29 -40.26
C ALA C 590 -16.37 3.67 -39.50
N PHE C 591 -16.41 3.88 -38.18
CA PHE C 591 -17.49 3.33 -37.37
C PHE C 591 -18.83 3.92 -37.77
N ILE C 592 -18.89 5.25 -37.92
CA ILE C 592 -20.15 5.90 -38.29
C ILE C 592 -20.60 5.44 -39.67
N LEU C 593 -19.67 5.38 -40.62
CA LEU C 593 -20.01 4.87 -41.94
C LEU C 593 -20.41 3.40 -41.89
N ASP C 594 -19.97 2.68 -40.87
CA ASP C 594 -20.26 1.26 -40.72
C ASP C 594 -21.71 1.03 -40.30
N GLN C 595 -22.10 1.62 -39.17
CA GLN C 595 -23.46 1.43 -38.65
C GLN C 595 -24.52 2.14 -39.49
N ARG C 596 -24.10 2.83 -40.55
CA ARG C 596 -25.02 3.46 -41.50
C ARG C 596 -25.87 4.54 -40.87
N GLU C 597 -25.30 5.29 -39.94
CA GLU C 597 -25.99 6.42 -39.34
C GLU C 597 -25.79 7.72 -40.11
N ALA C 598 -24.88 7.76 -41.08
CA ALA C 598 -24.62 8.94 -41.87
C ALA C 598 -25.32 8.79 -43.22
N THR C 599 -26.27 9.67 -43.50
CA THR C 599 -27.06 9.60 -44.71
C THR C 599 -26.47 10.37 -45.88
N ILE C 600 -25.40 11.14 -45.66
CA ILE C 600 -24.80 11.91 -46.74
C ILE C 600 -24.22 10.98 -47.80
N VAL C 601 -23.44 9.98 -47.37
CA VAL C 601 -22.84 9.04 -48.30
C VAL C 601 -23.92 8.09 -48.84
N GLY C 602 -23.76 7.69 -50.09
CA GLY C 602 -24.68 6.74 -50.69
C GLY C 602 -24.68 5.41 -49.97
N GLU C 603 -25.88 4.87 -49.69
CA GLU C 603 -25.99 3.62 -48.96
C GLU C 603 -25.44 2.43 -49.73
N ASN C 604 -25.22 2.58 -51.03
CA ASN C 604 -24.52 1.56 -51.81
C ASN C 604 -23.01 1.77 -51.81
N GLU C 605 -22.51 2.77 -51.07
CA GLU C 605 -21.08 3.04 -51.04
C GLU C 605 -20.56 3.33 -49.63
N THR C 606 -21.37 3.09 -48.58
CA THR C 606 -20.87 3.27 -47.23
C THR C 606 -19.77 2.28 -46.90
N TYR C 607 -19.92 1.04 -47.33
CA TYR C 607 -18.96 0.00 -46.99
C TYR C 607 -17.61 0.17 -47.69
N PRO C 608 -17.54 0.62 -48.95
CA PRO C 608 -16.21 0.93 -49.50
C PRO C 608 -15.44 1.96 -48.69
N ARG C 609 -16.06 3.09 -48.36
CA ARG C 609 -15.37 4.11 -47.58
C ARG C 609 -15.04 3.62 -46.17
N ALA C 610 -15.97 2.88 -45.56
CA ALA C 610 -15.70 2.33 -44.23
C ALA C 610 -14.52 1.37 -44.27
N LEU C 611 -14.44 0.54 -45.31
CA LEU C 611 -13.30 -0.35 -45.46
C LEU C 611 -12.01 0.44 -45.65
N LEU C 612 -12.07 1.51 -46.44
CA LEU C 612 -10.90 2.34 -46.66
C LEU C 612 -10.39 2.93 -45.35
N HIS C 613 -11.29 3.45 -44.53
CA HIS C 613 -10.87 4.08 -43.29
C HIS C 613 -10.44 3.04 -42.24
N TRP C 614 -11.07 1.86 -42.24
CA TRP C 614 -10.57 0.79 -41.38
C TRP C 614 -9.16 0.38 -41.79
N ASN C 615 -8.90 0.30 -43.10
CA ASN C 615 -7.58 -0.05 -43.58
C ASN C 615 -6.56 1.01 -43.18
N ARG C 616 -6.94 2.29 -43.28
CA ARG C 616 -6.04 3.36 -42.84
C ARG C 616 -5.77 3.28 -41.35
N ALA C 617 -6.80 3.00 -40.55
CA ALA C 617 -6.63 2.92 -39.10
C ALA C 617 -5.89 1.68 -38.67
N ALA C 618 -5.85 0.64 -39.51
CA ALA C 618 -5.08 -0.56 -39.17
C ALA C 618 -3.59 -0.32 -39.30
N SER C 619 -3.19 0.45 -40.31
CA SER C 619 -1.77 0.75 -40.52
C SER C 619 -1.18 1.63 -39.42
N GLN C 620 -2.02 2.22 -38.58
CA GLN C 620 -1.56 3.02 -37.45
C GLN C 620 -1.67 2.28 -36.12
N GLY C 621 -1.74 0.95 -36.17
CA GLY C 621 -1.74 0.16 -34.95
C GLY C 621 -3.01 0.27 -34.14
N TYR C 622 -4.12 -0.24 -34.69
CA TYR C 622 -5.39 -0.29 -33.97
C TYR C 622 -5.97 -1.69 -34.15
N THR C 623 -6.11 -2.42 -33.06
CA THR C 623 -6.56 -3.81 -33.13
C THR C 623 -7.97 -3.90 -33.71
N VAL C 624 -8.86 -3.00 -33.27
CA VAL C 624 -10.24 -3.04 -33.73
C VAL C 624 -10.31 -2.88 -35.24
N ALA C 625 -9.43 -2.04 -35.80
CA ALA C 625 -9.41 -1.87 -37.25
C ALA C 625 -9.03 -3.16 -37.96
N ARG C 626 -8.03 -3.88 -37.45
CA ARG C 626 -7.64 -5.14 -38.08
C ARG C 626 -8.75 -6.17 -37.99
N ILE C 627 -9.40 -6.26 -36.82
CA ILE C 627 -10.51 -7.21 -36.67
C ILE C 627 -11.66 -6.83 -37.59
N LYS C 628 -11.95 -5.54 -37.74
CA LYS C 628 -13.03 -5.11 -38.61
C LYS C 628 -12.72 -5.36 -40.07
N LEU C 629 -11.45 -5.20 -40.48
CA LEU C 629 -11.08 -5.58 -41.84
C LEU C 629 -11.26 -7.08 -42.06
N GLY C 630 -10.88 -7.89 -41.07
CA GLY C 630 -11.13 -9.31 -41.17
C GLY C 630 -12.61 -9.62 -41.32
N ASP C 631 -13.46 -8.93 -40.53
CA ASP C 631 -14.92 -9.14 -40.63
C ASP C 631 -15.41 -8.75 -42.02
N TYR C 632 -14.97 -7.60 -42.53
CA TYR C 632 -15.43 -7.10 -43.83
C TYR C 632 -15.06 -8.07 -44.94
N HIS C 633 -13.83 -8.56 -44.95
CA HIS C 633 -13.45 -9.55 -45.95
C HIS C 633 -14.05 -10.92 -45.68
N PHE C 634 -14.56 -11.14 -44.47
CA PHE C 634 -15.14 -12.43 -44.10
C PHE C 634 -16.60 -12.53 -44.51
N TYR C 635 -17.44 -11.63 -44.00
CA TYR C 635 -18.87 -11.66 -44.30
C TYR C 635 -19.12 -11.40 -45.78
N GLY C 636 -18.54 -10.33 -46.32
CA GLY C 636 -18.77 -9.96 -47.70
C GLY C 636 -19.03 -8.47 -47.83
N PHE C 637 -18.91 -7.74 -46.73
CA PHE C 637 -19.09 -6.30 -46.75
C PHE C 637 -17.99 -5.63 -47.59
N GLY C 638 -18.38 -4.61 -48.35
CA GLY C 638 -17.41 -3.84 -49.09
C GLY C 638 -16.81 -4.57 -50.26
N THR C 639 -16.04 -5.61 -49.98
CA THR C 639 -15.42 -6.44 -50.98
C THR C 639 -16.15 -7.79 -51.07
N ASP C 640 -15.82 -8.55 -52.10
CA ASP C 640 -16.38 -9.88 -52.25
C ASP C 640 -15.91 -10.78 -51.11
N VAL C 641 -16.58 -11.93 -50.96
CA VAL C 641 -16.22 -12.86 -49.91
C VAL C 641 -14.81 -13.41 -50.16
N ASP C 642 -13.97 -13.35 -49.13
CA ASP C 642 -12.58 -13.79 -49.25
C ASP C 642 -12.15 -14.27 -47.86
N TYR C 643 -12.15 -15.59 -47.67
CA TYR C 643 -11.78 -16.13 -46.36
C TYR C 643 -10.27 -16.03 -46.12
N GLU C 644 -9.46 -16.10 -47.19
CA GLU C 644 -8.02 -16.04 -47.02
C GLU C 644 -7.58 -14.70 -46.43
N THR C 645 -8.08 -13.60 -47.00
CA THR C 645 -7.67 -12.28 -46.51
C THR C 645 -8.16 -12.05 -45.09
N ALA C 646 -9.38 -12.50 -44.78
CA ALA C 646 -9.89 -12.38 -43.42
C ALA C 646 -9.02 -13.16 -42.44
N PHE C 647 -8.60 -14.36 -42.84
CA PHE C 647 -7.70 -15.15 -42.00
C PHE C 647 -6.38 -14.41 -41.79
N ILE C 648 -5.85 -13.81 -42.85
CA ILE C 648 -4.58 -13.11 -42.74
C ILE C 648 -4.70 -11.95 -41.76
N HIS C 649 -5.76 -11.16 -41.89
CA HIS C 649 -5.93 -10.01 -41.00
C HIS C 649 -6.16 -10.45 -39.57
N TYR C 650 -6.93 -11.53 -39.36
CA TYR C 650 -7.11 -12.05 -38.00
C TYR C 650 -5.78 -12.48 -37.40
N ARG C 651 -4.97 -13.21 -38.17
CA ARG C 651 -3.69 -13.67 -37.67
C ARG C 651 -2.77 -12.51 -37.35
N LEU C 652 -2.75 -11.50 -38.23
CA LEU C 652 -1.93 -10.32 -37.98
C LEU C 652 -2.37 -9.59 -36.71
N ALA C 653 -3.68 -9.46 -36.49
CA ALA C 653 -4.15 -8.82 -35.27
C ALA C 653 -3.73 -9.62 -34.04
N SER C 654 -3.88 -10.95 -34.10
CA SER C 654 -3.52 -11.80 -32.97
C SER C 654 -2.04 -11.70 -32.66
N GLU C 655 -1.19 -11.72 -33.69
CA GLU C 655 0.25 -11.64 -33.47
C GLU C 655 0.66 -10.27 -32.94
N GLN C 656 0.19 -9.19 -33.58
CA GLN C 656 0.66 -7.87 -33.23
C GLN C 656 0.13 -7.43 -31.86
N GLN C 657 -1.17 -7.60 -31.61
CA GLN C 657 -1.78 -7.01 -30.43
C GLN C 657 -2.28 -8.01 -29.40
N HIS C 658 -2.24 -9.30 -29.71
CA HIS C 658 -2.70 -10.35 -28.79
C HIS C 658 -4.16 -10.12 -28.38
N SER C 659 -5.03 -10.07 -29.39
CA SER C 659 -6.45 -9.85 -29.17
C SER C 659 -7.14 -11.18 -28.90
N ALA C 660 -7.91 -11.24 -27.81
CA ALA C 660 -8.62 -12.46 -27.48
C ALA C 660 -9.62 -12.84 -28.57
N GLN C 661 -10.37 -11.87 -29.08
CA GLN C 661 -11.35 -12.15 -30.13
C GLN C 661 -10.67 -12.58 -31.42
N ALA C 662 -9.51 -12.02 -31.73
CA ALA C 662 -8.76 -12.47 -32.90
C ALA C 662 -8.35 -13.93 -32.76
N MET C 663 -7.88 -14.33 -31.57
CA MET C 663 -7.53 -15.72 -31.35
C MET C 663 -8.75 -16.63 -31.44
N PHE C 664 -9.88 -16.19 -30.89
CA PHE C 664 -11.09 -16.99 -30.98
C PHE C 664 -11.53 -17.17 -32.43
N ASN C 665 -11.46 -16.10 -33.22
CA ASN C 665 -11.82 -16.20 -34.63
C ASN C 665 -10.84 -17.07 -35.41
N LEU C 666 -9.55 -17.02 -35.06
CA LEU C 666 -8.60 -17.93 -35.67
C LEU C 666 -8.96 -19.38 -35.34
N GLY C 667 -9.32 -19.65 -34.10
CA GLY C 667 -9.76 -20.99 -33.74
C GLY C 667 -10.99 -21.43 -34.51
N TYR C 668 -11.94 -20.51 -34.68
CA TYR C 668 -13.14 -20.83 -35.45
C TYR C 668 -12.79 -21.13 -36.91
N MET C 669 -11.88 -20.35 -37.49
CA MET C 669 -11.52 -20.57 -38.89
C MET C 669 -10.76 -21.88 -39.06
N HIS C 670 -9.91 -22.23 -38.09
CA HIS C 670 -9.22 -23.52 -38.17
C HIS C 670 -10.17 -24.69 -37.94
N GLU C 671 -11.16 -24.52 -37.08
CA GLU C 671 -12.14 -25.58 -36.85
C GLU C 671 -13.00 -25.81 -38.09
N LYS C 672 -13.55 -24.74 -38.65
CA LYS C 672 -14.42 -24.85 -39.82
C LYS C 672 -13.66 -25.08 -41.11
N GLY C 673 -12.33 -25.02 -41.08
CA GLY C 673 -11.55 -25.19 -42.29
C GLY C 673 -11.74 -24.08 -43.30
N LEU C 674 -11.74 -22.83 -42.85
CA LEU C 674 -11.89 -21.68 -43.73
C LEU C 674 -10.51 -21.07 -43.97
N GLY C 675 -10.13 -20.95 -45.22
CA GLY C 675 -8.81 -20.40 -45.56
C GLY C 675 -7.66 -21.36 -45.40
N ILE C 676 -7.55 -22.00 -44.23
CA ILE C 676 -6.50 -22.97 -43.97
C ILE C 676 -7.14 -24.36 -43.88
N LYS C 677 -6.30 -25.38 -43.95
CA LYS C 677 -6.78 -26.76 -43.87
C LYS C 677 -7.45 -27.00 -42.52
N GLN C 678 -8.54 -27.75 -42.54
CA GLN C 678 -9.33 -28.02 -41.34
C GLN C 678 -8.54 -28.93 -40.41
N ASP C 679 -7.97 -28.34 -39.37
CA ASP C 679 -7.21 -29.07 -38.36
C ASP C 679 -7.81 -28.78 -36.99
N ILE C 680 -8.19 -29.84 -36.28
CA ILE C 680 -8.83 -29.67 -34.97
C ILE C 680 -7.80 -29.37 -33.89
N HIS C 681 -6.61 -29.95 -33.99
CA HIS C 681 -5.60 -29.74 -32.95
C HIS C 681 -5.17 -28.28 -32.90
N LEU C 682 -4.94 -27.66 -34.06
CA LEU C 682 -4.60 -26.24 -34.09
C LEU C 682 -5.76 -25.40 -33.55
N ALA C 683 -7.00 -25.83 -33.83
CA ALA C 683 -8.15 -25.13 -33.29
C ALA C 683 -8.15 -25.18 -31.77
N LYS C 684 -7.86 -26.35 -31.19
CA LYS C 684 -7.77 -26.48 -29.75
C LYS C 684 -6.68 -25.59 -29.19
N ARG C 685 -5.53 -25.56 -29.85
CA ARG C 685 -4.43 -24.70 -29.41
C ARG C 685 -4.84 -23.23 -29.41
N PHE C 686 -5.51 -22.79 -30.48
CA PHE C 686 -5.90 -21.40 -30.59
C PHE C 686 -6.98 -21.04 -29.58
N TYR C 687 -7.93 -21.94 -29.33
CA TYR C 687 -8.93 -21.68 -28.30
C TYR C 687 -8.29 -21.58 -26.93
N ASP C 688 -7.31 -22.44 -26.64
CA ASP C 688 -6.61 -22.34 -25.35
C ASP C 688 -5.87 -21.02 -25.25
N MET C 689 -5.24 -20.59 -26.34
CA MET C 689 -4.52 -19.31 -26.32
C MET C 689 -5.48 -18.15 -26.11
N ALA C 690 -6.68 -18.22 -26.72
CA ALA C 690 -7.68 -17.20 -26.48
C ALA C 690 -8.12 -17.20 -25.02
N ALA C 691 -8.30 -18.39 -24.44
CA ALA C 691 -8.71 -18.48 -23.05
C ALA C 691 -7.68 -17.88 -22.12
N GLU C 692 -6.40 -18.17 -22.37
CA GLU C 692 -5.33 -17.66 -21.52
C GLU C 692 -4.95 -16.22 -21.83
N ALA C 693 -5.40 -15.68 -22.96
CA ALA C 693 -5.05 -14.31 -23.33
C ALA C 693 -5.90 -13.27 -22.63
N SER C 694 -7.09 -13.64 -22.14
CA SER C 694 -7.96 -12.68 -21.47
C SER C 694 -8.90 -13.42 -20.55
N PRO C 695 -9.24 -12.86 -19.39
CA PRO C 695 -10.17 -13.55 -18.48
C PRO C 695 -11.62 -13.51 -18.93
N ASP C 696 -12.02 -12.53 -19.75
CA ASP C 696 -13.40 -12.44 -20.21
C ASP C 696 -13.74 -13.46 -21.28
N ALA C 697 -12.74 -14.13 -21.86
CA ALA C 697 -12.96 -15.12 -22.91
C ALA C 697 -13.13 -16.53 -22.36
N GLN C 698 -13.59 -16.67 -21.11
CA GLN C 698 -13.72 -17.99 -20.52
C GLN C 698 -14.95 -18.72 -21.05
N VAL C 699 -16.13 -18.09 -20.94
CA VAL C 699 -17.36 -18.75 -21.37
C VAL C 699 -17.38 -19.02 -22.87
N PRO C 700 -17.08 -18.07 -23.76
CA PRO C 700 -17.12 -18.40 -25.19
C PRO C 700 -16.15 -19.49 -25.58
N VAL C 701 -14.95 -19.49 -25.00
CA VAL C 701 -13.98 -20.55 -25.29
C VAL C 701 -14.49 -21.89 -24.77
N PHE C 702 -15.09 -21.90 -23.57
CA PHE C 702 -15.62 -23.13 -23.03
C PHE C 702 -16.72 -23.70 -23.91
N LEU C 703 -17.65 -22.85 -24.37
CA LEU C 703 -18.72 -23.33 -25.24
C LEU C 703 -18.18 -23.81 -26.58
N ALA C 704 -17.23 -23.08 -27.16
CA ALA C 704 -16.66 -23.51 -28.42
C ALA C 704 -15.92 -24.83 -28.28
N LEU C 705 -15.22 -25.01 -27.17
CA LEU C 705 -14.52 -26.28 -26.93
C LEU C 705 -15.52 -27.41 -26.70
N CYS C 706 -16.65 -27.13 -26.05
CA CYS C 706 -17.69 -28.14 -25.90
C CYS C 706 -18.24 -28.55 -27.26
N LYS C 707 -18.48 -27.58 -28.14
CA LYS C 707 -18.94 -27.89 -29.49
C LYS C 707 -17.91 -28.71 -30.25
N LEU C 708 -16.63 -28.33 -30.15
CA LEU C 708 -15.58 -29.08 -30.83
C LEU C 708 -15.47 -30.49 -30.29
N GLY C 709 -15.62 -30.66 -28.98
CA GLY C 709 -15.58 -31.99 -28.40
C GLY C 709 -16.76 -32.85 -28.81
N VAL C 710 -17.94 -32.24 -28.93
CA VAL C 710 -19.10 -32.98 -29.42
C VAL C 710 -18.87 -33.46 -30.85
N VAL C 711 -18.35 -32.57 -31.70
CA VAL C 711 -18.06 -32.94 -33.08
C VAL C 711 -17.00 -34.03 -33.12
N TYR C 712 -15.96 -33.91 -32.29
CA TYR C 712 -14.90 -34.90 -32.26
C TYR C 712 -15.42 -36.26 -31.81
N PHE C 713 -16.28 -36.29 -30.79
CA PHE C 713 -16.85 -37.54 -30.33
C PHE C 713 -17.74 -38.17 -31.40
N LEU C 714 -18.54 -37.35 -32.09
CA LEU C 714 -19.36 -37.88 -33.18
C LEU C 714 -18.50 -38.47 -34.29
N GLN C 715 -17.42 -37.78 -34.65
CA GLN C 715 -16.51 -38.30 -35.66
C GLN C 715 -15.87 -39.61 -35.20
N TYR C 716 -15.47 -39.67 -33.92
CA TYR C 716 -14.85 -40.89 -33.39
C TYR C 716 -15.83 -42.05 -33.42
N ILE C 717 -17.09 -41.80 -33.07
CA ILE C 717 -18.10 -42.86 -33.13
C ILE C 717 -18.35 -43.28 -34.56
N ARG C 718 -18.34 -42.33 -35.50
CA ARG C 718 -18.54 -42.68 -36.91
C ARG C 718 -17.41 -43.56 -37.44
N GLU C 719 -16.16 -43.21 -37.10
CA GLU C 719 -15.03 -43.96 -37.64
C GLU C 719 -14.83 -45.30 -36.94
N ALA C 720 -15.16 -45.38 -35.65
CA ALA C 720 -14.95 -46.59 -34.87
C ALA C 720 -16.20 -47.46 -34.87
N ASN C 721 -16.00 -48.75 -34.65
CA ASN C 721 -17.10 -49.71 -34.62
C ASN C 721 -17.41 -50.13 -33.18
N GLU D 115 64.43 -37.72 31.63
CA GLU D 115 64.19 -37.85 33.05
C GLU D 115 63.85 -36.50 33.68
N GLY D 116 64.26 -35.42 33.01
CA GLY D 116 63.97 -34.09 33.52
C GLY D 116 64.76 -33.79 34.78
N THR D 117 64.13 -33.03 35.68
CA THR D 117 64.74 -32.63 36.94
C THR D 117 64.11 -33.41 38.08
N ALA D 118 64.97 -33.94 38.96
CA ALA D 118 64.55 -34.83 40.05
C ALA D 118 64.44 -34.02 41.34
N HIS D 119 63.27 -33.43 41.56
CA HIS D 119 62.98 -32.70 42.79
C HIS D 119 62.24 -33.60 43.76
N GLY D 120 62.68 -33.60 45.02
CA GLY D 120 62.09 -34.47 46.01
C GLY D 120 62.49 -35.92 45.94
N GLU D 121 63.75 -36.20 45.64
CA GLU D 121 64.30 -37.54 45.48
C GLU D 121 65.58 -37.66 46.29
N PRO D 122 66.03 -38.90 46.60
CA PRO D 122 67.27 -39.10 47.37
C PRO D 122 68.50 -38.70 46.54
N CYS D 123 69.60 -38.35 47.22
CA CYS D 123 70.82 -37.89 46.50
C CYS D 123 72.04 -38.04 47.41
N HIS D 124 72.09 -39.12 48.21
CA HIS D 124 73.20 -39.33 49.16
C HIS D 124 74.53 -39.44 48.41
N PHE D 125 74.54 -40.15 47.27
CA PHE D 125 75.79 -40.35 46.50
C PHE D 125 76.41 -39.00 46.15
N PRO D 126 77.74 -38.83 46.27
CA PRO D 126 78.40 -37.57 45.90
C PRO D 126 78.16 -37.28 44.41
N PHE D 127 77.82 -36.03 44.08
CA PHE D 127 77.51 -35.69 42.67
C PHE D 127 78.57 -34.73 42.12
N LEU D 128 79.01 -34.96 40.87
CA LEU D 128 79.98 -34.07 40.25
C LEU D 128 79.31 -32.76 39.85
N PHE D 129 79.91 -31.65 40.26
CA PHE D 129 79.38 -30.33 39.94
C PHE D 129 80.55 -29.39 39.72
N LEU D 130 80.63 -28.82 38.52
CA LEU D 130 81.73 -27.94 38.13
C LEU D 130 83.08 -28.63 38.34
N ASP D 131 83.17 -29.90 37.95
CA ASP D 131 84.37 -30.71 38.09
C ASP D 131 84.85 -30.77 39.54
N LYS D 132 83.90 -30.90 40.47
CA LYS D 132 84.22 -30.99 41.89
C LYS D 132 83.13 -31.82 42.57
N GLU D 133 83.55 -32.91 43.23
CA GLU D 133 82.60 -33.78 43.91
C GLU D 133 82.25 -33.22 45.28
N TYR D 134 80.99 -33.37 45.68
CA TYR D 134 80.52 -32.95 46.99
C TYR D 134 79.89 -34.14 47.70
N ASP D 135 80.30 -34.36 48.95
CA ASP D 135 79.80 -35.48 49.74
C ASP D 135 78.56 -35.12 50.56
N GLU D 136 78.16 -33.85 50.59
CA GLU D 136 77.01 -33.41 51.37
C GLU D 136 76.23 -32.40 50.55
N CYS D 137 75.15 -31.89 51.14
CA CYS D 137 74.34 -30.86 50.48
C CYS D 137 75.14 -29.56 50.38
N THR D 138 75.19 -28.99 49.19
CA THR D 138 75.94 -27.77 48.94
C THR D 138 75.06 -26.75 48.23
N SER D 139 75.41 -25.48 48.40
CA SER D 139 74.68 -24.37 47.81
C SER D 139 75.47 -23.68 46.70
N ASP D 140 76.51 -24.33 46.19
CA ASP D 140 77.31 -23.75 45.12
C ASP D 140 76.52 -23.67 43.83
N GLY D 141 76.75 -22.59 43.08
CA GLY D 141 76.07 -22.37 41.82
C GLY D 141 74.76 -21.62 41.93
N ARG D 142 74.29 -21.33 43.14
CA ARG D 142 73.05 -20.61 43.36
C ARG D 142 73.29 -19.39 44.23
N GLU D 143 72.54 -18.33 43.96
CA GLU D 143 72.66 -17.09 44.72
C GLU D 143 71.81 -17.07 45.98
N ASP D 144 70.72 -17.84 46.01
CA ASP D 144 69.84 -17.86 47.17
C ASP D 144 70.43 -18.66 48.32
N GLY D 145 71.46 -19.46 48.09
CA GLY D 145 72.10 -20.22 49.14
C GLY D 145 71.38 -21.48 49.55
N ARG D 146 70.35 -21.90 48.82
CA ARG D 146 69.65 -23.13 49.15
C ARG D 146 70.54 -24.34 48.93
N LEU D 147 70.49 -25.28 49.88
CA LEU D 147 71.27 -26.50 49.79
C LEU D 147 70.59 -27.44 48.79
N TRP D 148 71.20 -27.61 47.62
CA TRP D 148 70.67 -28.45 46.57
C TRP D 148 71.55 -29.67 46.36
N CYS D 149 70.95 -30.75 45.87
CA CYS D 149 71.64 -32.01 45.67
C CYS D 149 71.31 -32.55 44.29
N ALA D 150 72.22 -33.35 43.75
CA ALA D 150 72.03 -34.00 42.45
C ALA D 150 71.86 -35.50 42.65
N THR D 151 70.79 -36.05 42.07
CA THR D 151 70.48 -37.47 42.21
C THR D 151 71.36 -38.36 41.34
N THR D 152 72.18 -37.78 40.47
CA THR D 152 73.07 -38.54 39.61
C THR D 152 74.51 -38.22 39.94
N TYR D 153 75.42 -39.11 39.52
CA TYR D 153 76.84 -38.91 39.79
C TYR D 153 77.37 -37.67 39.08
N ASP D 154 76.94 -37.44 37.84
CA ASP D 154 77.37 -36.28 37.05
C ASP D 154 76.16 -35.38 36.83
N TYR D 155 76.19 -34.20 37.45
CA TYR D 155 75.10 -33.25 37.28
C TYR D 155 75.15 -32.56 35.92
N LYS D 156 76.34 -32.46 35.33
CA LYS D 156 76.49 -31.74 34.06
C LYS D 156 75.75 -32.42 32.93
N THR D 157 75.72 -33.75 32.90
CA THR D 157 75.14 -34.48 31.78
C THR D 157 73.62 -34.67 31.93
N ASP D 158 73.20 -35.33 33.01
CA ASP D 158 71.78 -35.62 33.19
C ASP D 158 70.97 -34.41 33.63
N GLU D 159 71.62 -33.38 34.18
CA GLU D 159 70.95 -32.18 34.67
C GLU D 159 69.89 -32.52 35.71
N LYS D 160 70.16 -33.53 36.53
CA LYS D 160 69.25 -33.97 37.59
C LYS D 160 69.73 -33.38 38.91
N TRP D 161 68.84 -32.61 39.56
CA TRP D 161 69.18 -31.98 40.82
C TRP D 161 67.91 -31.76 41.63
N GLY D 162 68.09 -31.56 42.93
CA GLY D 162 66.97 -31.33 43.82
C GLY D 162 67.43 -30.73 45.13
N PHE D 163 66.51 -30.06 45.81
CA PHE D 163 66.83 -29.43 47.08
C PHE D 163 66.92 -30.48 48.19
N CYS D 164 67.67 -30.14 49.24
CA CYS D 164 67.80 -30.99 50.41
C CYS D 164 66.79 -30.66 51.51
N GLU D 165 65.91 -29.68 51.28
CA GLU D 165 64.94 -29.27 52.28
C GLU D 165 63.68 -30.10 52.13
N THR D 166 62.60 -29.67 52.78
CA THR D 166 61.35 -30.43 52.82
C THR D 166 60.66 -30.52 51.46
N GLU D 167 61.10 -29.74 50.48
CA GLU D 167 60.55 -29.78 49.12
C GLU D 167 59.06 -29.47 49.10
N GLU D 168 58.64 -28.52 49.94
CA GLU D 168 57.28 -28.03 49.87
C GLU D 168 57.04 -27.30 48.55
N ASP D 169 58.06 -26.59 48.06
CA ASP D 169 57.95 -25.91 46.77
C ASP D 169 57.75 -26.91 45.64
N ALA D 170 58.44 -28.04 45.68
CA ALA D 170 58.25 -29.06 44.64
C ALA D 170 56.84 -29.64 44.68
N ALA D 171 56.32 -29.90 45.88
CA ALA D 171 54.95 -30.40 46.00
C ALA D 171 53.95 -29.38 45.48
N LYS D 172 54.15 -28.10 45.80
CA LYS D 172 53.27 -27.06 45.30
C LYS D 172 53.35 -26.97 43.78
N ARG D 173 54.55 -27.11 43.22
CA ARG D 173 54.72 -27.08 41.77
C ARG D 173 53.99 -28.23 41.10
N ARG D 174 54.11 -29.44 41.66
CA ARG D 174 53.42 -30.59 41.10
C ARG D 174 51.91 -30.43 41.18
N GLN D 175 51.41 -29.95 42.33
CA GLN D 175 49.98 -29.71 42.48
C GLN D 175 49.50 -28.66 41.50
N MET D 176 50.28 -27.60 41.29
CA MET D 176 49.91 -26.56 40.34
C MET D 176 49.88 -27.10 38.92
N GLN D 177 50.85 -27.93 38.56
CA GLN D 177 50.86 -28.51 37.22
C GLN D 177 49.65 -29.42 37.01
N GLU D 178 49.33 -30.25 38.00
CA GLU D 178 48.15 -31.11 37.89
C GLU D 178 46.88 -30.28 37.77
N ALA D 179 46.76 -29.23 38.58
CA ALA D 179 45.58 -28.37 38.53
C ALA D 179 45.47 -27.68 37.19
N GLU D 180 46.59 -27.22 36.64
CA GLU D 180 46.57 -26.57 35.33
C GLU D 180 46.17 -27.54 34.23
N MET D 181 46.65 -28.78 34.31
CA MET D 181 46.25 -29.79 33.34
C MET D 181 44.75 -30.05 33.41
N ILE D 182 44.22 -30.19 34.63
CA ILE D 182 42.78 -30.41 34.79
C ILE D 182 42.00 -29.21 34.27
N TYR D 183 42.48 -28.00 34.56
CA TYR D 183 41.79 -26.79 34.13
C TYR D 183 41.77 -26.68 32.61
N GLN D 184 42.90 -26.96 31.96
CA GLN D 184 42.93 -26.85 30.50
C GLN D 184 42.09 -27.93 29.84
N ALA D 185 42.06 -29.13 30.43
CA ALA D 185 41.16 -30.17 29.92
C ALA D 185 39.71 -29.74 30.05
N GLY D 186 39.34 -29.18 31.21
CA GLY D 186 37.98 -28.70 31.39
C GLY D 186 37.62 -27.56 30.45
N MET D 187 38.58 -26.68 30.19
CA MET D 187 38.32 -25.53 29.32
C MET D 187 38.21 -25.95 27.87
N LYS D 188 39.03 -26.92 27.43
CA LYS D 188 38.86 -27.42 26.07
C LYS D 188 37.59 -28.25 25.94
N ILE D 189 37.12 -28.84 27.04
CA ILE D 189 35.81 -29.50 27.04
C ILE D 189 34.71 -28.47 26.88
N LEU D 190 34.77 -27.38 27.66
CA LEU D 190 33.73 -26.36 27.62
C LEU D 190 33.70 -25.65 26.28
N ASN D 191 34.86 -25.29 25.76
CA ASN D 191 34.95 -24.60 24.48
C ASN D 191 34.78 -25.54 23.29
N GLY D 192 34.82 -26.85 23.52
CA GLY D 192 34.67 -27.82 22.45
C GLY D 192 33.27 -28.27 22.15
N SER D 193 32.31 -27.94 23.02
CA SER D 193 30.92 -28.34 22.81
C SER D 193 30.01 -27.40 23.58
N ASN D 194 28.77 -27.30 23.10
CA ASN D 194 27.75 -26.49 23.75
C ASN D 194 26.71 -27.33 24.47
N ARG D 195 26.94 -28.62 24.61
CA ARG D 195 26.03 -29.48 25.35
C ARG D 195 26.03 -29.10 26.82
N LYS D 196 24.85 -29.02 27.43
CA LYS D 196 24.76 -28.60 28.82
C LYS D 196 25.45 -29.60 29.75
N SER D 197 25.28 -30.90 29.48
CA SER D 197 25.99 -31.89 30.27
C SER D 197 27.50 -31.80 30.08
N GLN D 198 27.94 -31.42 28.88
CA GLN D 198 29.37 -31.20 28.66
C GLN D 198 29.87 -30.05 29.53
N LYS D 199 29.10 -28.97 29.61
CA LYS D 199 29.46 -27.87 30.50
C LYS D 199 29.46 -28.30 31.96
N ARG D 200 28.50 -29.15 32.34
CA ARG D 200 28.45 -29.66 33.70
C ARG D 200 29.70 -30.48 34.02
N GLU D 201 30.12 -31.34 33.10
CA GLU D 201 31.33 -32.13 33.32
C GLU D 201 32.57 -31.24 33.37
N ALA D 202 32.61 -30.19 32.53
CA ALA D 202 33.71 -29.24 32.60
C ALA D 202 33.77 -28.56 33.95
N TYR D 203 32.61 -28.18 34.49
CA TYR D 203 32.60 -27.56 35.82
C TYR D 203 32.90 -28.58 36.92
N ARG D 204 32.59 -29.85 36.70
CA ARG D 204 33.03 -30.89 37.64
C ARG D 204 34.56 -30.97 37.66
N TYR D 205 35.19 -30.92 36.48
CA TYR D 205 36.65 -30.87 36.42
C TYR D 205 37.17 -29.63 37.12
N LEU D 206 36.53 -28.49 36.91
CA LEU D 206 36.96 -27.24 37.55
C LEU D 206 36.87 -27.34 39.07
N GLN D 207 35.76 -27.88 39.58
CA GLN D 207 35.60 -28.06 41.02
C GLN D 207 36.65 -29.02 41.57
N LYS D 208 36.95 -30.08 40.83
CA LYS D 208 38.05 -30.97 41.23
C LYS D 208 39.36 -30.21 41.29
N ALA D 209 39.59 -29.31 40.35
CA ALA D 209 40.80 -28.47 40.34
C ALA D 209 40.65 -27.21 41.18
N ALA D 210 39.49 -27.00 41.81
CA ALA D 210 39.26 -25.82 42.61
C ALA D 210 39.59 -26.11 44.08
N GLY D 211 39.18 -25.22 44.97
CA GLY D 211 39.43 -25.38 46.39
C GLY D 211 40.71 -24.72 46.87
N MET D 212 41.87 -25.25 46.48
CA MET D 212 43.12 -24.71 46.97
C MET D 212 44.21 -24.69 45.90
N ASN D 213 43.84 -24.64 44.61
CA ASN D 213 44.84 -24.71 43.55
C ASN D 213 44.45 -23.81 42.40
N HIS D 214 45.31 -22.83 42.10
CA HIS D 214 45.26 -21.91 40.96
C HIS D 214 43.96 -21.11 40.83
N THR D 215 44.09 -19.85 40.41
CA THR D 215 43.01 -18.89 40.53
C THR D 215 41.92 -19.07 39.48
N LYS D 216 42.28 -19.48 38.26
CA LYS D 216 41.32 -19.46 37.15
C LYS D 216 40.09 -20.30 37.45
N ALA D 217 40.30 -21.57 37.82
CA ALA D 217 39.16 -22.44 38.10
C ALA D 217 38.41 -21.97 39.33
N LEU D 218 39.12 -21.42 40.32
CA LEU D 218 38.45 -20.91 41.51
C LEU D 218 37.49 -19.77 41.15
N GLU D 219 37.94 -18.83 40.33
CA GLU D 219 37.09 -17.73 39.91
C GLU D 219 35.91 -18.23 39.08
N ARG D 220 36.17 -19.15 38.14
CA ARG D 220 35.09 -19.68 37.31
C ARG D 220 34.03 -20.38 38.15
N VAL D 221 34.47 -21.29 39.03
CA VAL D 221 33.52 -22.04 39.84
C VAL D 221 32.81 -21.13 40.83
N SER D 222 33.50 -20.09 41.32
CA SER D 222 32.86 -19.18 42.26
C SER D 222 31.78 -18.36 41.59
N TYR D 223 32.06 -17.84 40.39
CA TYR D 223 31.04 -17.09 39.66
C TYR D 223 29.96 -17.99 39.08
N ALA D 224 30.19 -19.30 39.01
CA ALA D 224 29.09 -20.20 38.69
C ALA D 224 28.24 -20.51 39.92
N LEU D 225 28.88 -20.69 41.07
CA LEU D 225 28.15 -20.97 42.30
C LEU D 225 27.28 -19.80 42.72
N LEU D 226 27.81 -18.58 42.59
CA LEU D 226 27.03 -17.41 43.01
C LEU D 226 25.77 -17.26 42.18
N PHE D 227 25.87 -17.42 40.87
CA PHE D 227 24.77 -17.18 39.96
C PHE D 227 23.91 -18.41 39.70
N GLY D 228 24.26 -19.55 40.30
CA GLY D 228 23.45 -20.74 40.16
C GLY D 228 23.36 -21.31 38.77
N ASP D 229 24.21 -20.85 37.85
CA ASP D 229 24.23 -21.33 36.48
C ASP D 229 25.37 -22.33 36.31
N TYR D 230 25.12 -23.39 35.56
CA TYR D 230 26.06 -24.46 35.29
C TYR D 230 26.47 -25.23 36.54
N LEU D 231 25.87 -24.93 37.69
CA LEU D 231 26.17 -25.60 38.95
C LEU D 231 25.15 -25.18 39.98
N THR D 232 24.91 -26.05 40.96
CA THR D 232 23.98 -25.74 42.02
C THR D 232 24.46 -24.53 42.82
N GLN D 233 23.55 -23.60 43.09
CA GLN D 233 23.92 -22.37 43.75
C GLN D 233 24.33 -22.65 45.20
N ASN D 234 25.54 -22.19 45.55
CA ASN D 234 26.09 -22.32 46.90
C ASN D 234 26.57 -20.94 47.31
N ILE D 235 25.67 -20.16 47.92
CA ILE D 235 25.98 -18.77 48.25
C ILE D 235 27.12 -18.69 49.26
N GLN D 236 27.10 -19.57 50.26
CA GLN D 236 28.16 -19.55 51.27
C GLN D 236 29.50 -19.98 50.69
N ALA D 237 29.50 -21.00 49.84
CA ALA D 237 30.74 -21.42 49.19
C ALA D 237 31.28 -20.32 48.27
N ALA D 238 30.38 -19.65 47.55
CA ALA D 238 30.80 -18.53 46.71
C ALA D 238 31.40 -17.41 47.55
N LYS D 239 30.78 -17.13 48.71
CA LYS D 239 31.32 -16.10 49.59
C LYS D 239 32.71 -16.49 50.11
N GLU D 240 32.89 -17.77 50.47
CA GLU D 240 34.20 -18.21 50.92
C GLU D 240 35.25 -18.07 49.83
N MET D 241 34.91 -18.47 48.60
CA MET D 241 35.85 -18.35 47.50
C MET D 241 36.19 -16.89 47.23
N PHE D 242 35.18 -16.01 47.27
CA PHE D 242 35.43 -14.59 47.06
C PHE D 242 36.33 -14.02 48.13
N GLU D 243 36.10 -14.38 49.40
CA GLU D 243 36.94 -13.87 50.47
C GLU D 243 38.38 -14.36 50.32
N LYS D 244 38.55 -15.64 49.95
CA LYS D 244 39.90 -16.16 49.74
C LYS D 244 40.60 -15.43 48.59
N LEU D 245 39.88 -15.21 47.48
CA LEU D 245 40.47 -14.51 46.35
C LEU D 245 40.82 -13.07 46.71
N THR D 246 39.94 -12.40 47.45
CA THR D 246 40.22 -11.02 47.86
C THR D 246 41.43 -10.94 48.77
N GLU D 247 41.55 -11.87 49.72
CA GLU D 247 42.72 -11.87 50.60
C GLU D 247 43.99 -12.15 49.82
N GLU D 248 43.94 -13.06 48.86
CA GLU D 248 45.10 -13.33 48.02
C GLU D 248 45.28 -12.25 46.95
N GLY D 249 44.26 -12.05 46.13
CA GLY D 249 44.25 -10.98 45.16
C GLY D 249 43.80 -11.42 43.78
N SER D 250 42.72 -10.83 43.29
CA SER D 250 42.14 -11.12 41.97
C SER D 250 41.07 -10.08 41.66
N PRO D 251 40.96 -9.62 40.41
CA PRO D 251 39.90 -8.65 40.09
C PRO D 251 38.49 -9.23 40.21
N LYS D 252 38.25 -10.40 39.60
CA LYS D 252 36.90 -10.97 39.61
C LYS D 252 36.51 -11.44 41.00
N GLY D 253 37.45 -12.00 41.75
CA GLY D 253 37.16 -12.41 43.11
C GLY D 253 36.80 -11.25 44.02
N GLN D 254 37.42 -10.09 43.80
CA GLN D 254 37.07 -8.91 44.57
C GLN D 254 35.74 -8.33 44.13
N THR D 255 35.49 -8.34 42.82
CA THR D 255 34.20 -7.87 42.32
C THR D 255 33.03 -8.67 42.85
N GLY D 256 33.17 -10.00 42.91
CA GLY D 256 32.12 -10.83 43.44
C GLY D 256 31.82 -10.56 44.90
N LEU D 257 32.88 -10.40 45.70
CA LEU D 257 32.69 -10.09 47.12
C LEU D 257 32.07 -8.72 47.30
N GLY D 258 32.46 -7.76 46.47
CA GLY D 258 31.80 -6.46 46.51
C GLY D 258 30.33 -6.55 46.18
N PHE D 259 29.97 -7.37 45.18
CA PHE D 259 28.56 -7.56 44.86
C PHE D 259 27.82 -8.20 46.02
N LEU D 260 28.43 -9.18 46.69
CA LEU D 260 27.78 -9.80 47.84
C LEU D 260 27.54 -8.79 48.95
N TYR D 261 28.55 -7.96 49.24
CA TYR D 261 28.40 -6.97 50.31
C TYR D 261 27.48 -5.82 49.90
N ALA D 262 27.24 -5.63 48.61
CA ALA D 262 26.40 -4.52 48.16
C ALA D 262 24.93 -4.92 48.03
N SER D 263 24.66 -6.03 47.36
CA SER D 263 23.28 -6.44 47.10
C SER D 263 22.68 -7.23 48.26
N GLY D 264 23.43 -7.49 49.32
CA GLY D 264 22.89 -8.12 50.50
C GLY D 264 22.82 -9.62 50.48
N LEU D 265 23.24 -10.26 49.40
CA LEU D 265 23.23 -11.71 49.34
C LEU D 265 24.27 -12.30 50.29
N GLY D 266 23.89 -13.36 51.01
CA GLY D 266 24.83 -14.10 51.81
C GLY D 266 25.24 -13.44 53.11
N VAL D 267 26.04 -12.39 53.02
CA VAL D 267 26.56 -11.71 54.18
C VAL D 267 25.80 -10.41 54.38
N ASN D 268 25.91 -9.86 55.58
CA ASN D 268 25.22 -8.60 55.90
C ASN D 268 25.70 -7.49 54.98
N SER D 269 24.76 -6.67 54.53
CA SER D 269 25.07 -5.59 53.61
C SER D 269 25.94 -4.53 54.27
N SER D 270 26.88 -3.99 53.50
CA SER D 270 27.76 -2.93 53.99
C SER D 270 28.20 -2.13 52.77
N GLN D 271 27.60 -0.95 52.58
CA GLN D 271 27.88 -0.13 51.41
C GLN D 271 29.25 0.54 51.49
N ALA D 272 29.97 0.41 52.59
CA ALA D 272 31.32 0.93 52.72
C ALA D 272 32.38 -0.05 52.25
N LYS D 273 32.26 -1.32 52.64
CA LYS D 273 33.21 -2.33 52.18
C LYS D 273 32.94 -2.72 50.73
N ALA D 274 31.68 -2.72 50.31
CA ALA D 274 31.36 -3.01 48.92
C ALA D 274 31.98 -2.00 47.98
N LEU D 275 31.98 -0.72 48.38
CA LEU D 275 32.65 0.29 47.58
C LEU D 275 34.14 0.02 47.46
N VAL D 276 34.77 -0.40 48.56
CA VAL D 276 36.21 -0.70 48.53
C VAL D 276 36.49 -1.84 47.57
N TYR D 277 35.70 -2.91 47.66
CA TYR D 277 35.91 -4.05 46.78
C TYR D 277 35.66 -3.69 45.32
N TYR D 278 34.61 -2.91 45.05
CA TYR D 278 34.35 -2.47 43.68
C TYR D 278 35.50 -1.63 43.14
N THR D 279 36.01 -0.72 43.95
CA THR D 279 37.10 0.13 43.49
C THR D 279 38.37 -0.67 43.24
N PHE D 280 38.68 -1.62 44.11
CA PHE D 280 39.85 -2.45 43.87
C PHE D 280 39.67 -3.34 42.65
N GLY D 281 38.45 -3.80 42.38
CA GLY D 281 38.20 -4.54 41.15
C GLY D 281 38.36 -3.68 39.92
N ALA D 282 37.88 -2.43 39.99
CA ALA D 282 38.04 -1.51 38.87
C ALA D 282 39.50 -1.20 38.60
N LEU D 283 40.29 -1.00 39.67
CA LEU D 283 41.71 -0.73 39.51
C LEU D 283 42.48 -1.97 39.11
N GLY D 284 41.98 -3.16 39.41
CA GLY D 284 42.65 -4.38 39.03
C GLY D 284 42.62 -4.66 37.54
N GLY D 285 41.68 -4.07 36.83
CA GLY D 285 41.59 -4.22 35.40
C GLY D 285 40.35 -4.95 34.89
N ASN D 286 39.31 -5.09 35.71
CA ASN D 286 38.10 -5.76 35.29
C ASN D 286 37.18 -4.78 34.58
N LEU D 287 36.14 -5.34 33.95
CA LEU D 287 35.12 -4.54 33.27
C LEU D 287 33.79 -4.52 33.99
N ILE D 288 33.38 -5.64 34.60
CA ILE D 288 32.16 -5.65 35.38
C ILE D 288 32.26 -4.67 36.54
N ALA D 289 33.40 -4.67 37.23
CA ALA D 289 33.61 -3.68 38.28
C ALA D 289 33.56 -2.27 37.72
N HIS D 290 34.13 -2.06 36.53
CA HIS D 290 34.13 -0.74 35.92
C HIS D 290 32.71 -0.28 35.61
N MET D 291 31.91 -1.15 34.98
CA MET D 291 30.54 -0.77 34.67
C MET D 291 29.71 -0.55 35.93
N ILE D 292 29.91 -1.38 36.95
CA ILE D 292 29.17 -1.23 38.19
C ILE D 292 29.50 0.10 38.84
N LEU D 293 30.79 0.46 38.90
CA LEU D 293 31.17 1.73 39.49
C LEU D 293 30.66 2.90 38.63
N GLY D 294 30.66 2.73 37.31
CA GLY D 294 30.12 3.78 36.46
C GLY D 294 28.65 4.04 36.74
N TYR D 295 27.86 2.97 36.87
CA TYR D 295 26.45 3.15 37.18
C TYR D 295 26.26 3.72 38.58
N ARG D 296 27.08 3.29 39.54
CA ARG D 296 26.95 3.80 40.90
C ARG D 296 27.25 5.30 40.97
N TYR D 297 28.21 5.77 40.18
CA TYR D 297 28.49 7.21 40.14
C TYR D 297 27.49 7.97 39.28
N TRP D 298 26.92 7.34 38.25
CA TRP D 298 25.95 8.03 37.40
C TRP D 298 24.59 8.17 38.07
N ALA D 299 24.16 7.18 38.84
CA ALA D 299 22.87 7.23 39.49
C ALA D 299 22.93 7.77 40.91
N GLY D 300 24.11 8.12 41.40
CA GLY D 300 24.22 8.62 42.76
C GLY D 300 23.86 7.60 43.81
N ILE D 301 24.21 6.33 43.58
CA ILE D 301 23.94 5.25 44.51
C ILE D 301 25.22 4.94 45.26
N GLY D 302 25.15 4.88 46.58
CA GLY D 302 26.33 4.54 47.37
C GLY D 302 27.38 5.63 47.45
N VAL D 303 27.71 6.26 46.33
CA VAL D 303 28.69 7.34 46.27
C VAL D 303 28.00 8.59 45.79
N LEU D 304 28.65 9.74 46.02
CA LEU D 304 28.06 11.02 45.66
C LEU D 304 27.90 11.12 44.15
N GLN D 305 26.80 11.75 43.73
CA GLN D 305 26.51 11.86 42.30
C GLN D 305 27.54 12.74 41.61
N SER D 306 27.99 12.30 40.44
CA SER D 306 28.91 13.06 39.61
C SER D 306 28.94 12.44 38.22
N CYS D 307 29.08 13.29 37.21
CA CYS D 307 29.11 12.82 35.83
C CYS D 307 30.50 12.47 35.35
N GLU D 308 31.54 13.06 35.94
CA GLU D 308 32.90 12.83 35.46
C GLU D 308 33.34 11.39 35.71
N SER D 309 33.14 10.88 36.92
CA SER D 309 33.61 9.54 37.26
C SER D 309 32.84 8.49 36.47
N ALA D 310 31.52 8.63 36.40
CA ALA D 310 30.72 7.72 35.60
C ALA D 310 31.13 7.79 34.14
N LEU D 311 31.43 9.00 33.65
CA LEU D 311 31.88 9.15 32.28
C LEU D 311 33.18 8.38 32.04
N THR D 312 34.12 8.47 32.98
CA THR D 312 35.39 7.76 32.82
C THR D 312 35.19 6.25 32.80
N HIS D 313 34.44 5.74 33.77
CA HIS D 313 34.24 4.28 33.85
C HIS D 313 33.50 3.76 32.62
N TYR D 314 32.41 4.43 32.24
CA TYR D 314 31.67 4.02 31.06
C TYR D 314 32.48 4.19 29.79
N ARG D 315 33.36 5.19 29.74
CA ARG D 315 34.23 5.36 28.58
C ARG D 315 35.20 4.21 28.45
N LEU D 316 35.78 3.77 29.56
CA LEU D 316 36.70 2.62 29.51
C LEU D 316 35.96 1.37 29.04
N VAL D 317 34.78 1.12 29.62
CA VAL D 317 34.02 -0.07 29.23
C VAL D 317 33.59 0.02 27.77
N ALA D 318 33.19 1.21 27.32
CA ALA D 318 32.77 1.39 25.94
C ALA D 318 33.93 1.19 24.98
N ASN D 319 35.12 1.67 25.35
CA ASN D 319 36.29 1.44 24.52
C ASN D 319 36.58 -0.05 24.39
N HIS D 320 36.52 -0.79 25.50
CA HIS D 320 36.79 -2.22 25.43
C HIS D 320 35.75 -2.93 24.57
N VAL D 321 34.47 -2.59 24.75
CA VAL D 321 33.44 -3.29 23.98
C VAL D 321 33.48 -2.87 22.51
N ALA D 322 33.91 -1.64 22.22
CA ALA D 322 34.10 -1.23 20.83
C ALA D 322 35.23 -2.01 20.17
N SER D 323 36.33 -2.22 20.90
CA SER D 323 37.38 -3.08 20.38
C SER D 323 36.85 -4.50 20.15
N ASP D 324 36.04 -5.00 21.09
CA ASP D 324 35.47 -6.34 20.94
C ASP D 324 34.62 -6.45 19.69
N ILE D 325 33.74 -5.47 19.46
CA ILE D 325 32.83 -5.56 18.32
C ILE D 325 33.57 -5.30 17.02
N SER D 326 34.66 -4.54 17.06
CA SER D 326 35.46 -4.33 15.85
C SER D 326 36.26 -5.56 15.48
N LEU D 327 36.78 -6.29 16.48
CA LEU D 327 37.55 -7.49 16.22
C LEU D 327 36.69 -8.74 16.02
N THR D 328 35.41 -8.69 16.42
CA THR D 328 34.52 -9.83 16.27
C THR D 328 33.34 -9.55 15.36
N GLY D 329 32.61 -8.47 15.60
CA GLY D 329 31.43 -8.16 14.81
C GLY D 329 30.27 -7.70 15.67
N GLY D 330 30.28 -8.07 16.94
CA GLY D 330 29.22 -7.69 17.86
C GLY D 330 28.10 -8.71 17.93
N SER D 331 27.51 -8.86 19.11
CA SER D 331 26.39 -9.76 19.33
C SER D 331 25.15 -8.95 19.65
N VAL D 332 24.07 -9.20 18.91
CA VAL D 332 22.83 -8.47 19.13
C VAL D 332 22.19 -8.96 20.42
N VAL D 333 21.86 -8.03 21.30
CA VAL D 333 21.28 -8.36 22.60
C VAL D 333 19.76 -8.31 22.49
N GLN D 334 19.11 -9.37 22.94
CA GLN D 334 17.65 -9.48 22.92
C GLN D 334 17.14 -9.31 24.34
N ARG D 335 16.66 -8.11 24.65
CA ARG D 335 16.19 -7.79 26.00
C ARG D 335 14.69 -8.05 26.09
N ILE D 336 14.29 -8.92 27.01
CA ILE D 336 12.89 -9.26 27.24
C ILE D 336 12.57 -9.04 28.71
N ARG D 337 11.50 -8.31 28.98
CA ARG D 337 11.11 -7.96 30.34
C ARG D 337 9.92 -8.82 30.78
N LEU D 338 10.04 -9.41 31.97
CA LEU D 338 8.95 -10.23 32.50
C LEU D 338 7.64 -9.48 32.69
N PRO D 339 7.60 -8.24 33.20
CA PRO D 339 6.29 -7.60 33.43
C PRO D 339 5.42 -7.52 32.19
N ASP D 340 5.96 -7.05 31.06
CA ASP D 340 5.15 -6.93 29.85
C ASP D 340 4.80 -8.30 29.28
N GLU D 341 5.70 -9.27 29.41
CA GLU D 341 5.40 -10.63 28.93
C GLU D 341 4.26 -11.25 29.71
N VAL D 342 4.24 -11.07 31.03
CA VAL D 342 3.16 -11.61 31.84
C VAL D 342 1.86 -10.85 31.59
N GLU D 343 1.93 -9.52 31.53
CA GLU D 343 0.73 -8.73 31.30
C GLU D 343 0.23 -8.89 29.86
N ASN D 344 1.13 -9.18 28.92
CA ASN D 344 0.77 -9.41 27.52
C ASN D 344 1.38 -10.73 27.08
N PRO D 345 0.71 -11.85 27.39
CA PRO D 345 1.26 -13.17 27.00
C PRO D 345 1.02 -13.55 25.55
N GLY D 346 0.15 -12.84 24.83
CA GLY D 346 -0.17 -13.19 23.47
C GLY D 346 0.74 -12.67 22.40
N MET D 347 1.69 -11.81 22.75
CA MET D 347 2.59 -11.25 21.75
C MET D 347 3.81 -12.15 21.55
N ASN D 348 4.47 -11.95 20.41
CA ASN D 348 5.69 -12.67 20.09
C ASN D 348 6.89 -11.92 20.64
N SER D 349 7.72 -12.62 21.43
CA SER D 349 8.87 -12.00 22.05
C SER D 349 9.96 -11.74 21.00
N GLY D 350 11.08 -11.19 21.47
CA GLY D 350 12.20 -10.92 20.56
C GLY D 350 12.76 -12.18 19.94
N MET D 351 12.75 -13.29 20.68
CA MET D 351 13.21 -14.57 20.14
C MET D 351 12.20 -15.10 19.14
N LEU D 352 12.69 -15.50 17.96
CA LEU D 352 11.81 -16.00 16.92
C LEU D 352 11.22 -17.35 17.32
N GLU D 353 9.95 -17.56 16.96
CA GLU D 353 9.29 -18.82 17.26
C GLU D 353 9.92 -19.96 16.47
N GLU D 354 9.85 -21.17 17.04
CA GLU D 354 10.46 -22.33 16.41
C GLU D 354 9.79 -22.66 15.09
N ASP D 355 8.47 -22.46 15.00
CA ASP D 355 7.77 -22.71 13.74
C ASP D 355 8.26 -21.78 12.64
N LEU D 356 8.50 -20.51 12.97
CA LEU D 356 9.04 -19.57 11.99
C LEU D 356 10.44 -19.99 11.54
N ILE D 357 11.25 -20.47 12.48
CA ILE D 357 12.59 -20.94 12.13
C ILE D 357 12.50 -22.14 11.19
N GLN D 358 11.60 -23.07 11.48
CA GLN D 358 11.42 -24.23 10.61
C GLN D 358 10.96 -23.81 9.22
N TYR D 359 10.03 -22.86 9.15
CA TYR D 359 9.55 -22.38 7.85
C TYR D 359 10.68 -21.70 7.07
N TYR D 360 11.50 -20.89 7.75
CA TYR D 360 12.63 -20.26 7.08
C TYR D 360 13.63 -21.30 6.58
N GLN D 361 13.90 -22.33 7.38
CA GLN D 361 14.82 -23.39 6.95
C GLN D 361 14.24 -24.15 5.75
N PHE D 362 12.94 -24.40 5.76
CA PHE D 362 12.30 -25.07 4.63
C PHE D 362 12.40 -24.23 3.37
N LEU D 363 12.18 -22.92 3.48
CA LEU D 363 12.34 -22.03 2.33
C LEU D 363 13.78 -22.01 1.83
N ALA D 364 14.74 -21.99 2.76
CA ALA D 364 16.15 -21.99 2.38
C ALA D 364 16.51 -23.29 1.64
N GLU D 365 16.02 -24.42 2.13
CA GLU D 365 16.29 -25.69 1.47
C GLU D 365 15.61 -25.77 0.11
N LYS D 366 14.41 -25.19 -0.03
CA LYS D 366 13.73 -25.22 -1.32
C LYS D 366 14.47 -24.39 -2.37
N GLY D 367 15.11 -23.30 -1.97
CA GLY D 367 15.85 -22.49 -2.91
C GLY D 367 15.70 -21.00 -2.73
N ASP D 368 14.93 -20.59 -1.72
CA ASP D 368 14.73 -19.16 -1.46
C ASP D 368 16.05 -18.50 -1.07
N VAL D 369 16.55 -17.61 -1.93
CA VAL D 369 17.85 -17.00 -1.69
C VAL D 369 17.78 -16.03 -0.52
N GLN D 370 16.71 -15.23 -0.45
CA GLN D 370 16.58 -14.27 0.66
C GLN D 370 16.45 -14.98 2.00
N ALA D 371 15.74 -16.11 2.02
CA ALA D 371 15.66 -16.90 3.25
C ALA D 371 17.04 -17.40 3.67
N GLN D 372 17.83 -17.86 2.71
CA GLN D 372 19.19 -18.31 3.02
C GLN D 372 20.03 -17.17 3.57
N VAL D 373 19.93 -15.98 2.97
CA VAL D 373 20.69 -14.83 3.45
C VAL D 373 20.26 -14.46 4.87
N GLY D 374 18.95 -14.45 5.12
CA GLY D 374 18.47 -14.13 6.46
C GLY D 374 18.93 -15.14 7.50
N LEU D 375 18.87 -16.43 7.17
CA LEU D 375 19.33 -17.46 8.10
C LEU D 375 20.82 -17.33 8.34
N GLY D 376 21.60 -17.05 7.30
CA GLY D 376 23.03 -16.86 7.48
C GLY D 376 23.35 -15.67 8.37
N GLN D 377 22.63 -14.56 8.18
CA GLN D 377 22.84 -13.39 9.03
C GLN D 377 22.46 -13.70 10.47
N LEU D 378 21.34 -14.41 10.69
CA LEU D 378 20.94 -14.77 12.04
C LEU D 378 21.96 -15.68 12.71
N HIS D 379 22.51 -16.64 11.96
CA HIS D 379 23.50 -17.53 12.54
C HIS D 379 24.82 -16.82 12.80
N LEU D 380 25.18 -15.84 11.96
CA LEU D 380 26.41 -15.10 12.18
C LEU D 380 26.30 -14.16 13.37
N HIS D 381 25.18 -13.44 13.49
CA HIS D 381 25.03 -12.50 14.59
C HIS D 381 24.53 -13.17 15.86
N GLY D 382 23.66 -14.18 15.72
CA GLY D 382 23.10 -14.87 16.86
C GLY D 382 21.87 -14.17 17.41
N GLY D 383 21.18 -14.88 18.29
CA GLY D 383 19.99 -14.36 18.93
C GLY D 383 18.72 -14.69 18.18
N ARG D 384 17.62 -14.13 18.69
CA ARG D 384 16.28 -14.35 18.13
C ARG D 384 15.94 -15.84 18.07
N GLY D 385 16.21 -16.54 19.17
CA GLY D 385 15.90 -17.94 19.27
C GLY D 385 16.87 -18.87 18.57
N VAL D 386 17.95 -18.34 17.99
CA VAL D 386 18.94 -19.13 17.28
C VAL D 386 20.31 -18.85 17.87
N GLU D 387 21.02 -19.90 18.27
CA GLU D 387 22.38 -19.74 18.76
C GLU D 387 23.31 -19.39 17.61
N GLN D 388 24.35 -18.62 17.92
CA GLN D 388 25.31 -18.17 16.91
C GLN D 388 26.11 -19.36 16.41
N ASN D 389 26.07 -19.59 15.09
CA ASN D 389 26.77 -20.70 14.46
C ASN D 389 27.47 -20.19 13.21
N HIS D 390 28.80 -20.28 13.19
CA HIS D 390 29.56 -19.83 12.04
C HIS D 390 29.45 -20.82 10.88
N GLN D 391 29.35 -22.12 11.17
CA GLN D 391 29.31 -23.11 10.11
C GLN D 391 28.03 -23.00 9.30
N ARG D 392 26.88 -22.92 9.97
CA ARG D 392 25.61 -22.80 9.26
C ARG D 392 25.53 -21.49 8.50
N ALA D 393 26.02 -20.40 9.08
CA ALA D 393 26.03 -19.12 8.38
C ALA D 393 26.90 -19.19 7.13
N PHE D 394 28.07 -19.82 7.24
CA PHE D 394 28.96 -19.98 6.09
C PHE D 394 28.29 -20.82 5.00
N ASP D 395 27.64 -21.91 5.39
CA ASP D 395 26.96 -22.76 4.41
C ASP D 395 25.83 -22.01 3.72
N TYR D 396 25.03 -21.26 4.48
CA TYR D 396 23.94 -20.49 3.89
C TYR D 396 24.46 -19.41 2.96
N PHE D 397 25.54 -18.74 3.35
CA PHE D 397 26.13 -17.72 2.48
C PHE D 397 26.68 -18.33 1.20
N ASN D 398 27.28 -19.52 1.29
CA ASN D 398 27.74 -20.20 0.08
C ASN D 398 26.59 -20.58 -0.82
N LEU D 399 25.50 -21.08 -0.23
CA LEU D 399 24.33 -21.47 -1.02
C LEU D 399 23.72 -20.26 -1.71
N ALA D 400 23.62 -19.13 -1.00
CA ALA D 400 23.03 -17.93 -1.60
C ALA D 400 23.96 -17.29 -2.61
N ALA D 401 25.27 -17.44 -2.44
CA ALA D 401 26.22 -16.86 -3.39
C ALA D 401 26.16 -17.56 -4.74
N ASN D 402 25.89 -18.87 -4.74
CA ASN D 402 25.77 -19.60 -6.00
C ASN D 402 24.55 -19.16 -6.80
N ALA D 403 23.58 -18.52 -6.16
CA ALA D 403 22.40 -18.01 -6.86
C ALA D 403 22.61 -16.62 -7.44
N GLY D 404 23.44 -15.79 -6.80
CA GLY D 404 23.71 -14.47 -7.30
C GLY D 404 23.27 -13.35 -6.37
N ASN D 405 23.26 -13.61 -5.06
CA ASN D 405 22.87 -12.62 -4.07
C ASN D 405 24.07 -11.78 -3.68
N SER D 406 23.90 -10.46 -3.71
CA SER D 406 25.02 -9.56 -3.40
C SER D 406 25.43 -9.69 -1.93
N HIS D 407 24.45 -9.69 -1.02
CA HIS D 407 24.76 -9.77 0.40
C HIS D 407 25.46 -11.07 0.75
N ALA D 408 25.19 -12.14 0.01
CA ALA D 408 25.84 -13.42 0.27
C ALA D 408 27.36 -13.30 0.18
N MET D 409 27.86 -12.93 -1.01
CA MET D 409 29.30 -12.82 -1.16
C MET D 409 29.85 -11.62 -0.39
N ALA D 410 29.03 -10.60 -0.13
CA ALA D 410 29.49 -9.50 0.71
C ALA D 410 29.84 -9.98 2.11
N PHE D 411 28.92 -10.74 2.73
CA PHE D 411 29.19 -11.27 4.07
C PHE D 411 30.27 -12.35 4.02
N LEU D 412 30.36 -13.09 2.92
CA LEU D 412 31.46 -14.05 2.77
C LEU D 412 32.81 -13.34 2.80
N GLY D 413 32.93 -12.25 2.05
CA GLY D 413 34.17 -11.48 2.08
C GLY D 413 34.43 -10.85 3.43
N LYS D 414 33.39 -10.36 4.09
CA LYS D 414 33.56 -9.80 5.43
C LYS D 414 34.08 -10.85 6.41
N MET D 415 33.52 -12.07 6.35
CA MET D 415 33.98 -13.13 7.22
C MET D 415 35.41 -13.54 6.91
N TYR D 416 35.75 -13.63 5.61
CA TYR D 416 37.12 -13.99 5.24
C TYR D 416 38.11 -12.93 5.69
N SER D 417 37.76 -11.65 5.57
CA SER D 417 38.65 -10.59 6.03
C SER D 417 38.80 -10.61 7.55
N GLU D 418 37.69 -10.78 8.27
CA GLU D 418 37.78 -10.82 9.73
C GLU D 418 38.39 -12.14 10.21
N GLY D 419 38.04 -13.25 9.58
CA GLY D 419 38.55 -14.55 9.97
C GLY D 419 37.65 -15.25 10.98
N SER D 420 37.77 -16.57 11.01
CA SER D 420 36.98 -17.39 11.90
C SER D 420 37.75 -18.67 12.23
N ASP D 421 37.33 -19.33 13.31
CA ASP D 421 37.97 -20.59 13.69
C ASP D 421 37.68 -21.70 12.69
N ILE D 422 36.51 -21.68 12.07
CA ILE D 422 36.14 -22.72 11.12
C ILE D 422 36.74 -22.43 9.74
N VAL D 423 36.40 -21.28 9.17
CA VAL D 423 36.89 -20.88 7.86
C VAL D 423 38.16 -20.06 8.06
N PRO D 424 39.29 -20.47 7.50
CA PRO D 424 40.54 -19.71 7.71
C PRO D 424 40.47 -18.34 7.04
N GLN D 425 41.23 -17.42 7.62
CA GLN D 425 41.28 -16.05 7.10
C GLN D 425 42.00 -16.03 5.76
N SER D 426 41.42 -15.34 4.79
CA SER D 426 42.01 -15.19 3.46
C SER D 426 41.77 -13.77 2.98
N ASN D 427 42.83 -12.98 2.85
CA ASN D 427 42.69 -11.61 2.39
C ASN D 427 42.32 -11.57 0.90
N GLU D 428 42.93 -12.44 0.10
CA GLU D 428 42.63 -12.45 -1.33
C GLU D 428 41.19 -12.85 -1.60
N THR D 429 40.70 -13.87 -0.89
CA THR D 429 39.30 -14.29 -1.07
C THR D 429 38.35 -13.19 -0.62
N ALA D 430 38.66 -12.51 0.48
CA ALA D 430 37.82 -11.40 0.94
C ALA D 430 37.81 -10.27 -0.09
N LEU D 431 38.97 -9.95 -0.66
CA LEU D 431 39.04 -8.91 -1.68
C LEU D 431 38.24 -9.31 -2.92
N HIS D 432 38.34 -10.56 -3.35
CA HIS D 432 37.59 -11.03 -4.50
C HIS D 432 36.08 -10.94 -4.26
N TYR D 433 35.63 -11.38 -3.08
CA TYR D 433 34.21 -11.31 -2.77
C TYR D 433 33.72 -9.86 -2.67
N PHE D 434 34.52 -8.99 -2.07
CA PHE D 434 34.14 -7.58 -2.00
C PHE D 434 34.04 -6.96 -3.39
N LYS D 435 35.01 -7.27 -4.27
CA LYS D 435 34.95 -6.76 -5.63
C LYS D 435 33.72 -7.28 -6.38
N LYS D 436 33.43 -8.58 -6.22
CA LYS D 436 32.27 -9.16 -6.89
C LYS D 436 30.98 -8.53 -6.40
N ALA D 437 30.87 -8.29 -5.09
CA ALA D 437 29.69 -7.63 -4.57
C ALA D 437 29.58 -6.19 -5.07
N ALA D 438 30.69 -5.46 -5.09
CA ALA D 438 30.66 -4.07 -5.52
C ALA D 438 30.45 -3.91 -7.02
N ASP D 439 30.69 -4.97 -7.79
CA ASP D 439 30.46 -4.89 -9.24
C ASP D 439 29.00 -4.64 -9.56
N MET D 440 28.08 -5.30 -8.84
CA MET D 440 26.67 -5.17 -9.08
C MET D 440 26.01 -4.07 -8.26
N GLY D 441 26.79 -3.32 -7.47
CA GLY D 441 26.24 -2.23 -6.70
C GLY D 441 25.70 -2.63 -5.35
N ASN D 442 26.50 -3.36 -4.58
CA ASN D 442 26.11 -3.79 -3.25
C ASN D 442 26.72 -2.86 -2.22
N PRO D 443 25.92 -2.16 -1.40
CA PRO D 443 26.51 -1.25 -0.41
C PRO D 443 27.43 -1.94 0.58
N VAL D 444 27.09 -3.17 0.99
CA VAL D 444 27.96 -3.92 1.88
C VAL D 444 29.28 -4.24 1.20
N GLY D 445 29.23 -4.65 -0.06
CA GLY D 445 30.45 -4.89 -0.81
C GLY D 445 31.28 -3.63 -1.01
N GLN D 446 30.61 -2.50 -1.26
CA GLN D 446 31.31 -1.24 -1.37
C GLN D 446 32.01 -0.88 -0.06
N SER D 447 31.33 -1.06 1.07
CA SER D 447 31.95 -0.78 2.36
C SER D 447 33.13 -1.70 2.62
N GLY D 448 32.99 -2.99 2.27
CA GLY D 448 34.10 -3.91 2.46
C GLY D 448 35.30 -3.57 1.61
N LEU D 449 35.06 -3.19 0.34
CA LEU D 449 36.15 -2.80 -0.53
C LEU D 449 36.82 -1.51 -0.04
N GLY D 450 36.01 -0.56 0.46
CA GLY D 450 36.59 0.64 1.04
C GLY D 450 37.44 0.35 2.26
N MET D 451 36.98 -0.56 3.11
CA MET D 451 37.78 -0.97 4.27
C MET D 451 39.07 -1.63 3.83
N ALA D 452 39.00 -2.49 2.81
CA ALA D 452 40.21 -3.14 2.30
C ALA D 452 41.20 -2.12 1.75
N TYR D 453 40.71 -1.12 1.02
CA TYR D 453 41.58 -0.06 0.53
C TYR D 453 42.17 0.75 1.69
N LEU D 454 41.37 1.04 2.72
CA LEU D 454 41.86 1.84 3.84
C LEU D 454 42.95 1.12 4.61
N TYR D 455 42.77 -0.17 4.87
CA TYR D 455 43.71 -0.94 5.67
C TYR D 455 44.61 -1.85 4.83
N GLY D 456 44.59 -1.71 3.51
CA GLY D 456 45.49 -2.44 2.64
C GLY D 456 45.36 -3.96 2.71
N ARG D 457 44.13 -4.45 2.66
CA ARG D 457 43.84 -5.88 2.68
C ARG D 457 43.59 -6.34 1.25
N GLY D 458 44.59 -6.96 0.64
CA GLY D 458 44.46 -7.45 -0.72
C GLY D 458 45.06 -6.51 -1.75
N VAL D 459 44.88 -5.21 -1.55
CA VAL D 459 45.38 -4.18 -2.45
C VAL D 459 46.17 -3.17 -1.63
N GLN D 460 46.70 -2.17 -2.33
CA GLN D 460 47.47 -1.12 -1.67
C GLN D 460 46.53 -0.17 -0.92
N VAL D 461 47.14 0.69 -0.11
CA VAL D 461 46.38 1.65 0.71
C VAL D 461 46.01 2.83 -0.18
N ASN D 462 44.71 2.99 -0.44
CA ASN D 462 44.19 4.09 -1.26
C ASN D 462 43.06 4.75 -0.49
N TYR D 463 43.29 5.99 -0.06
CA TYR D 463 42.28 6.72 0.70
C TYR D 463 41.15 7.25 -0.19
N ASP D 464 41.47 7.65 -1.42
CA ASP D 464 40.45 8.22 -2.30
C ASP D 464 39.41 7.18 -2.68
N LEU D 465 39.85 5.99 -3.07
CA LEU D 465 38.91 4.92 -3.44
C LEU D 465 38.09 4.50 -2.24
N ALA D 466 38.71 4.41 -1.07
CA ALA D 466 37.97 4.08 0.14
C ALA D 466 36.91 5.12 0.44
N LEU D 467 37.25 6.41 0.29
CA LEU D 467 36.27 7.47 0.49
C LEU D 467 35.12 7.36 -0.49
N LYS D 468 35.42 7.11 -1.76
CA LYS D 468 34.37 7.02 -2.77
C LYS D 468 33.45 5.84 -2.50
N TYR D 469 34.02 4.67 -2.14
CA TYR D 469 33.19 3.51 -1.85
C TYR D 469 32.36 3.72 -0.59
N PHE D 470 32.94 4.36 0.43
CA PHE D 470 32.17 4.66 1.63
C PHE D 470 31.01 5.60 1.32
N GLN D 471 31.24 6.61 0.49
CA GLN D 471 30.17 7.52 0.11
C GLN D 471 29.08 6.80 -0.69
N LYS D 472 29.48 5.92 -1.60
CA LYS D 472 28.50 5.15 -2.37
C LYS D 472 27.67 4.26 -1.45
N ALA D 473 28.31 3.61 -0.48
CA ALA D 473 27.57 2.79 0.47
C ALA D 473 26.63 3.63 1.33
N ALA D 474 27.08 4.82 1.75
CA ALA D 474 26.24 5.67 2.59
C ALA D 474 25.05 6.22 1.82
N GLU D 475 25.21 6.48 0.53
CA GLU D 475 24.11 6.99 -0.29
C GLU D 475 22.99 5.97 -0.45
N GLN D 476 23.24 4.70 -0.15
CA GLN D 476 22.22 3.65 -0.24
C GLN D 476 21.59 3.33 1.10
N GLY D 477 21.89 4.11 2.14
CA GLY D 477 21.32 3.89 3.46
C GLY D 477 22.01 2.85 4.30
N TRP D 478 23.19 2.38 3.89
CA TRP D 478 23.91 1.37 4.65
C TRP D 478 24.57 2.00 5.86
N VAL D 479 24.37 1.39 7.03
CA VAL D 479 24.83 1.98 8.28
C VAL D 479 26.36 1.96 8.37
N ASP D 480 26.97 0.83 7.98
CA ASP D 480 28.42 0.73 8.08
C ASP D 480 29.12 1.72 7.19
N GLY D 481 28.59 1.94 5.98
CA GLY D 481 29.17 2.95 5.10
C GLY D 481 29.09 4.35 5.69
N GLN D 482 27.94 4.69 6.28
CA GLN D 482 27.81 6.00 6.93
C GLN D 482 28.79 6.14 8.08
N LEU D 483 28.95 5.08 8.88
CA LEU D 483 29.88 5.12 10.00
C LEU D 483 31.31 5.30 9.51
N GLN D 484 31.70 4.57 8.46
CA GLN D 484 33.06 4.69 7.93
C GLN D 484 33.29 6.09 7.37
N LEU D 485 32.31 6.64 6.66
CA LEU D 485 32.46 7.99 6.11
C LEU D 485 32.58 9.02 7.22
N GLY D 486 31.76 8.90 8.27
CA GLY D 486 31.87 9.82 9.38
C GLY D 486 33.21 9.70 10.09
N SER D 487 33.70 8.47 10.27
CA SER D 487 34.99 8.27 10.93
C SER D 487 36.13 8.87 10.12
N MET D 488 36.13 8.66 8.80
CA MET D 488 37.20 9.20 7.98
C MET D 488 37.09 10.72 7.85
N TYR D 489 35.88 11.27 7.96
CA TYR D 489 35.74 12.72 7.94
C TYR D 489 36.21 13.35 9.25
N TYR D 490 35.90 12.69 10.38
CA TYR D 490 36.36 13.19 11.67
C TYR D 490 37.86 13.08 11.82
N ASN D 491 38.44 11.95 11.36
CA ASN D 491 39.88 11.76 11.46
C ASN D 491 40.65 12.53 10.41
N GLY D 492 39.99 12.99 9.35
CA GLY D 492 40.68 13.72 8.31
C GLY D 492 41.58 12.87 7.44
N ILE D 493 41.33 11.57 7.35
CA ILE D 493 42.15 10.66 6.57
C ILE D 493 41.81 10.87 5.10
N GLY D 494 42.62 11.67 4.40
CA GLY D 494 42.41 11.95 3.00
C GLY D 494 41.50 13.12 2.71
N VAL D 495 40.83 13.67 3.73
CA VAL D 495 39.95 14.81 3.58
C VAL D 495 40.23 15.79 4.71
N LYS D 496 39.59 16.96 4.63
CA LYS D 496 39.71 17.95 5.69
C LYS D 496 38.87 17.56 6.90
N ARG D 497 39.32 17.99 8.07
CA ARG D 497 38.64 17.65 9.33
C ARG D 497 37.44 18.58 9.50
N ASP D 498 36.33 18.18 8.89
CA ASP D 498 35.05 18.89 9.03
C ASP D 498 34.17 18.07 9.96
N TYR D 499 33.97 18.56 11.18
CA TYR D 499 33.26 17.79 12.19
C TYR D 499 31.75 17.77 11.95
N LYS D 500 31.22 18.69 11.16
CA LYS D 500 29.78 18.74 10.94
C LYS D 500 29.29 17.51 10.17
N GLN D 501 29.94 17.20 9.04
CA GLN D 501 29.54 16.05 8.25
C GLN D 501 29.78 14.75 9.01
N ALA D 502 30.89 14.67 9.76
CA ALA D 502 31.13 13.50 10.58
C ALA D 502 30.04 13.32 11.63
N LEU D 503 29.63 14.43 12.26
CA LEU D 503 28.55 14.36 13.25
C LEU D 503 27.24 13.91 12.61
N LYS D 504 26.93 14.43 11.42
CA LYS D 504 25.69 14.03 10.76
C LYS D 504 25.71 12.54 10.40
N TYR D 505 26.83 12.06 9.85
CA TYR D 505 26.91 10.65 9.50
C TYR D 505 26.88 9.76 10.73
N PHE D 506 27.50 10.20 11.83
CA PHE D 506 27.44 9.43 13.07
C PHE D 506 26.02 9.38 13.62
N ASN D 507 25.29 10.49 13.54
CA ASN D 507 23.89 10.48 13.96
C ASN D 507 23.06 9.53 13.10
N LEU D 508 23.29 9.55 11.78
CA LEU D 508 22.56 8.65 10.90
C LEU D 508 22.88 7.19 11.22
N ALA D 509 24.15 6.89 11.45
CA ALA D 509 24.54 5.51 11.79
C ALA D 509 23.94 5.07 13.13
N SER D 510 23.92 5.98 14.11
CA SER D 510 23.30 5.66 15.40
C SER D 510 21.81 5.41 15.25
N GLN D 511 21.14 6.20 14.41
CA GLN D 511 19.74 5.91 14.10
C GLN D 511 19.60 4.57 13.40
N GLY D 512 20.61 4.17 12.61
CA GLY D 512 20.63 2.83 12.06
C GLY D 512 20.79 1.75 13.10
N GLY D 513 21.58 2.02 14.14
CA GLY D 513 21.73 1.07 15.23
C GLY D 513 23.13 0.50 15.39
N HIS D 514 24.15 1.30 15.08
CA HIS D 514 25.54 0.86 15.18
C HIS D 514 26.16 1.44 16.46
N ILE D 515 26.84 0.58 17.21
CA ILE D 515 27.36 0.97 18.52
C ILE D 515 28.49 2.00 18.38
N LEU D 516 29.32 1.86 17.35
CA LEU D 516 30.45 2.76 17.19
C LEU D 516 29.99 4.20 16.97
N ALA D 517 28.82 4.40 16.37
CA ALA D 517 28.29 5.75 16.23
C ALA D 517 28.03 6.37 17.59
N PHE D 518 27.39 5.62 18.49
CA PHE D 518 27.18 6.12 19.85
C PHE D 518 28.50 6.37 20.56
N TYR D 519 29.47 5.47 20.37
CA TYR D 519 30.78 5.65 20.97
C TYR D 519 31.42 6.97 20.54
N ASN D 520 31.44 7.21 19.22
CA ASN D 520 32.06 8.43 18.71
C ASN D 520 31.30 9.67 19.15
N LEU D 521 29.96 9.60 19.16
CA LEU D 521 29.18 10.76 19.59
C LEU D 521 29.43 11.08 21.06
N ALA D 522 29.50 10.05 21.91
CA ALA D 522 29.81 10.28 23.32
C ALA D 522 31.21 10.84 23.49
N GLN D 523 32.17 10.34 22.71
CA GLN D 523 33.53 10.90 22.77
C GLN D 523 33.52 12.37 22.40
N MET D 524 32.80 12.74 21.35
CA MET D 524 32.71 14.13 20.94
C MET D 524 32.08 14.99 22.03
N HIS D 525 31.01 14.49 22.66
CA HIS D 525 30.35 15.26 23.71
C HIS D 525 31.23 15.38 24.95
N ALA D 526 32.04 14.36 25.25
CA ALA D 526 32.89 14.41 26.43
C ALA D 526 34.09 15.33 26.21
N SER D 527 34.70 15.27 25.03
CA SER D 527 35.88 16.10 24.75
C SER D 527 35.53 17.46 24.16
N GLY D 528 34.26 17.72 23.87
CA GLY D 528 33.90 18.97 23.24
C GLY D 528 34.37 19.12 21.81
N THR D 529 34.61 18.02 21.12
CA THR D 529 35.11 18.03 19.75
C THR D 529 33.94 18.09 18.79
N GLY D 530 33.84 19.19 18.04
CA GLY D 530 32.73 19.37 17.11
C GLY D 530 31.46 19.91 17.72
N VAL D 531 31.03 19.35 18.84
CA VAL D 531 29.84 19.80 19.55
C VAL D 531 30.27 20.29 20.93
N MET D 532 29.39 21.08 21.56
CA MET D 532 29.66 21.61 22.88
C MET D 532 29.82 20.46 23.89
N ARG D 533 30.73 20.65 24.84
CA ARG D 533 31.07 19.60 25.79
C ARG D 533 29.95 19.44 26.80
N SER D 534 29.09 18.45 26.57
CA SER D 534 28.03 18.08 27.49
C SER D 534 28.30 16.68 28.02
N CYS D 535 28.35 16.53 29.34
CA CYS D 535 28.72 15.26 29.95
C CYS D 535 27.56 14.28 30.02
N HIS D 536 26.34 14.78 30.24
CA HIS D 536 25.20 13.89 30.48
C HIS D 536 24.91 13.04 29.24
N THR D 537 24.90 13.65 28.06
CA THR D 537 24.63 12.89 26.85
C THR D 537 25.74 11.90 26.56
N ALA D 538 26.99 12.29 26.83
CA ALA D 538 28.10 11.35 26.66
C ALA D 538 27.94 10.15 27.58
N VAL D 539 27.54 10.39 28.84
CA VAL D 539 27.34 9.30 29.78
C VAL D 539 26.20 8.38 29.32
N GLU D 540 25.10 8.97 28.84
CA GLU D 540 23.99 8.15 28.37
C GLU D 540 24.39 7.30 27.17
N LEU D 541 25.10 7.89 26.21
CA LEU D 541 25.54 7.12 25.05
C LEU D 541 26.52 6.03 25.44
N PHE D 542 27.44 6.33 26.36
CA PHE D 542 28.38 5.32 26.84
C PHE D 542 27.64 4.18 27.56
N LYS D 543 26.61 4.53 28.34
CA LYS D 543 25.82 3.51 29.01
C LYS D 543 25.13 2.60 28.02
N ASN D 544 24.53 3.19 26.98
CA ASN D 544 23.87 2.39 25.95
C ASN D 544 24.88 1.51 25.21
N VAL D 545 26.09 2.01 25.01
CA VAL D 545 27.13 1.20 24.38
C VAL D 545 27.52 0.03 25.29
N CYS D 546 27.76 0.31 26.58
CA CYS D 546 28.21 -0.71 27.51
C CYS D 546 27.15 -1.77 27.75
N GLU D 547 25.88 -1.44 27.60
CA GLU D 547 24.82 -2.43 27.77
C GLU D 547 24.71 -3.39 26.59
N ARG D 548 25.71 -3.40 25.71
CA ARG D 548 25.74 -4.30 24.56
C ARG D 548 26.92 -5.27 24.62
N GLY D 549 27.60 -5.37 25.76
CA GLY D 549 28.79 -6.20 25.86
C GLY D 549 28.46 -7.68 25.88
N ARG D 550 29.52 -8.48 26.00
CA ARG D 550 29.35 -9.93 26.08
C ARG D 550 28.53 -10.32 27.30
N TRP D 551 28.82 -9.72 28.45
CA TRP D 551 28.09 -10.04 29.67
C TRP D 551 26.60 -9.74 29.55
N SER D 552 26.21 -8.85 28.64
CA SER D 552 24.80 -8.57 28.43
C SER D 552 24.04 -9.80 27.97
N GLU D 553 24.73 -10.81 27.44
CA GLU D 553 24.07 -12.07 27.08
C GLU D 553 23.58 -12.82 28.31
N ARG D 554 24.19 -12.59 29.47
CA ARG D 554 23.82 -13.32 30.68
C ARG D 554 22.33 -13.18 30.99
N LEU D 555 21.73 -12.06 30.59
CA LEU D 555 20.29 -11.87 30.78
C LEU D 555 19.52 -13.08 30.27
N MET D 556 19.81 -13.50 29.04
CA MET D 556 19.12 -14.66 28.47
C MET D 556 19.27 -15.87 29.38
N THR D 557 20.49 -16.14 29.85
CA THR D 557 20.69 -17.24 30.79
C THR D 557 19.79 -17.08 32.00
N ALA D 558 19.78 -15.88 32.59
CA ALA D 558 18.87 -15.62 33.70
C ALA D 558 17.43 -15.87 33.27
N TYR D 559 17.05 -15.36 32.10
CA TYR D 559 15.70 -15.61 31.59
C TYR D 559 15.43 -17.10 31.49
N ASN D 560 16.43 -17.87 31.04
CA ASN D 560 16.27 -19.32 30.99
C ASN D 560 15.97 -19.87 32.37
N SER D 561 16.73 -19.43 33.37
CA SER D 561 16.49 -19.93 34.73
C SER D 561 15.15 -19.46 35.27
N TYR D 562 14.55 -18.44 34.65
CA TYR D 562 13.19 -18.07 35.05
C TYR D 562 12.17 -19.03 34.49
N LYS D 563 12.42 -19.55 33.28
CA LYS D 563 11.48 -20.49 32.67
C LYS D 563 11.68 -21.91 33.16
N ASP D 564 12.79 -22.20 33.84
CA ASP D 564 13.08 -23.51 34.39
C ASP D 564 12.58 -23.65 35.84
N GLU D 565 11.81 -22.68 36.33
CA GLU D 565 11.28 -22.60 37.69
C GLU D 565 12.37 -22.39 38.73
N ASP D 566 13.63 -22.31 38.34
CA ASP D 566 14.74 -22.07 39.26
C ASP D 566 14.88 -20.56 39.44
N TYR D 567 13.98 -20.00 40.24
CA TYR D 567 13.89 -18.55 40.37
C TYR D 567 15.01 -17.95 41.21
N ASN D 568 15.67 -18.74 42.06
CA ASN D 568 16.74 -18.20 42.89
C ASN D 568 17.94 -17.77 42.06
N ALA D 569 18.41 -18.65 41.18
CA ALA D 569 19.53 -18.29 40.32
C ALA D 569 19.16 -17.16 39.38
N ALA D 570 17.92 -17.16 38.88
CA ALA D 570 17.47 -16.07 38.03
C ALA D 570 17.49 -14.75 38.77
N VAL D 571 17.03 -14.74 40.02
CA VAL D 571 17.02 -13.49 40.77
C VAL D 571 18.44 -13.05 41.11
N VAL D 572 19.36 -13.99 41.33
CA VAL D 572 20.74 -13.58 41.62
C VAL D 572 21.40 -12.99 40.39
N GLN D 573 21.22 -13.62 39.22
CA GLN D 573 21.75 -13.06 37.99
C GLN D 573 21.13 -11.70 37.70
N TYR D 574 19.83 -11.56 37.96
CA TYR D 574 19.18 -10.28 37.72
C TYR D 574 19.63 -9.21 38.71
N LEU D 575 19.90 -9.57 39.96
CA LEU D 575 20.46 -8.61 40.90
C LEU D 575 21.84 -8.15 40.47
N LEU D 576 22.67 -9.08 39.98
CA LEU D 576 23.97 -8.67 39.46
C LEU D 576 23.81 -7.71 38.29
N LEU D 577 23.01 -8.09 37.30
CA LEU D 577 22.85 -7.25 36.12
C LEU D 577 22.05 -5.98 36.41
N ALA D 578 21.39 -5.90 37.55
CA ALA D 578 20.77 -4.66 37.99
C ALA D 578 21.72 -3.79 38.78
N GLU D 579 22.75 -4.38 39.38
CA GLU D 579 23.83 -3.57 39.96
C GLU D 579 24.55 -2.79 38.88
N GLN D 580 24.69 -3.37 37.70
CA GLN D 580 25.32 -2.69 36.57
C GLN D 580 24.44 -1.60 35.97
N GLY D 581 23.18 -1.51 36.37
CA GLY D 581 22.33 -0.43 35.92
C GLY D 581 21.48 -0.71 34.70
N TYR D 582 21.24 -1.98 34.37
CA TYR D 582 20.34 -2.29 33.28
C TYR D 582 18.92 -1.84 33.62
N GLU D 583 18.12 -1.65 32.57
CA GLU D 583 16.70 -1.39 32.78
C GLU D 583 15.90 -2.68 32.83
N VAL D 584 16.22 -3.63 31.95
CA VAL D 584 15.52 -4.90 31.94
C VAL D 584 15.84 -5.70 33.20
N ALA D 585 17.11 -5.71 33.61
CA ALA D 585 17.49 -6.48 34.79
C ALA D 585 16.83 -5.96 36.05
N GLN D 586 16.79 -4.65 36.24
CA GLN D 586 16.15 -4.09 37.43
C GLN D 586 14.68 -4.45 37.47
N SER D 587 13.98 -4.28 36.34
CA SER D 587 12.55 -4.58 36.30
C SER D 587 12.30 -6.07 36.55
N ASN D 588 13.11 -6.93 35.94
CA ASN D 588 12.92 -8.37 36.12
C ASN D 588 13.18 -8.79 37.57
N ALA D 589 14.25 -8.27 38.17
CA ALA D 589 14.56 -8.61 39.55
C ALA D 589 13.48 -8.11 40.50
N ALA D 590 12.99 -6.89 40.27
CA ALA D 590 11.91 -6.37 41.09
C ALA D 590 10.64 -7.20 40.93
N PHE D 591 10.33 -7.62 39.71
CA PHE D 591 9.16 -8.43 39.46
C PHE D 591 9.26 -9.78 40.17
N ILE D 592 10.41 -10.43 40.05
CA ILE D 592 10.59 -11.74 40.68
C ILE D 592 10.51 -11.62 42.20
N LEU D 593 11.16 -10.59 42.75
CA LEU D 593 11.06 -10.35 44.20
C LEU D 593 9.65 -9.99 44.60
N ASP D 594 8.86 -9.47 43.66
CA ASP D 594 7.49 -9.06 43.94
C ASP D 594 6.57 -10.25 44.12
N GLN D 595 6.50 -11.11 43.11
CA GLN D 595 5.61 -12.28 43.14
C GLN D 595 6.09 -13.35 44.13
N ARG D 596 7.22 -13.12 44.80
CA ARG D 596 7.71 -13.98 45.86
C ARG D 596 8.07 -15.37 45.34
N GLU D 597 8.60 -15.45 44.13
CA GLU D 597 9.07 -16.72 43.58
C GLU D 597 10.52 -17.02 43.93
N ALA D 598 11.25 -16.07 44.48
CA ALA D 598 12.65 -16.25 44.86
C ALA D 598 12.71 -16.50 46.37
N THR D 599 13.19 -17.67 46.76
CA THR D 599 13.22 -18.05 48.17
C THR D 599 14.53 -17.68 48.85
N ILE D 600 15.53 -17.19 48.11
CA ILE D 600 16.81 -16.84 48.71
C ILE D 600 16.63 -15.67 49.68
N VAL D 601 15.95 -14.61 49.23
CA VAL D 601 15.72 -13.46 50.07
C VAL D 601 14.68 -13.79 51.14
N GLY D 602 14.85 -13.20 52.32
CA GLY D 602 13.89 -13.38 53.39
C GLY D 602 12.51 -12.88 53.03
N GLU D 603 11.48 -13.69 53.30
CA GLU D 603 10.12 -13.32 52.94
C GLU D 603 9.61 -12.12 53.72
N ASN D 604 10.29 -11.71 54.79
CA ASN D 604 9.99 -10.46 55.47
C ASN D 604 10.76 -9.29 54.89
N GLU D 605 11.54 -9.52 53.84
CA GLU D 605 12.34 -8.45 53.23
C GLU D 605 12.29 -8.45 51.72
N THR D 606 11.39 -9.23 51.10
CA THR D 606 11.26 -9.19 49.65
C THR D 606 10.75 -7.84 49.17
N TYR D 607 9.79 -7.27 49.90
CA TYR D 607 9.18 -6.01 49.47
C TYR D 607 10.11 -4.81 49.59
N PRO D 608 10.96 -4.71 50.61
CA PRO D 608 11.96 -3.62 50.58
C PRO D 608 12.85 -3.64 49.35
N ARG D 609 13.42 -4.79 49.02
CA ARG D 609 14.29 -4.86 47.85
C ARG D 609 13.50 -4.65 46.56
N ALA D 610 12.29 -5.19 46.48
CA ALA D 610 11.47 -4.98 45.30
C ALA D 610 11.15 -3.51 45.13
N LEU D 611 10.84 -2.81 46.23
CA LEU D 611 10.61 -1.38 46.15
C LEU D 611 11.85 -0.64 45.71
N LEU D 612 13.02 -1.05 46.22
CA LEU D 612 14.27 -0.41 45.83
C LEU D 612 14.50 -0.54 44.32
N HIS D 613 14.28 -1.74 43.78
CA HIS D 613 14.53 -1.94 42.36
C HIS D 613 13.47 -1.30 41.49
N TRP D 614 12.22 -1.25 41.96
CA TRP D 614 11.21 -0.49 41.23
C TRP D 614 11.57 1.00 41.21
N ASN D 615 12.07 1.52 42.32
CA ASN D 615 12.48 2.91 42.37
C ASN D 615 13.65 3.18 41.41
N ARG D 616 14.61 2.25 41.36
CA ARG D 616 15.70 2.40 40.41
C ARG D 616 15.22 2.36 38.98
N ALA D 617 14.28 1.45 38.67
CA ALA D 617 13.77 1.33 37.31
C ALA D 617 12.87 2.48 36.93
N ALA D 618 12.30 3.19 37.90
CA ALA D 618 11.48 4.35 37.57
C ALA D 618 12.33 5.53 37.12
N SER D 619 13.49 5.71 37.73
CA SER D 619 14.39 6.80 37.36
C SER D 619 14.97 6.63 35.97
N GLN D 620 14.84 5.45 35.36
CA GLN D 620 15.30 5.22 34.00
C GLN D 620 14.15 5.21 33.00
N GLY D 621 13.02 5.81 33.35
CA GLY D 621 11.92 5.94 32.42
C GLY D 621 11.21 4.64 32.10
N TYR D 622 10.54 4.06 33.09
CA TYR D 622 9.73 2.87 32.90
C TYR D 622 8.38 3.09 33.58
N THR D 623 7.31 3.11 32.78
CA THR D 623 6.00 3.42 33.32
C THR D 623 5.56 2.40 34.35
N VAL D 624 5.80 1.11 34.07
CA VAL D 624 5.38 0.05 34.99
C VAL D 624 6.02 0.24 36.34
N ALA D 625 7.29 0.69 36.36
CA ALA D 625 7.96 0.93 37.63
C ALA D 625 7.27 2.03 38.44
N ARG D 626 6.88 3.12 37.78
CA ARG D 626 6.20 4.20 38.49
C ARG D 626 4.85 3.74 39.02
N ILE D 627 4.10 3.00 38.20
CA ILE D 627 2.81 2.49 38.65
C ILE D 627 2.98 1.53 39.82
N LYS D 628 4.02 0.68 39.78
CA LYS D 628 4.25 -0.26 40.86
C LYS D 628 4.69 0.45 42.14
N LEU D 629 5.47 1.51 42.03
CA LEU D 629 5.78 2.31 43.21
C LEU D 629 4.53 2.93 43.80
N GLY D 630 3.64 3.44 42.94
CA GLY D 630 2.38 3.94 43.42
C GLY D 630 1.58 2.87 44.15
N ASP D 631 1.54 1.66 43.58
CA ASP D 631 0.80 0.54 44.23
C ASP D 631 1.44 0.22 45.59
N TYR D 632 2.77 0.14 45.65
CA TYR D 632 3.46 -0.21 46.88
C TYR D 632 3.20 0.80 47.98
N HIS D 633 3.27 2.09 47.65
CA HIS D 633 2.96 3.10 48.65
C HIS D 633 1.45 3.20 48.91
N PHE D 634 0.62 2.63 48.05
CA PHE D 634 -0.83 2.70 48.19
C PHE D 634 -1.35 1.59 49.10
N TYR D 635 -1.09 0.33 48.73
CA TYR D 635 -1.59 -0.79 49.52
C TYR D 635 -0.95 -0.82 50.90
N GLY D 636 0.38 -0.74 50.95
CA GLY D 636 1.10 -0.83 52.19
C GLY D 636 2.30 -1.75 52.09
N PHE D 637 2.57 -2.24 50.88
CA PHE D 637 3.73 -3.09 50.66
C PHE D 637 5.01 -2.31 50.89
N GLY D 638 5.99 -2.98 51.50
CA GLY D 638 7.31 -2.38 51.67
C GLY D 638 7.34 -1.27 52.68
N THR D 639 6.67 -0.17 52.37
CA THR D 639 6.57 0.98 53.25
C THR D 639 5.18 1.04 53.88
N ASP D 640 5.04 1.91 54.88
CA ASP D 640 3.73 2.12 55.49
C ASP D 640 2.76 2.72 54.48
N VAL D 641 1.47 2.68 54.83
CA VAL D 641 0.44 3.21 53.94
C VAL D 641 0.64 4.72 53.80
N ASP D 642 0.66 5.19 52.55
CA ASP D 642 0.88 6.61 52.27
C ASP D 642 0.17 6.92 50.96
N TYR D 643 -1.02 7.51 51.06
CA TYR D 643 -1.79 7.83 49.87
C TYR D 643 -1.18 9.00 49.10
N GLU D 644 -0.55 9.94 49.79
CA GLU D 644 0.02 11.11 49.11
C GLU D 644 1.12 10.70 48.14
N THR D 645 2.05 9.86 48.58
CA THR D 645 3.15 9.45 47.72
C THR D 645 2.64 8.62 46.54
N ALA D 646 1.67 7.74 46.79
CA ALA D 646 1.07 6.97 45.71
C ALA D 646 0.43 7.88 44.68
N PHE D 647 -0.28 8.91 45.15
CA PHE D 647 -0.88 9.88 44.25
C PHE D 647 0.19 10.59 43.43
N ILE D 648 1.28 10.97 44.08
CA ILE D 648 2.35 11.68 43.38
C ILE D 648 2.95 10.80 42.28
N HIS D 649 3.21 9.54 42.60
CA HIS D 649 3.81 8.64 41.60
C HIS D 649 2.84 8.37 40.46
N TYR D 650 1.54 8.21 40.78
CA TYR D 650 0.56 8.02 39.72
C TYR D 650 0.49 9.22 38.79
N ARG D 651 0.48 10.43 39.37
CA ARG D 651 0.42 11.64 38.57
C ARG D 651 1.66 11.78 37.70
N LEU D 652 2.83 11.48 38.28
CA LEU D 652 4.07 11.54 37.50
C LEU D 652 4.06 10.56 36.35
N ALA D 653 3.57 9.34 36.58
CA ALA D 653 3.49 8.37 35.50
C ALA D 653 2.54 8.85 34.40
N SER D 654 1.38 9.39 34.80
CA SER D 654 0.41 9.88 33.82
C SER D 654 0.97 11.02 32.99
N GLU D 655 1.66 11.96 33.64
CA GLU D 655 2.23 13.10 32.91
C GLU D 655 3.36 12.66 32.00
N GLN D 656 4.30 11.87 32.51
CA GLN D 656 5.49 11.53 31.74
C GLN D 656 5.16 10.59 30.57
N GLN D 657 4.41 9.52 30.84
CA GLN D 657 4.25 8.47 29.85
C GLN D 657 2.83 8.31 29.32
N HIS D 658 1.86 9.05 29.87
CA HIS D 658 0.47 8.98 29.42
C HIS D 658 -0.06 7.54 29.51
N SER D 659 -0.01 6.99 30.72
CA SER D 659 -0.48 5.64 30.97
C SER D 659 -1.97 5.66 31.25
N ALA D 660 -2.71 4.79 30.55
CA ALA D 660 -4.16 4.73 30.77
C ALA D 660 -4.48 4.30 32.19
N GLN D 661 -3.77 3.30 32.71
CA GLN D 661 -4.04 2.83 34.06
C GLN D 661 -3.66 3.88 35.09
N ALA D 662 -2.62 4.66 34.84
CA ALA D 662 -2.28 5.75 35.75
C ALA D 662 -3.40 6.78 35.79
N MET D 663 -3.98 7.13 34.64
CA MET D 663 -5.08 8.06 34.61
C MET D 663 -6.31 7.50 35.32
N PHE D 664 -6.59 6.21 35.12
CA PHE D 664 -7.72 5.59 35.81
C PHE D 664 -7.53 5.61 37.32
N ASN D 665 -6.31 5.32 37.78
CA ASN D 665 -6.04 5.35 39.22
C ASN D 665 -6.10 6.77 39.76
N LEU D 666 -5.68 7.76 38.99
CA LEU D 666 -5.85 9.15 39.39
C LEU D 666 -7.33 9.49 39.54
N GLY D 667 -8.15 9.05 38.59
CA GLY D 667 -9.58 9.26 38.71
C GLY D 667 -10.17 8.60 39.94
N TYR D 668 -9.71 7.37 40.23
CA TYR D 668 -10.19 6.68 41.42
C TYR D 668 -9.79 7.43 42.69
N MET D 669 -8.56 7.94 42.73
CA MET D 669 -8.10 8.65 43.93
C MET D 669 -8.84 9.98 44.10
N HIS D 670 -9.14 10.65 43.00
CA HIS D 670 -9.92 11.89 43.10
C HIS D 670 -11.36 11.61 43.49
N GLU D 671 -11.94 10.51 43.01
CA GLU D 671 -13.30 10.14 43.38
C GLU D 671 -13.40 9.79 44.86
N LYS D 672 -12.51 8.92 45.33
CA LYS D 672 -12.55 8.49 46.73
C LYS D 672 -11.98 9.52 47.68
N GLY D 673 -11.41 10.60 47.18
CA GLY D 673 -10.80 11.60 48.04
C GLY D 673 -9.58 11.12 48.78
N LEU D 674 -8.69 10.41 48.10
CA LEU D 674 -7.46 9.90 48.70
C LEU D 674 -6.31 10.81 48.29
N GLY D 675 -5.61 11.35 49.29
CA GLY D 675 -4.50 12.27 49.01
C GLY D 675 -4.91 13.67 48.67
N ILE D 676 -5.81 13.83 47.71
CA ILE D 676 -6.31 15.13 47.31
C ILE D 676 -7.77 15.26 47.76
N LYS D 677 -8.27 16.49 47.75
CA LYS D 677 -9.65 16.73 48.13
C LYS D 677 -10.60 16.00 47.19
N GLN D 678 -11.67 15.45 47.76
CA GLN D 678 -12.64 14.67 47.01
C GLN D 678 -13.42 15.58 46.08
N ASP D 679 -13.06 15.56 44.80
CA ASP D 679 -13.75 16.35 43.77
C ASP D 679 -14.23 15.41 42.68
N ILE D 680 -15.52 15.46 42.39
CA ILE D 680 -16.09 14.55 41.40
C ILE D 680 -15.83 15.05 39.98
N HIS D 681 -15.81 16.37 39.77
CA HIS D 681 -15.58 16.90 38.43
C HIS D 681 -14.20 16.54 37.91
N LEU D 682 -13.17 16.68 38.76
CA LEU D 682 -11.83 16.27 38.35
C LEU D 682 -11.78 14.76 38.09
N ALA D 683 -12.53 13.98 38.87
CA ALA D 683 -12.59 12.55 38.62
C ALA D 683 -13.18 12.25 37.25
N LYS D 684 -14.26 12.95 36.89
CA LYS D 684 -14.84 12.80 35.57
C LYS D 684 -13.85 13.16 34.47
N ARG D 685 -13.13 14.27 34.67
CA ARG D 685 -12.12 14.67 33.70
C ARG D 685 -11.05 13.61 33.52
N PHE D 686 -10.56 13.05 34.64
CA PHE D 686 -9.50 12.06 34.57
C PHE D 686 -9.98 10.75 33.96
N TYR D 687 -11.22 10.34 34.26
CA TYR D 687 -11.77 9.16 33.62
C TYR D 687 -11.92 9.35 32.12
N ASP D 688 -12.36 10.54 31.70
CA ASP D 688 -12.45 10.82 30.27
C ASP D 688 -11.07 10.78 29.61
N MET D 689 -10.06 11.34 30.29
CA MET D 689 -8.70 11.31 29.76
C MET D 689 -8.19 9.87 29.64
N ALA D 690 -8.50 9.04 30.63
CA ALA D 690 -8.13 7.63 30.55
C ALA D 690 -8.83 6.95 29.37
N ALA D 691 -10.10 7.26 29.17
CA ALA D 691 -10.85 6.65 28.06
C ALA D 691 -10.26 7.05 26.72
N GLU D 692 -9.89 8.33 26.56
CA GLU D 692 -9.34 8.81 25.31
C GLU D 692 -7.86 8.48 25.14
N ALA D 693 -7.18 8.08 26.21
CA ALA D 693 -5.76 7.78 26.13
C ALA D 693 -5.46 6.40 25.56
N SER D 694 -6.43 5.47 25.61
CA SER D 694 -6.20 4.14 25.10
C SER D 694 -7.53 3.50 24.75
N PRO D 695 -7.61 2.69 23.69
CA PRO D 695 -8.89 2.05 23.36
C PRO D 695 -9.28 0.90 24.26
N ASP D 696 -8.32 0.26 24.93
CA ASP D 696 -8.63 -0.86 25.82
C ASP D 696 -9.25 -0.42 27.13
N ALA D 697 -9.20 0.87 27.46
CA ALA D 697 -9.76 1.38 28.71
C ALA D 697 -11.20 1.82 28.56
N GLN D 698 -11.95 1.25 27.63
CA GLN D 698 -13.33 1.66 27.42
C GLN D 698 -14.25 1.09 28.49
N VAL D 699 -14.24 -0.24 28.66
CA VAL D 699 -15.14 -0.87 29.64
C VAL D 699 -14.84 -0.44 31.07
N PRO D 700 -13.59 -0.46 31.56
CA PRO D 700 -13.37 -0.04 32.96
C PRO D 700 -13.78 1.40 33.21
N VAL D 701 -13.50 2.29 32.26
CA VAL D 701 -13.91 3.69 32.41
C VAL D 701 -15.42 3.80 32.40
N PHE D 702 -16.10 3.05 31.53
CA PHE D 702 -17.55 3.10 31.48
C PHE D 702 -18.16 2.62 32.80
N LEU D 703 -17.64 1.52 33.36
CA LEU D 703 -18.17 1.03 34.63
C LEU D 703 -17.88 2.01 35.77
N ALA D 704 -16.68 2.58 35.80
CA ALA D 704 -16.35 3.54 36.85
C ALA D 704 -17.23 4.78 36.75
N LEU D 705 -17.51 5.23 35.52
CA LEU D 705 -18.38 6.38 35.33
C LEU D 705 -19.81 6.05 35.72
N CYS D 706 -20.26 4.82 35.46
CA CYS D 706 -21.58 4.41 35.91
C CYS D 706 -21.66 4.43 37.44
N LYS D 707 -20.63 3.93 38.11
CA LYS D 707 -20.59 3.98 39.56
C LYS D 707 -20.60 5.42 40.08
N LEU D 708 -19.81 6.28 39.45
CA LEU D 708 -19.78 7.69 39.86
C LEU D 708 -21.12 8.36 39.64
N GLY D 709 -21.79 8.04 38.53
CA GLY D 709 -23.11 8.60 38.28
C GLY D 709 -24.14 8.12 39.26
N VAL D 710 -24.07 6.83 39.66
CA VAL D 710 -24.98 6.32 40.67
C VAL D 710 -24.78 7.05 41.99
N VAL D 711 -23.52 7.23 42.38
CA VAL D 711 -23.23 7.95 43.62
C VAL D 711 -23.72 9.39 43.53
N TYR D 712 -23.50 10.03 42.38
CA TYR D 712 -23.92 11.42 42.19
C TYR D 712 -25.43 11.56 42.26
N PHE D 713 -26.15 10.61 41.64
CA PHE D 713 -27.61 10.65 41.70
C PHE D 713 -28.11 10.42 43.12
N LEU D 714 -27.50 9.49 43.85
CA LEU D 714 -27.89 9.28 45.24
C LEU D 714 -27.65 10.54 46.08
N GLN D 715 -26.50 11.20 45.87
CA GLN D 715 -26.22 12.44 46.59
C GLN D 715 -27.22 13.52 46.23
N TYR D 716 -27.58 13.62 44.94
CA TYR D 716 -28.54 14.62 44.50
C TYR D 716 -29.91 14.38 45.12
N ILE D 717 -30.33 13.10 45.20
CA ILE D 717 -31.60 12.79 45.83
C ILE D 717 -31.55 13.09 47.32
N ARG D 718 -30.42 12.83 47.96
CA ARG D 718 -30.29 13.12 49.39
C ARG D 718 -30.38 14.62 49.66
N GLU D 719 -29.71 15.44 48.84
CA GLU D 719 -29.70 16.87 49.10
C GLU D 719 -31.00 17.55 48.68
N ALA D 720 -31.66 17.03 47.64
CA ALA D 720 -32.88 17.64 47.11
C ALA D 720 -34.10 17.01 47.75
N ASN D 721 -35.20 17.77 47.76
CA ASN D 721 -36.46 17.30 48.31
C ASN D 721 -37.45 16.95 47.21
N VAL E 28 -23.03 10.61 -51.54
CA VAL E 28 -23.30 11.92 -52.11
C VAL E 28 -22.58 12.06 -53.44
N GLY E 29 -21.46 11.34 -53.59
CA GLY E 29 -20.70 11.37 -54.82
C GLY E 29 -19.84 10.14 -54.94
N SER E 30 -19.39 9.89 -56.17
CA SER E 30 -18.56 8.73 -56.44
C SER E 30 -17.18 8.89 -55.85
N LEU E 31 -16.59 7.77 -55.44
CA LEU E 31 -15.22 7.75 -54.92
C LEU E 31 -14.46 6.67 -55.67
N ASN E 32 -13.49 7.07 -56.49
CA ASN E 32 -12.69 6.14 -57.27
C ASN E 32 -11.63 5.54 -56.35
N LEU E 33 -12.00 4.48 -55.63
CA LEU E 33 -11.06 3.82 -54.73
C LEU E 33 -9.90 3.22 -55.50
N GLU E 34 -10.17 2.70 -56.70
CA GLU E 34 -9.08 2.15 -57.53
C GLU E 34 -8.08 3.23 -57.90
N GLU E 35 -8.55 4.43 -58.25
CA GLU E 35 -7.65 5.53 -58.54
C GLU E 35 -6.86 5.93 -57.30
N LEU E 36 -7.52 5.94 -56.14
CA LEU E 36 -6.82 6.31 -54.91
C LEU E 36 -5.73 5.30 -54.57
N SER E 37 -5.98 4.02 -54.82
CA SER E 37 -5.00 2.99 -54.45
C SER E 37 -3.87 2.92 -55.47
N GLU E 38 -4.19 2.87 -56.76
CA GLU E 38 -3.20 2.61 -57.79
C GLU E 38 -2.53 3.89 -58.29
N MET E 39 -3.32 4.87 -58.71
CA MET E 39 -2.76 6.09 -59.30
C MET E 39 -2.02 6.91 -58.25
N ARG E 40 -0.86 7.42 -58.63
CA ARG E 40 -0.08 8.33 -57.80
C ARG E 40 0.40 9.50 -58.66
N TYR E 41 0.39 10.70 -58.09
CA TYR E 41 0.70 11.91 -58.82
C TYR E 41 1.71 12.75 -58.05
N GLY E 42 2.22 13.78 -58.72
CA GLY E 42 3.15 14.73 -58.15
C GLY E 42 3.12 16.03 -58.92
N ILE E 43 3.03 17.16 -58.21
CA ILE E 43 2.79 18.46 -58.83
C ILE E 43 4.13 19.19 -59.00
N GLU E 44 4.37 19.69 -60.20
CA GLU E 44 5.54 20.50 -60.50
C GLU E 44 5.09 21.69 -61.36
N ILE E 45 5.60 22.87 -61.04
CA ILE E 45 5.20 24.10 -61.71
C ILE E 45 6.32 24.57 -62.62
N LEU E 46 5.99 24.82 -63.89
CA LEU E 46 6.94 25.31 -64.88
C LEU E 46 7.21 26.80 -64.64
N PRO E 47 8.40 27.29 -65.05
CA PRO E 47 8.78 28.68 -64.71
C PRO E 47 7.83 29.73 -65.23
N LEU E 48 7.68 29.84 -66.55
CA LEU E 48 6.74 30.82 -67.09
C LEU E 48 6.39 30.56 -68.56
N PRO E 49 5.69 29.47 -68.88
CA PRO E 49 5.00 29.40 -70.18
C PRO E 49 3.69 30.15 -70.12
N VAL E 50 2.86 30.06 -71.16
CA VAL E 50 1.59 30.77 -71.21
C VAL E 50 0.52 29.80 -71.72
N MET E 51 -0.28 29.27 -70.80
CA MET E 51 -1.50 28.56 -71.15
C MET E 51 -2.70 29.49 -70.97
N GLY E 52 -3.89 28.95 -71.23
CA GLY E 52 -5.12 29.66 -70.90
C GLY E 52 -6.16 29.73 -72.00
N GLY E 53 -5.72 29.85 -73.24
CA GLY E 53 -6.64 30.01 -74.35
C GLY E 53 -6.84 28.74 -75.16
N GLN E 54 -6.29 27.63 -74.69
CA GLN E 54 -6.34 26.38 -75.42
C GLN E 54 -7.61 25.60 -75.04
N SER E 55 -7.70 24.35 -75.49
CA SER E 55 -8.91 23.56 -75.32
C SER E 55 -9.17 23.26 -73.85
N GLN E 56 -10.43 23.36 -73.45
CA GLN E 56 -10.87 22.97 -72.11
C GLN E 56 -11.36 21.52 -72.13
N SER E 57 -10.41 20.60 -72.30
CA SER E 57 -10.68 19.18 -72.42
C SER E 57 -10.78 18.48 -71.07
N SER E 58 -11.06 19.21 -70.00
CA SER E 58 -11.21 18.72 -68.63
C SER E 58 -9.91 18.19 -68.05
N ASP E 59 -8.82 18.22 -68.79
CA ASP E 59 -7.50 17.84 -68.28
C ASP E 59 -6.73 19.02 -67.73
N VAL E 60 -7.35 20.20 -67.66
CA VAL E 60 -6.72 21.38 -67.12
C VAL E 60 -7.61 21.97 -66.04
N VAL E 61 -6.97 22.52 -65.00
CA VAL E 61 -7.67 23.15 -63.89
C VAL E 61 -7.13 24.57 -63.72
N ILE E 62 -8.06 25.49 -63.48
CA ILE E 62 -7.75 26.91 -63.35
C ILE E 62 -7.72 27.23 -61.86
N VAL E 63 -6.51 27.48 -61.34
CA VAL E 63 -6.31 27.77 -59.93
C VAL E 63 -5.43 29.00 -59.81
N SER E 64 -5.78 29.89 -58.88
CA SER E 64 -5.04 31.12 -58.67
C SER E 64 -4.27 31.05 -57.36
N SER E 65 -3.09 31.65 -57.35
CA SER E 65 -2.21 31.62 -56.18
C SER E 65 -2.71 32.63 -55.14
N LYS E 66 -1.94 32.80 -54.07
CA LYS E 66 -2.32 33.74 -53.03
C LYS E 66 -2.26 35.18 -53.52
N TYR E 67 -1.35 35.49 -54.44
CA TYR E 67 -1.13 36.85 -54.91
C TYR E 67 -1.93 37.15 -56.18
N LYS E 68 -3.10 36.52 -56.32
CA LYS E 68 -4.06 36.72 -57.40
C LYS E 68 -3.55 36.27 -58.77
N GLN E 69 -2.32 35.76 -58.86
CA GLN E 69 -1.83 35.23 -60.13
C GLN E 69 -2.54 33.93 -60.47
N ARG E 70 -2.88 33.76 -61.74
CA ARG E 70 -3.61 32.59 -62.20
C ARG E 70 -2.66 31.62 -62.90
N TYR E 71 -2.88 30.32 -62.67
CA TYR E 71 -2.15 29.25 -63.33
C TYR E 71 -3.14 28.37 -64.07
N GLU E 72 -2.62 27.30 -64.68
CA GLU E 72 -3.47 26.26 -65.27
C GLU E 72 -2.68 24.96 -65.21
N CYS E 73 -3.12 24.04 -64.36
CA CYS E 73 -2.44 22.77 -64.19
C CYS E 73 -3.03 21.75 -65.16
N ARG E 74 -2.19 21.18 -66.01
CA ARG E 74 -2.63 20.22 -67.02
C ARG E 74 -2.47 18.82 -66.47
N LEU E 75 -3.58 18.10 -66.33
CA LEU E 75 -3.55 16.78 -65.74
C LEU E 75 -2.95 15.77 -66.71
N PRO E 76 -2.38 14.67 -66.20
CA PRO E 76 -1.86 13.63 -67.08
C PRO E 76 -2.96 12.80 -67.72
N ALA E 77 -2.59 11.76 -68.46
CA ALA E 77 -3.58 10.96 -69.18
C ALA E 77 -4.42 10.11 -68.23
N GLY E 78 -3.84 9.65 -67.13
CA GLY E 78 -4.51 8.77 -66.21
C GLY E 78 -5.38 9.45 -65.16
N ALA E 79 -5.55 10.77 -65.24
CA ALA E 79 -6.31 11.48 -64.21
C ALA E 79 -7.80 11.18 -64.34
N ILE E 80 -8.38 11.51 -65.49
CA ILE E 80 -9.82 11.32 -65.68
C ILE E 80 -10.14 9.84 -65.88
N HIS E 81 -9.58 9.23 -66.93
CA HIS E 81 -9.82 7.84 -67.25
C HIS E 81 -8.73 6.98 -66.62
N PHE E 82 -9.13 5.99 -65.84
CA PHE E 82 -8.19 5.07 -65.20
C PHE E 82 -7.94 3.89 -66.14
N GLN E 83 -6.67 3.64 -66.45
CA GLN E 83 -6.28 2.53 -67.33
C GLN E 83 -5.10 1.81 -66.70
N ARG E 84 -5.24 0.50 -66.53
CA ARG E 84 -4.15 -0.29 -65.97
C ARG E 84 -3.00 -0.38 -66.97
N GLU E 85 -1.79 -0.13 -66.49
CA GLU E 85 -0.61 -0.30 -67.33
C GLU E 85 -0.46 -1.76 -67.71
N ARG E 86 -0.15 -2.01 -68.98
CA ARG E 86 -0.06 -3.36 -69.49
C ARG E 86 1.22 -4.04 -69.01
N GLU E 87 1.31 -4.31 -67.71
CA GLU E 87 2.46 -4.99 -67.15
C GLU E 87 2.43 -6.46 -67.52
N GLU E 88 3.58 -6.98 -67.96
CA GLU E 88 3.67 -8.39 -68.30
C GLU E 88 3.47 -9.25 -67.07
N GLU E 89 2.78 -10.37 -67.23
CA GLU E 89 2.60 -11.31 -66.14
C GLU E 89 3.94 -11.83 -65.66
N THR E 90 4.12 -11.87 -64.34
CA THR E 90 5.38 -12.27 -63.72
C THR E 90 5.77 -13.69 -64.13
N PRO E 91 6.83 -13.85 -64.92
CA PRO E 91 7.24 -15.17 -65.37
C PRO E 91 8.21 -15.82 -64.38
N ALA E 92 8.49 -17.10 -64.65
CA ALA E 92 9.50 -17.81 -63.89
C ALA E 92 10.87 -17.19 -64.13
N TYR E 93 11.69 -17.15 -63.09
CA TYR E 93 13.00 -16.54 -63.17
C TYR E 93 13.88 -17.34 -64.13
N GLN E 94 14.16 -16.76 -65.31
CA GLN E 94 14.98 -17.45 -66.30
C GLN E 94 16.41 -17.65 -65.80
N GLY E 95 16.88 -16.77 -64.92
CA GLY E 95 18.21 -16.91 -64.36
C GLY E 95 18.23 -17.86 -63.19
N PRO E 96 18.84 -17.45 -62.09
CA PRO E 96 18.87 -18.31 -60.90
C PRO E 96 17.47 -18.53 -60.33
N GLY E 97 17.25 -19.74 -59.81
CA GLY E 97 15.99 -20.08 -59.21
C GLY E 97 15.88 -19.60 -57.78
N ILE E 98 14.74 -19.90 -57.16
CA ILE E 98 14.53 -19.51 -55.76
C ILE E 98 15.56 -20.16 -54.84
N PRO E 99 15.83 -21.47 -54.91
CA PRO E 99 16.94 -22.01 -54.12
C PRO E 99 18.29 -21.41 -54.47
N GLU E 100 18.49 -21.05 -55.74
CA GLU E 100 19.76 -20.44 -56.14
C GLU E 100 19.90 -19.03 -55.58
N LEU E 101 18.79 -18.28 -55.48
CA LEU E 101 18.84 -16.96 -54.88
C LEU E 101 19.14 -17.04 -53.39
N LEU E 102 18.67 -18.10 -52.73
CA LEU E 102 18.96 -18.32 -51.32
C LEU E 102 20.26 -19.07 -51.08
N SER E 103 20.92 -19.52 -52.15
CA SER E 103 22.22 -20.17 -52.01
C SER E 103 23.28 -19.27 -51.38
N PRO E 104 23.44 -17.99 -51.76
CA PRO E 104 24.47 -17.17 -51.11
C PRO E 104 24.28 -16.99 -49.61
N MET E 105 23.09 -17.28 -49.08
CA MET E 105 22.89 -17.19 -47.63
C MET E 105 23.80 -18.14 -46.86
N ARG E 106 24.24 -19.22 -47.50
CA ARG E 106 25.18 -20.13 -46.85
C ARG E 106 26.54 -19.47 -46.62
N ASP E 107 26.90 -18.49 -47.45
CA ASP E 107 28.20 -17.85 -47.32
C ASP E 107 28.33 -17.11 -46.00
N ALA E 108 27.28 -16.41 -45.58
CA ALA E 108 27.27 -15.64 -44.34
C ALA E 108 26.07 -16.05 -43.50
N PRO E 109 26.14 -17.22 -42.85
CA PRO E 109 25.02 -17.66 -42.02
C PRO E 109 25.05 -17.08 -40.61
N CYS E 110 24.13 -17.56 -39.76
CA CYS E 110 24.10 -17.21 -38.34
C CYS E 110 23.89 -15.71 -38.14
N LEU E 111 22.76 -15.22 -38.65
CA LEU E 111 22.35 -13.85 -38.38
C LEU E 111 21.87 -13.73 -36.93
N LEU E 112 22.33 -12.69 -36.26
CA LEU E 112 22.06 -12.48 -34.83
C LEU E 112 21.10 -11.32 -34.66
N LYS E 113 20.14 -11.47 -33.74
CA LYS E 113 19.28 -10.34 -33.41
C LYS E 113 18.72 -10.52 -32.01
N THR E 114 18.77 -9.46 -31.21
CA THR E 114 18.30 -9.49 -29.83
C THR E 114 16.96 -8.78 -29.71
N LYS E 115 15.97 -9.48 -29.15
CA LYS E 115 14.65 -8.91 -28.91
C LYS E 115 14.29 -9.12 -27.45
N ASP E 116 13.94 -8.03 -26.76
CA ASP E 116 13.48 -8.09 -25.38
C ASP E 116 14.49 -8.78 -24.47
N TRP E 117 14.27 -10.08 -24.22
CA TRP E 117 15.09 -10.85 -23.30
C TRP E 117 15.90 -11.94 -23.97
N TRP E 118 15.68 -12.22 -25.25
CA TRP E 118 16.33 -13.34 -25.91
C TRP E 118 16.96 -12.89 -27.23
N THR E 119 18.11 -13.48 -27.56
CA THR E 119 18.79 -13.27 -28.81
C THR E 119 18.68 -14.53 -29.65
N TYR E 120 18.29 -14.37 -30.91
CA TYR E 120 18.12 -15.46 -31.85
C TYR E 120 19.25 -15.44 -32.88
N GLU E 121 19.76 -16.63 -33.17
CA GLU E 121 20.82 -16.85 -34.15
C GLU E 121 20.29 -17.80 -35.21
N PHE E 122 20.13 -17.28 -36.43
CA PHE E 122 19.62 -18.05 -37.56
C PHE E 122 20.80 -18.45 -38.44
N CYS E 123 21.29 -19.68 -38.26
CA CYS E 123 22.35 -20.21 -39.11
C CYS E 123 21.68 -20.88 -40.30
N TYR E 124 21.69 -20.21 -41.45
CA TYR E 124 20.98 -20.69 -42.63
C TYR E 124 21.48 -22.08 -43.02
N GLY E 125 20.54 -23.00 -43.20
CA GLY E 125 20.86 -24.37 -43.50
C GLY E 125 21.45 -25.17 -42.37
N ARG E 126 21.80 -24.53 -41.25
CA ARG E 126 22.40 -25.23 -40.12
C ARG E 126 21.42 -25.40 -38.96
N HIS E 127 20.90 -24.29 -38.41
CA HIS E 127 19.98 -24.39 -37.28
C HIS E 127 19.37 -23.04 -36.89
N ILE E 128 18.49 -23.08 -35.89
CA ILE E 128 17.97 -21.89 -35.23
C ILE E 128 18.28 -22.00 -33.75
N GLN E 129 18.84 -20.94 -33.17
CA GLN E 129 19.27 -20.95 -31.78
C GLN E 129 18.69 -19.76 -31.05
N GLN E 130 18.46 -19.93 -29.75
CA GLN E 130 17.94 -18.89 -28.89
C GLN E 130 18.67 -18.92 -27.56
N TYR E 131 19.17 -17.77 -27.11
CA TYR E 131 19.91 -17.73 -25.86
C TYR E 131 19.87 -16.31 -25.30
N HIS E 132 20.20 -16.18 -24.02
CA HIS E 132 20.20 -14.89 -23.34
C HIS E 132 21.62 -14.34 -23.31
N MET E 133 21.80 -13.12 -23.82
CA MET E 133 23.10 -12.47 -23.90
C MET E 133 23.15 -11.31 -22.90
N GLU E 134 24.23 -11.27 -22.11
CA GLU E 134 24.48 -10.18 -21.18
C GLU E 134 25.93 -9.74 -21.34
N ASP E 135 26.13 -8.46 -21.66
CA ASP E 135 27.45 -7.89 -21.87
C ASP E 135 28.23 -8.66 -22.92
N SER E 136 27.55 -8.94 -24.05
CA SER E 136 28.13 -9.67 -25.18
C SER E 136 28.65 -11.04 -24.76
N GLU E 137 27.98 -11.68 -23.81
CA GLU E 137 28.32 -13.02 -23.35
C GLU E 137 27.06 -13.86 -23.28
N ILE E 138 27.14 -15.09 -23.77
CA ILE E 138 26.01 -16.00 -23.77
C ILE E 138 25.85 -16.58 -22.37
N LYS E 139 24.69 -16.39 -21.77
CA LYS E 139 24.40 -16.87 -20.43
C LYS E 139 23.09 -17.64 -20.42
N GLY E 140 22.98 -18.55 -19.46
CA GLY E 140 21.79 -19.37 -19.34
C GLY E 140 21.79 -20.52 -20.33
N GLU E 141 20.70 -21.28 -20.32
CA GLU E 141 20.56 -22.41 -21.22
C GLU E 141 20.41 -21.92 -22.66
N VAL E 142 21.06 -22.62 -23.58
CA VAL E 142 21.00 -22.30 -25.00
C VAL E 142 19.97 -23.20 -25.65
N LEU E 143 18.99 -22.61 -26.30
CA LEU E 143 17.84 -23.34 -26.84
C LEU E 143 17.98 -23.55 -28.34
N TYR E 144 17.61 -24.74 -28.80
CA TYR E 144 17.56 -25.07 -30.22
C TYR E 144 16.13 -24.94 -30.71
N LEU E 145 15.93 -24.20 -31.79
CA LEU E 145 14.59 -23.97 -32.33
C LEU E 145 14.29 -24.84 -33.55
N GLY E 146 15.27 -25.51 -34.11
CA GLY E 146 15.03 -26.40 -35.23
C GLY E 146 16.25 -26.52 -36.11
N TYR E 147 16.29 -27.61 -36.87
CA TYR E 147 17.33 -27.91 -37.85
C TYR E 147 16.72 -27.93 -39.25
N TYR E 148 17.59 -27.85 -40.25
CA TYR E 148 17.14 -27.79 -41.64
C TYR E 148 16.38 -29.06 -42.03
N GLN E 149 15.07 -28.92 -42.27
CA GLN E 149 14.24 -30.06 -42.64
C GLN E 149 14.10 -30.20 -44.15
N SER E 150 13.56 -29.17 -44.81
CA SER E 150 13.34 -29.20 -46.24
C SER E 150 13.04 -27.78 -46.70
N ALA E 151 13.11 -27.57 -48.01
CA ALA E 151 12.83 -26.28 -48.63
C ALA E 151 11.55 -26.37 -49.46
N PHE E 152 10.81 -25.26 -49.46
CA PHE E 152 9.56 -25.19 -50.21
C PHE E 152 9.86 -24.98 -51.69
N ASP E 153 9.50 -25.96 -52.51
CA ASP E 153 9.73 -25.90 -53.95
C ASP E 153 8.56 -25.19 -54.63
N TRP E 154 8.88 -24.17 -55.42
CA TRP E 154 7.85 -23.40 -56.12
C TRP E 154 7.33 -24.08 -57.36
N ASP E 155 7.95 -25.19 -57.80
CA ASP E 155 7.50 -25.89 -59.00
C ASP E 155 6.20 -26.64 -58.77
N ASP E 156 5.78 -26.83 -57.51
CA ASP E 156 4.53 -27.52 -57.21
C ASP E 156 3.43 -26.48 -57.05
N GLU E 157 2.69 -26.24 -58.13
CA GLU E 157 1.60 -25.27 -58.11
C GLU E 157 0.28 -25.85 -57.64
N THR E 158 0.19 -27.17 -57.44
CA THR E 158 -1.05 -27.78 -57.02
C THR E 158 -1.40 -27.44 -55.58
N ALA E 159 -0.40 -27.33 -54.71
CA ALA E 159 -0.66 -27.08 -53.30
C ALA E 159 -1.14 -25.66 -53.08
N LYS E 160 -2.05 -25.50 -52.10
CA LYS E 160 -2.53 -24.18 -51.74
C LYS E 160 -1.45 -23.32 -51.09
N ALA E 161 -0.41 -23.95 -50.54
CA ALA E 161 0.72 -23.19 -50.01
C ALA E 161 1.42 -22.39 -51.11
N SER E 162 1.44 -22.91 -52.34
CA SER E 162 1.98 -22.14 -53.46
C SER E 162 1.15 -20.89 -53.70
N LYS E 163 -0.18 -21.02 -53.64
CA LYS E 163 -1.04 -19.84 -53.78
C LYS E 163 -0.79 -18.84 -52.66
N GLN E 164 -0.65 -19.33 -51.42
CA GLN E 164 -0.39 -18.44 -50.29
C GLN E 164 0.93 -17.69 -50.48
N HIS E 165 1.99 -18.42 -50.87
CA HIS E 165 3.29 -17.80 -51.05
C HIS E 165 3.25 -16.77 -52.19
N ARG E 166 2.58 -17.09 -53.29
CA ARG E 166 2.53 -16.17 -54.41
C ARG E 166 1.69 -14.93 -54.10
N LEU E 167 0.59 -15.09 -53.36
CA LEU E 167 -0.25 -13.95 -53.02
C LEU E 167 0.35 -13.10 -51.91
N LYS E 168 1.21 -13.69 -51.08
CA LYS E 168 1.81 -12.96 -49.96
C LYS E 168 3.27 -12.62 -50.18
N ARG E 169 3.91 -13.20 -51.20
CA ARG E 169 5.26 -12.83 -51.62
C ARG E 169 6.29 -13.01 -50.50
N TYR E 170 6.48 -14.27 -50.10
CA TYR E 170 7.54 -14.63 -49.16
C TYR E 170 7.94 -16.08 -49.41
N HIS E 171 9.22 -16.37 -49.22
CA HIS E 171 9.76 -17.72 -49.40
C HIS E 171 10.04 -18.31 -48.03
N SER E 172 9.43 -19.46 -47.74
CA SER E 172 9.43 -20.00 -46.38
C SER E 172 10.18 -21.32 -46.32
N GLN E 173 10.77 -21.57 -45.15
CA GLN E 173 11.45 -22.82 -44.84
C GLN E 173 11.08 -23.22 -43.41
N THR E 174 11.23 -24.51 -43.12
CA THR E 174 10.85 -25.08 -41.84
C THR E 174 12.06 -25.62 -41.11
N TYR E 175 12.10 -25.42 -39.79
CA TYR E 175 13.14 -25.96 -38.93
C TYR E 175 12.48 -26.69 -37.78
N GLY E 176 12.74 -27.99 -37.66
CA GLY E 176 12.09 -28.81 -36.67
C GLY E 176 13.10 -29.58 -35.82
N ASN E 177 12.56 -30.38 -34.91
CA ASN E 177 13.36 -31.19 -33.98
C ASN E 177 14.31 -30.32 -33.16
N GLY E 178 13.77 -29.26 -32.59
CA GLY E 178 14.52 -28.35 -31.75
C GLY E 178 14.52 -28.77 -30.30
N SER E 179 14.73 -27.79 -29.42
CA SER E 179 14.74 -28.07 -27.98
C SER E 179 13.34 -28.41 -27.49
N LYS E 180 13.29 -29.06 -26.34
CA LYS E 180 12.03 -29.52 -25.77
C LYS E 180 11.23 -28.34 -25.23
N CYS E 181 9.91 -28.41 -25.39
CA CYS E 181 9.00 -27.37 -24.91
C CYS E 181 8.48 -27.76 -23.53
N ASP E 182 8.57 -26.82 -22.59
CA ASP E 182 8.20 -27.06 -21.20
C ASP E 182 6.68 -26.97 -20.97
N LEU E 183 5.88 -26.92 -22.03
CA LEU E 183 4.43 -26.85 -21.91
C LEU E 183 3.73 -28.10 -22.43
N ASN E 184 4.12 -28.59 -23.60
CA ASN E 184 3.52 -29.77 -24.19
C ASN E 184 4.52 -30.88 -24.49
N GLY E 185 5.82 -30.61 -24.47
CA GLY E 185 6.83 -31.60 -24.74
C GLY E 185 7.19 -31.78 -26.19
N ARG E 186 6.49 -31.13 -27.11
CA ARG E 186 6.82 -31.24 -28.52
C ARG E 186 8.05 -30.41 -28.85
N PRO E 187 8.85 -30.84 -29.83
CA PRO E 187 10.05 -30.08 -30.20
C PRO E 187 9.69 -28.73 -30.79
N ARG E 188 10.60 -27.77 -30.58
CA ARG E 188 10.38 -26.41 -31.07
C ARG E 188 10.39 -26.39 -32.59
N GLU E 189 9.43 -25.69 -33.18
CA GLU E 189 9.31 -25.54 -34.61
C GLU E 189 9.44 -24.07 -34.99
N ALA E 190 10.23 -23.81 -36.04
CA ALA E 190 10.49 -22.45 -36.50
C ALA E 190 10.15 -22.35 -37.98
N GLU E 191 9.50 -21.26 -38.35
CA GLU E 191 9.15 -20.96 -39.73
C GLU E 191 9.95 -19.73 -40.15
N VAL E 192 10.90 -19.91 -41.05
CA VAL E 192 11.80 -18.85 -41.47
C VAL E 192 11.36 -18.39 -42.86
N ARG E 193 10.84 -17.17 -42.94
CA ARG E 193 10.31 -16.63 -44.19
C ARG E 193 11.14 -15.42 -44.60
N PHE E 194 11.44 -15.34 -45.89
CA PHE E 194 12.24 -14.27 -46.47
C PHE E 194 11.38 -13.43 -47.41
N LEU E 195 11.59 -12.13 -47.36
CA LEU E 195 10.93 -11.16 -48.22
C LEU E 195 11.99 -10.26 -48.85
N CYS E 196 11.55 -9.42 -49.78
CA CYS E 196 12.46 -8.53 -50.49
C CYS E 196 12.45 -7.14 -49.86
N ASP E 197 13.62 -6.50 -49.87
CA ASP E 197 13.76 -5.13 -49.37
C ASP E 197 15.03 -4.54 -49.97
N GLU E 198 14.88 -3.51 -50.80
CA GLU E 198 16.04 -2.86 -51.39
C GLU E 198 16.88 -2.14 -50.35
N GLY E 199 16.24 -1.59 -49.31
CA GLY E 199 16.97 -0.91 -48.25
C GLY E 199 17.91 -1.81 -47.48
N ALA E 200 17.78 -3.12 -47.60
CA ALA E 200 18.69 -4.07 -46.98
C ALA E 200 19.95 -4.30 -47.82
N GLY E 201 20.06 -3.67 -48.99
CA GLY E 201 21.25 -3.85 -49.80
C GLY E 201 22.50 -3.30 -49.14
N ILE E 202 22.39 -2.14 -48.50
CA ILE E 202 23.56 -1.53 -47.84
C ILE E 202 23.80 -2.18 -46.49
N SER E 203 22.75 -2.38 -45.69
CA SER E 203 22.90 -2.94 -44.36
C SER E 203 23.02 -4.45 -44.36
N GLY E 204 22.87 -5.10 -45.51
CA GLY E 204 22.97 -6.55 -45.58
C GLY E 204 21.70 -7.23 -45.10
N ASP E 205 21.77 -8.56 -45.05
CA ASP E 205 20.65 -9.36 -44.59
C ASP E 205 20.47 -9.16 -43.08
N TYR E 206 19.23 -8.91 -42.66
CA TYR E 206 18.93 -8.72 -41.26
C TYR E 206 17.53 -9.24 -40.98
N ILE E 207 17.36 -9.86 -39.80
CA ILE E 207 16.06 -10.38 -39.40
C ILE E 207 15.17 -9.20 -38.99
N ASP E 208 13.99 -9.14 -39.59
CA ASP E 208 13.09 -8.00 -39.38
C ASP E 208 12.13 -8.23 -38.22
N ARG E 209 11.40 -9.35 -38.24
CA ARG E 209 10.31 -9.56 -37.29
C ARG E 209 10.45 -10.94 -36.64
N VAL E 210 10.13 -11.00 -35.35
CA VAL E 210 10.05 -12.24 -34.59
C VAL E 210 8.65 -12.36 -34.02
N ASP E 211 7.98 -13.49 -34.31
CA ASP E 211 6.63 -13.74 -33.86
C ASP E 211 6.60 -15.06 -33.10
N GLU E 212 5.87 -15.09 -31.99
CA GLU E 212 5.69 -16.34 -31.28
C GLU E 212 4.49 -16.29 -30.37
N PRO E 213 3.54 -17.21 -30.52
CA PRO E 213 2.50 -17.37 -29.50
C PRO E 213 3.08 -18.02 -28.24
N LEU E 214 2.24 -18.29 -27.25
CA LEU E 214 2.75 -18.85 -26.00
C LEU E 214 3.30 -20.27 -26.17
N SER E 215 2.97 -20.94 -27.27
CA SER E 215 3.55 -22.24 -27.55
C SER E 215 4.92 -22.08 -28.21
N CYS E 216 5.64 -23.20 -28.34
CA CYS E 216 6.97 -23.21 -28.95
C CYS E 216 6.86 -23.25 -30.47
N SER E 217 6.35 -22.17 -31.04
CA SER E 217 6.18 -22.01 -32.48
C SER E 217 6.75 -20.64 -32.88
N TYR E 218 8.02 -20.64 -33.28
CA TYR E 218 8.69 -19.40 -33.64
C TYR E 218 8.50 -19.10 -35.12
N VAL E 219 8.40 -17.81 -35.44
CA VAL E 219 8.29 -17.34 -36.81
C VAL E 219 9.28 -16.20 -37.00
N LEU E 220 10.21 -16.37 -37.93
CA LEU E 220 11.20 -15.35 -38.24
C LEU E 220 10.90 -14.79 -39.62
N THR E 221 10.86 -13.46 -39.72
CA THR E 221 10.63 -12.77 -40.98
C THR E 221 11.87 -11.93 -41.28
N ILE E 222 12.58 -12.29 -42.34
CA ILE E 222 13.85 -11.67 -42.71
C ILE E 222 13.70 -11.05 -44.09
N ARG E 223 14.12 -9.79 -44.21
CA ARG E 223 14.08 -9.08 -45.48
C ARG E 223 15.48 -8.99 -46.05
N THR E 224 15.66 -9.55 -47.25
CA THR E 224 16.96 -9.61 -47.89
C THR E 224 16.85 -9.08 -49.32
N PRO E 225 17.92 -8.48 -49.84
CA PRO E 225 17.91 -7.97 -51.21
C PRO E 225 18.35 -8.98 -52.26
N ARG E 226 18.79 -10.17 -51.87
CA ARG E 226 19.28 -11.14 -52.85
C ARG E 226 18.16 -11.66 -53.73
N LEU E 227 16.98 -11.88 -53.15
CA LEU E 227 15.84 -12.41 -53.88
C LEU E 227 14.94 -11.31 -54.45
N CYS E 228 15.30 -10.04 -54.26
CA CYS E 228 14.53 -8.96 -54.86
C CYS E 228 14.45 -9.02 -56.38
N PRO E 229 15.51 -9.33 -57.13
CA PRO E 229 15.38 -9.38 -58.60
C PRO E 229 14.35 -10.38 -59.10
N HIS E 230 13.87 -11.29 -58.27
CA HIS E 230 12.82 -12.21 -58.69
C HIS E 230 11.53 -11.43 -58.91
N PRO E 231 10.97 -11.42 -60.13
CA PRO E 231 9.75 -10.64 -60.37
C PRO E 231 8.57 -11.08 -59.53
N LEU E 232 8.42 -12.38 -59.26
CA LEU E 232 7.28 -12.85 -58.50
C LEU E 232 7.39 -12.48 -57.02
N LEU E 233 8.61 -12.51 -56.46
CA LEU E 233 8.80 -12.19 -55.05
C LEU E 233 8.87 -10.69 -54.80
N ARG E 234 9.36 -9.93 -55.75
CA ARG E 234 9.39 -8.47 -55.60
C ARG E 234 7.98 -7.92 -55.65
N PRO E 235 7.56 -7.16 -54.65
CA PRO E 235 6.23 -6.54 -54.69
C PRO E 235 6.11 -5.60 -55.89
N PRO E 236 4.97 -5.59 -56.56
CA PRO E 236 4.81 -4.77 -57.75
C PRO E 236 4.56 -3.31 -57.38
N PRO E 237 5.50 -2.42 -57.65
CA PRO E 237 5.28 -1.00 -57.35
C PRO E 237 4.17 -0.42 -58.23
N SER E 238 4.34 -0.53 -59.55
CA SER E 238 3.36 -0.06 -60.52
C SER E 238 2.91 1.36 -60.23
N ALA E 239 3.85 2.18 -59.78
CA ALA E 239 3.52 3.53 -59.36
C ALA E 239 3.26 4.44 -60.57
N ALA E 240 4.29 4.63 -61.39
CA ALA E 240 4.25 5.57 -62.51
C ALA E 240 3.78 6.94 -62.01
N PRO E 241 4.62 7.68 -61.28
CA PRO E 241 4.17 8.94 -60.70
C PRO E 241 3.91 10.00 -61.75
N GLN E 242 2.74 9.94 -62.38
CA GLN E 242 2.36 10.87 -63.43
C GLN E 242 2.41 12.30 -62.91
N ALA E 243 3.37 13.08 -63.42
CA ALA E 243 3.58 14.44 -62.92
C ALA E 243 2.44 15.35 -63.38
N ILE E 244 2.14 16.32 -62.52
CA ILE E 244 1.16 17.36 -62.83
C ILE E 244 1.91 18.62 -63.21
N LEU E 245 1.63 19.14 -64.40
CA LEU E 245 2.34 20.31 -64.93
C LEU E 245 1.43 21.52 -64.79
N CYS E 246 1.83 22.45 -63.94
CA CYS E 246 1.06 23.68 -63.70
C CYS E 246 1.74 24.82 -64.45
N HIS E 247 1.40 24.94 -65.73
CA HIS E 247 1.94 26.01 -66.56
C HIS E 247 1.24 27.31 -66.20
N PRO E 248 1.98 28.33 -65.72
CA PRO E 248 1.34 29.61 -65.38
C PRO E 248 0.57 30.21 -66.54
N SER E 249 -0.75 30.35 -66.38
CA SER E 249 -1.58 30.89 -67.43
C SER E 249 -1.58 32.41 -67.40
N LEU E 250 -1.81 33.01 -68.56
CA LEU E 250 -1.88 34.46 -68.69
C LEU E 250 -3.01 34.81 -69.63
N GLN E 251 -3.54 36.03 -69.47
CA GLN E 251 -4.62 36.49 -70.33
C GLN E 251 -4.13 36.60 -71.77
N PRO E 252 -5.03 36.43 -72.75
CA PRO E 252 -4.61 36.44 -74.16
C PRO E 252 -4.18 37.82 -74.64
N GLU E 253 -4.17 38.81 -73.75
CA GLU E 253 -3.76 40.17 -74.09
C GLU E 253 -2.33 40.48 -73.72
N GLU E 254 -1.79 39.87 -72.67
CA GLU E 254 -0.42 40.10 -72.23
C GLU E 254 0.55 39.03 -72.71
N TYR E 255 0.06 38.01 -73.44
CA TYR E 255 0.93 36.95 -73.90
C TYR E 255 1.94 37.47 -74.93
N MET E 256 1.46 38.17 -75.95
CA MET E 256 2.34 38.69 -76.99
C MET E 256 3.26 39.79 -76.49
N ALA E 257 2.89 40.47 -75.40
CA ALA E 257 3.73 41.53 -74.87
C ALA E 257 5.00 40.98 -74.24
N TYR E 258 4.93 39.82 -73.61
CA TYR E 258 6.09 39.23 -72.94
C TYR E 258 6.96 38.39 -73.85
N VAL E 259 6.54 38.16 -75.09
CA VAL E 259 7.33 37.37 -76.03
C VAL E 259 8.42 38.23 -76.64
N PRO E 573 18.11 14.18 -48.95
CA PRO E 573 17.51 15.13 -48.00
C PRO E 573 17.36 16.52 -48.60
N GLY E 574 18.36 16.96 -49.37
CA GLY E 574 18.29 18.27 -49.99
C GLY E 574 17.33 18.36 -51.16
N ALA E 575 16.93 17.22 -51.72
CA ALA E 575 16.04 17.22 -52.87
C ALA E 575 14.67 17.82 -52.52
N GLU E 576 14.13 17.44 -51.36
CA GLU E 576 12.84 17.98 -50.94
C GLU E 576 12.91 19.48 -50.68
N GLU E 577 13.97 19.93 -50.01
CA GLU E 577 14.14 21.36 -49.75
C GLU E 577 14.28 22.13 -51.06
N ALA E 578 15.04 21.59 -52.01
CA ALA E 578 15.19 22.23 -53.31
C ALA E 578 13.86 22.27 -54.05
N GLN E 579 13.08 21.19 -53.97
CA GLN E 579 11.77 21.17 -54.63
C GLN E 579 10.83 22.22 -54.06
N LYS E 580 10.78 22.33 -52.73
CA LYS E 580 9.91 23.32 -52.11
C LYS E 580 10.38 24.74 -52.42
N GLU E 581 11.69 24.97 -52.41
CA GLU E 581 12.21 26.27 -52.80
C GLU E 581 11.84 26.60 -54.24
N ARG E 582 11.94 25.60 -55.13
CA ARG E 582 11.55 25.80 -56.52
C ARG E 582 10.08 26.17 -56.63
N GLN E 583 9.22 25.45 -55.90
CA GLN E 583 7.78 25.73 -55.96
C GLN E 583 7.48 27.15 -55.47
N ARG E 584 8.03 27.53 -54.32
CA ARG E 584 7.74 28.84 -53.76
C ARG E 584 8.32 29.96 -54.62
N GLN E 585 9.54 29.77 -55.13
CA GLN E 585 10.13 30.78 -55.99
C GLN E 585 9.34 30.93 -57.29
N LYS E 586 8.89 29.82 -57.87
CA LYS E 586 8.09 29.88 -59.07
C LYS E 586 6.77 30.61 -58.82
N GLU E 587 6.13 30.33 -57.68
CA GLU E 587 4.88 31.01 -57.35
C GLU E 587 5.10 32.51 -57.19
N LEU E 588 6.14 32.90 -56.45
CA LEU E 588 6.40 34.32 -56.25
C LEU E 588 6.77 35.02 -57.56
N GLU E 589 7.62 34.38 -58.37
CA GLU E 589 8.05 35.00 -59.62
C GLU E 589 6.91 35.10 -60.62
N SER E 590 6.10 34.05 -60.75
CA SER E 590 4.95 34.10 -61.65
C SER E 590 3.92 35.12 -61.16
N ASN E 591 3.87 35.37 -59.85
CA ASN E 591 2.99 36.42 -59.33
C ASN E 591 3.33 37.78 -59.95
N TYR E 592 4.59 37.99 -60.32
CA TYR E 592 5.00 39.23 -60.97
C TYR E 592 4.57 39.25 -62.44
N VAL F 28 18.16 -13.67 52.55
CA VAL F 28 19.36 -14.42 52.89
C VAL F 28 20.24 -13.59 53.82
N GLY F 29 20.13 -12.27 53.72
CA GLY F 29 20.89 -11.39 54.56
C GLY F 29 20.24 -10.03 54.65
N SER F 30 20.64 -9.27 55.67
CA SER F 30 20.07 -7.95 55.88
C SER F 30 20.56 -6.98 54.82
N LEU F 31 19.71 -6.02 54.48
CA LEU F 31 20.05 -4.95 53.54
C LEU F 31 19.70 -3.63 54.19
N ASN F 32 20.72 -2.84 54.51
CA ASN F 32 20.52 -1.54 55.14
C ASN F 32 20.12 -0.54 54.07
N LEU F 33 18.82 -0.49 53.78
CA LEU F 33 18.31 0.44 52.78
C LEU F 33 18.54 1.89 53.20
N GLU F 34 18.43 2.17 54.50
CA GLU F 34 18.68 3.52 54.98
C GLU F 34 20.13 3.93 54.75
N GLU F 35 21.07 3.00 54.98
CA GLU F 35 22.47 3.29 54.69
C GLU F 35 22.69 3.51 53.19
N LEU F 36 22.02 2.72 52.36
CA LEU F 36 22.16 2.87 50.91
C LEU F 36 21.65 4.22 50.44
N SER F 37 20.54 4.68 51.03
CA SER F 37 19.94 5.93 50.58
C SER F 37 20.69 7.15 51.13
N GLU F 38 20.97 7.16 52.43
CA GLU F 38 21.51 8.34 53.08
C GLU F 38 23.04 8.39 53.03
N MET F 39 23.70 7.33 53.47
CA MET F 39 25.16 7.34 53.56
C MET F 39 25.79 7.33 52.17
N ARG F 40 26.82 8.15 52.00
CA ARG F 40 27.61 8.21 50.78
C ARG F 40 29.08 8.22 51.14
N TYR F 41 29.89 7.50 50.37
CA TYR F 41 31.30 7.34 50.66
C TYR F 41 32.14 7.63 49.42
N GLY F 42 33.46 7.69 49.64
CA GLY F 42 34.43 7.89 48.58
C GLY F 42 35.80 7.40 49.02
N ILE F 43 36.46 6.63 48.16
CA ILE F 43 37.69 5.93 48.53
C ILE F 43 38.89 6.74 48.06
N GLU F 44 39.84 6.95 48.97
CA GLU F 44 41.10 7.60 48.66
C GLU F 44 42.22 6.83 49.34
N ILE F 45 43.32 6.62 48.62
CA ILE F 45 44.44 5.82 49.09
C ILE F 45 45.61 6.73 49.44
N LEU F 46 46.12 6.59 50.66
CA LEU F 46 47.27 7.36 51.12
C LEU F 46 48.56 6.82 50.49
N PRO F 47 49.59 7.67 50.34
CA PRO F 47 50.78 7.25 49.60
C PRO F 47 51.50 6.03 50.18
N LEU F 48 51.98 6.13 51.42
CA LEU F 48 52.63 4.97 52.03
C LEU F 48 52.79 5.11 53.54
N PRO F 49 51.70 5.10 54.32
CA PRO F 49 51.83 4.83 55.76
C PRO F 49 51.91 3.34 55.99
N VAL F 50 51.87 2.90 57.25
CA VAL F 50 51.99 1.48 57.59
C VAL F 50 50.92 1.16 58.63
N MET F 51 49.83 0.54 58.18
CA MET F 51 48.87 -0.07 59.09
C MET F 51 49.10 -1.58 59.13
N GLY F 52 48.27 -2.27 59.91
CA GLY F 52 48.25 -3.73 59.87
C GLY F 52 48.29 -4.42 61.22
N GLY F 53 49.01 -3.83 62.17
CA GLY F 53 49.16 -4.47 63.48
C GLY F 53 48.29 -3.86 64.56
N GLN F 54 47.41 -2.95 64.17
CA GLN F 54 46.58 -2.23 65.12
C GLN F 54 45.29 -3.00 65.39
N SER F 55 44.36 -2.38 66.11
CA SER F 55 43.14 -3.06 66.54
C SER F 55 42.27 -3.44 65.35
N GLN F 56 41.71 -4.65 65.41
CA GLN F 56 40.73 -5.10 64.43
C GLN F 56 39.30 -4.81 64.92
N SER F 57 38.98 -3.51 64.94
CA SER F 57 37.71 -3.02 65.45
C SER F 57 36.59 -3.05 64.42
N SER F 58 36.72 -3.87 63.37
CA SER F 58 35.76 -4.05 62.29
C SER F 58 35.63 -2.80 61.41
N ASP F 59 36.36 -1.73 61.71
CA ASP F 59 36.37 -0.54 60.87
C ASP F 59 37.50 -0.58 59.84
N VAL F 60 38.21 -1.69 59.74
CA VAL F 60 39.29 -1.84 58.77
C VAL F 60 39.05 -3.11 57.96
N VAL F 61 39.39 -3.05 56.67
CA VAL F 61 39.26 -4.18 55.77
C VAL F 61 40.61 -4.46 55.12
N ILE F 62 40.94 -5.74 55.03
CA ILE F 62 42.23 -6.20 54.49
C ILE F 62 41.98 -6.62 53.06
N VAL F 63 42.49 -5.85 52.11
CA VAL F 63 42.31 -6.10 50.68
C VAL F 63 43.67 -5.99 50.00
N SER F 64 43.95 -6.90 49.09
CA SER F 64 45.22 -6.92 48.37
C SER F 64 45.00 -6.50 46.92
N SER F 65 45.98 -5.80 46.37
CA SER F 65 45.88 -5.28 45.01
C SER F 65 46.17 -6.41 44.02
N LYS F 66 46.25 -6.06 42.73
CA LYS F 66 46.54 -7.06 41.70
C LYS F 66 47.95 -7.61 41.82
N TYR F 67 48.90 -6.80 42.28
CA TYR F 67 50.31 -7.18 42.35
C TYR F 67 50.68 -7.74 43.71
N LYS F 68 49.73 -8.39 44.39
CA LYS F 68 49.90 -9.08 45.67
C LYS F 68 50.19 -8.14 46.83
N GLN F 69 50.29 -6.83 46.60
CA GLN F 69 50.50 -5.90 47.70
C GLN F 69 49.22 -5.79 48.53
N ARG F 70 49.39 -5.73 49.85
CA ARG F 70 48.27 -5.68 50.78
C ARG F 70 48.08 -4.27 51.30
N TYR F 71 46.82 -3.87 51.44
CA TYR F 71 46.43 -2.59 52.03
C TYR F 71 45.54 -2.84 53.24
N GLU F 72 45.06 -1.76 53.83
CA GLU F 72 44.06 -1.85 54.89
C GLU F 72 43.25 -0.57 54.86
N CYS F 73 41.99 -0.66 54.42
CA CYS F 73 41.12 0.51 54.31
C CYS F 73 40.38 0.69 55.62
N ARG F 74 40.52 1.87 56.22
CA ARG F 74 39.89 2.17 57.50
C ARG F 74 38.57 2.88 57.24
N LEU F 75 37.48 2.25 57.65
CA LEU F 75 36.16 2.79 57.40
C LEU F 75 35.88 4.00 58.29
N PRO F 76 35.01 4.91 57.86
CA PRO F 76 34.65 6.05 58.72
C PRO F 76 33.72 5.64 59.87
N ALA F 77 33.26 6.63 60.63
CA ALA F 77 32.43 6.34 61.80
C ALA F 77 31.05 5.83 61.41
N GLY F 78 30.50 6.31 60.30
CA GLY F 78 29.16 5.98 59.89
C GLY F 78 29.03 4.70 59.09
N ALA F 79 30.11 3.93 58.93
CA ALA F 79 30.04 2.72 58.11
C ALA F 79 29.24 1.63 58.81
N ILE F 80 29.69 1.21 60.00
CA ILE F 80 29.01 0.13 60.71
C ILE F 80 27.71 0.61 61.32
N HIS F 81 27.79 1.61 62.20
CA HIS F 81 26.62 2.14 62.88
C HIS F 81 26.11 3.36 62.12
N PHE F 82 24.83 3.35 61.76
CA PHE F 82 24.21 4.46 61.06
C PHE F 82 23.65 5.44 62.07
N GLN F 83 24.05 6.70 61.96
CA GLN F 83 23.58 7.74 62.87
C GLN F 83 23.22 8.97 62.04
N ARG F 84 21.99 9.46 62.22
CA ARG F 84 21.55 10.65 61.51
C ARG F 84 22.29 11.88 62.04
N GLU F 85 22.83 12.68 61.12
CA GLU F 85 23.45 13.94 61.50
C GLU F 85 22.40 14.86 62.13
N ARG F 86 22.77 15.51 63.23
CA ARG F 86 21.83 16.35 63.96
C ARG F 86 21.60 17.67 63.22
N GLU F 87 20.95 17.60 62.06
CA GLU F 87 20.64 18.79 61.28
C GLU F 87 19.51 19.56 61.96
N GLU F 88 19.68 20.87 62.08
CA GLU F 88 18.64 21.71 62.66
C GLU F 88 17.40 21.70 61.78
N GLU F 89 16.24 21.70 62.42
CA GLU F 89 14.98 21.76 61.69
C GLU F 89 14.91 23.07 60.89
N THR F 90 14.48 22.96 59.64
CA THR F 90 14.43 24.10 58.71
C THR F 90 13.53 25.20 59.27
N PRO F 91 14.10 26.34 59.65
CA PRO F 91 13.30 27.43 60.21
C PRO F 91 12.78 28.37 59.12
N ALA F 92 11.92 29.28 59.53
CA ALA F 92 11.44 30.33 58.64
C ALA F 92 12.60 31.23 58.25
N TYR F 93 12.59 31.70 57.00
CA TYR F 93 13.68 32.54 56.49
C TYR F 93 13.69 33.87 57.23
N GLN F 94 14.69 34.07 58.08
CA GLN F 94 14.79 35.30 58.85
C GLN F 94 15.02 36.50 57.95
N GLY F 95 15.63 36.30 56.78
CA GLY F 95 15.86 37.36 55.84
C GLY F 95 14.64 37.61 54.98
N PRO F 96 14.85 37.70 53.66
CA PRO F 96 13.72 37.90 52.75
C PRO F 96 12.77 36.71 52.77
N GLY F 97 11.48 37.00 52.64
CA GLY F 97 10.47 35.96 52.60
C GLY F 97 10.34 35.34 51.22
N ILE F 98 9.41 34.39 51.12
CA ILE F 98 9.15 33.73 49.84
C ILE F 98 8.69 34.73 48.78
N PRO F 99 7.71 35.61 49.03
CA PRO F 99 7.41 36.65 48.03
C PRO F 99 8.60 37.57 47.77
N GLU F 100 9.43 37.84 48.77
CA GLU F 100 10.59 38.69 48.57
C GLU F 100 11.65 38.02 47.70
N LEU F 101 11.80 36.69 47.84
CA LEU F 101 12.73 35.97 46.98
C LEU F 101 12.25 35.94 45.53
N LEU F 102 10.94 35.92 45.32
CA LEU F 102 10.36 35.98 43.98
C LEU F 102 10.17 37.40 43.49
N SER F 103 10.43 38.39 44.33
CA SER F 103 10.35 39.79 43.88
C SER F 103 11.31 40.13 42.75
N PRO F 104 12.58 39.71 42.76
CA PRO F 104 13.47 40.04 41.63
C PRO F 104 13.02 39.49 40.29
N MET F 105 12.11 38.52 40.27
CA MET F 105 11.59 38.00 39.01
C MET F 105 10.88 39.07 38.21
N ARG F 106 10.36 40.11 38.86
CA ARG F 106 9.74 41.22 38.14
C ARG F 106 10.76 41.99 37.32
N ASP F 107 12.03 42.00 37.73
CA ASP F 107 13.05 42.76 37.02
C ASP F 107 13.26 42.24 35.61
N ALA F 108 13.27 40.91 35.44
CA ALA F 108 13.49 40.27 34.14
C ALA F 108 12.37 39.29 33.89
N PRO F 109 11.19 39.77 33.52
CA PRO F 109 10.07 38.86 33.25
C PRO F 109 10.07 38.32 31.84
N CYS F 110 9.00 37.60 31.48
CA CYS F 110 8.78 37.09 30.13
C CYS F 110 9.90 36.14 29.68
N LEU F 111 10.04 35.05 30.43
CA LEU F 111 10.94 33.99 30.03
C LEU F 111 10.34 33.22 28.86
N LEU F 112 11.17 32.96 27.85
CA LEU F 112 10.73 32.33 26.61
C LEU F 112 11.27 30.92 26.52
N LYS F 113 10.44 29.98 26.06
CA LYS F 113 10.94 28.64 25.81
C LYS F 113 10.06 27.95 24.77
N THR F 114 10.69 27.32 23.79
CA THR F 114 10.00 26.66 22.69
C THR F 114 10.03 25.15 22.91
N LYS F 115 8.85 24.53 22.89
CA LYS F 115 8.71 23.08 23.01
C LYS F 115 7.87 22.57 21.85
N ASP F 116 8.41 21.61 21.10
CA ASP F 116 7.70 20.95 20.02
C ASP F 116 7.18 21.95 18.99
N TRP F 117 5.92 22.34 19.12
CA TRP F 117 5.27 23.23 18.16
C TRP F 117 4.90 24.59 18.72
N TRP F 118 5.03 24.80 20.03
CA TRP F 118 4.57 26.03 20.65
C TRP F 118 5.67 26.63 21.53
N THR F 119 5.74 27.95 21.56
CA THR F 119 6.64 28.68 22.43
C THR F 119 5.82 29.38 23.50
N TYR F 120 6.25 29.23 24.75
CA TYR F 120 5.59 29.82 25.90
C TYR F 120 6.42 30.98 26.45
N GLU F 121 5.72 32.06 26.78
CA GLU F 121 6.29 33.27 27.35
C GLU F 121 5.66 33.49 28.72
N PHE F 122 6.46 33.37 29.77
CA PHE F 122 6.00 33.55 31.15
C PHE F 122 6.45 34.93 31.61
N CYS F 123 5.54 35.90 31.56
CA CYS F 123 5.82 37.23 32.08
C CYS F 123 5.40 37.24 33.54
N TYR F 124 6.38 37.17 34.44
CA TYR F 124 6.10 37.04 35.86
C TYR F 124 5.27 38.22 36.35
N GLY F 125 4.18 37.91 37.04
CA GLY F 125 3.25 38.91 37.51
C GLY F 125 2.40 39.57 36.43
N ARG F 126 2.69 39.32 35.15
CA ARG F 126 1.93 39.94 34.07
C ARG F 126 1.00 38.95 33.39
N HIS F 127 1.54 37.85 32.83
CA HIS F 127 0.69 36.87 32.14
C HIS F 127 1.45 35.63 31.69
N ILE F 128 0.71 34.69 31.10
CA ILE F 128 1.28 33.53 30.43
C ILE F 128 0.78 33.53 28.99
N GLN F 129 1.70 33.38 28.04
CA GLN F 129 1.38 33.46 26.63
C GLN F 129 1.90 32.23 25.89
N GLN F 130 1.20 31.86 24.82
CA GLN F 130 1.58 30.72 24.00
C GLN F 130 1.36 31.08 22.54
N TYR F 131 2.38 30.85 21.70
CA TYR F 131 2.27 31.20 20.29
C TYR F 131 3.25 30.36 19.50
N HIS F 132 3.04 30.31 18.18
CA HIS F 132 3.91 29.54 17.29
C HIS F 132 4.93 30.47 16.64
N MET F 133 6.21 30.13 16.80
CA MET F 133 7.31 30.93 16.27
C MET F 133 7.96 30.21 15.09
N GLU F 134 8.14 30.93 14.00
CA GLU F 134 8.83 30.43 12.81
C GLU F 134 9.84 31.48 12.36
N ASP F 135 11.12 31.08 12.31
CA ASP F 135 12.21 31.97 11.91
C ASP F 135 12.24 33.24 12.78
N SER F 136 12.12 33.03 14.09
CA SER F 136 12.14 34.11 15.08
C SER F 136 11.03 35.13 14.83
N GLU F 137 9.89 34.67 14.31
CA GLU F 137 8.73 35.52 14.07
C GLU F 137 7.49 34.84 14.62
N ILE F 138 6.66 35.62 15.31
CA ILE F 138 5.43 35.08 15.90
C ILE F 138 4.38 34.95 14.81
N LYS F 139 3.87 33.74 14.62
CA LYS F 139 2.89 33.46 13.60
C LYS F 139 1.70 32.71 14.21
N GLY F 140 0.54 32.86 13.58
CA GLY F 140 -0.67 32.24 14.06
C GLY F 140 -1.28 33.01 15.21
N GLU F 141 -2.37 32.44 15.73
CA GLU F 141 -3.07 33.06 16.86
C GLU F 141 -2.22 32.99 18.12
N VAL F 142 -2.21 34.08 18.88
CA VAL F 142 -1.46 34.18 20.13
C VAL F 142 -2.42 33.88 21.27
N LEU F 143 -2.07 32.88 22.09
CA LEU F 143 -2.95 32.38 23.12
C LEU F 143 -2.55 32.92 24.49
N TYR F 144 -3.55 33.28 25.30
CA TYR F 144 -3.34 33.69 26.68
C TYR F 144 -3.64 32.51 27.60
N LEU F 145 -2.71 32.21 28.49
CA LEU F 145 -2.86 31.08 29.40
C LEU F 145 -3.27 31.49 30.81
N GLY F 146 -3.26 32.77 31.12
CA GLY F 146 -3.71 33.24 32.42
C GLY F 146 -3.01 34.52 32.83
N TYR F 147 -3.66 35.24 33.75
CA TYR F 147 -3.15 36.46 34.33
C TYR F 147 -2.92 36.25 35.83
N TYR F 148 -2.16 37.15 36.43
CA TYR F 148 -1.79 37.04 37.84
C TYR F 148 -3.03 37.09 38.72
N GLN F 149 -3.35 35.97 39.37
CA GLN F 149 -4.52 35.88 40.24
C GLN F 149 -4.16 36.15 41.69
N SER F 150 -3.28 35.33 42.26
CA SER F 150 -2.87 35.46 43.65
C SER F 150 -1.63 34.60 43.87
N ALA F 151 -0.97 34.84 45.01
CA ALA F 151 0.23 34.10 45.39
C ALA F 151 -0.06 33.23 46.60
N PHE F 152 0.59 32.06 46.63
CA PHE F 152 0.41 31.12 47.73
C PHE F 152 1.22 31.58 48.93
N ASP F 153 0.54 31.92 50.02
CA ASP F 153 1.19 32.38 51.24
C ASP F 153 1.56 31.19 52.10
N TRP F 154 2.83 31.13 52.50
CA TRP F 154 3.32 30.03 53.33
C TRP F 154 2.98 30.19 54.80
N ASP F 155 2.45 31.34 55.21
CA ASP F 155 2.09 31.54 56.61
C ASP F 155 0.85 30.76 57.02
N ASP F 156 0.09 30.23 56.07
CA ASP F 156 -1.11 29.45 56.37
C ASP F 156 -0.73 27.98 56.37
N GLU F 157 -0.44 27.45 57.57
CA GLU F 157 -0.05 26.06 57.72
C GLU F 157 -1.24 25.12 57.88
N THR F 158 -2.46 25.65 58.00
CA THR F 158 -3.63 24.80 58.19
C THR F 158 -3.98 24.04 56.92
N ALA F 159 -3.80 24.66 55.77
CA ALA F 159 -4.19 24.03 54.50
C ALA F 159 -3.25 22.87 54.17
N LYS F 160 -3.82 21.83 53.56
CA LYS F 160 -3.02 20.69 53.11
C LYS F 160 -2.09 21.06 51.96
N ALA F 161 -2.40 22.14 51.23
CA ALA F 161 -1.51 22.61 50.19
C ALA F 161 -0.17 23.04 50.78
N SER F 162 -0.16 23.58 52.00
CA SER F 162 1.10 23.89 52.66
C SER F 162 1.92 22.63 52.89
N LYS F 163 1.27 21.54 53.34
CA LYS F 163 1.96 20.28 53.51
C LYS F 163 2.51 19.76 52.19
N GLN F 164 1.72 19.86 51.12
CA GLN F 164 2.18 19.41 49.81
C GLN F 164 3.40 20.21 49.36
N HIS F 165 3.34 21.54 49.51
CA HIS F 165 4.46 22.38 49.08
C HIS F 165 5.72 22.09 49.91
N ARG F 166 5.56 21.89 51.22
CA ARG F 166 6.71 21.64 52.07
C ARG F 166 7.32 20.26 51.80
N LEU F 167 6.48 19.25 51.55
CA LEU F 167 7.00 17.91 51.28
C LEU F 167 7.56 17.78 49.88
N LYS F 168 7.12 18.62 48.94
CA LYS F 168 7.58 18.54 47.55
C LYS F 168 8.52 19.66 47.17
N ARG F 169 8.64 20.70 48.00
CA ARG F 169 9.65 21.76 47.84
C ARG F 169 9.51 22.48 46.50
N TYR F 170 8.38 23.17 46.34
CA TYR F 170 8.16 24.05 45.20
C TYR F 170 7.19 25.14 45.59
N HIS F 171 7.39 26.34 45.04
CA HIS F 171 6.53 27.48 45.30
C HIS F 171 5.65 27.72 44.09
N SER F 172 4.33 27.70 44.28
CA SER F 172 3.39 27.69 43.17
C SER F 172 2.56 28.96 43.13
N GLN F 173 2.17 29.34 41.91
CA GLN F 173 1.28 30.46 41.65
C GLN F 173 0.29 30.04 40.57
N THR F 174 -0.85 30.74 40.54
CA THR F 174 -1.94 30.41 39.62
C THR F 174 -2.17 31.56 38.65
N TYR F 175 -2.45 31.22 37.40
CA TYR F 175 -2.79 32.18 36.36
C TYR F 175 -4.08 31.74 35.70
N GLY F 176 -5.12 32.57 35.78
CA GLY F 176 -6.43 32.22 35.28
C GLY F 176 -6.96 33.27 34.32
N ASN F 177 -8.18 33.01 33.84
CA ASN F 177 -8.88 33.89 32.90
C ASN F 177 -8.05 34.10 31.63
N GLY F 178 -7.57 33.00 31.07
CA GLY F 178 -6.79 33.03 29.84
C GLY F 178 -7.66 32.93 28.61
N SER F 179 -7.06 32.45 27.52
CA SER F 179 -7.80 32.29 26.27
C SER F 179 -8.82 31.17 26.38
N LYS F 180 -9.81 31.21 25.48
CA LYS F 180 -10.89 30.23 25.51
C LYS F 180 -10.39 28.87 25.04
N CYS F 181 -10.94 27.82 25.65
CA CYS F 181 -10.58 26.44 25.32
C CYS F 181 -11.59 25.90 24.32
N ASP F 182 -11.10 25.32 23.23
CA ASP F 182 -11.95 24.84 22.14
C ASP F 182 -12.55 23.46 22.44
N LEU F 183 -12.46 22.97 23.67
CA LEU F 183 -13.03 21.68 24.05
C LEU F 183 -14.17 21.81 25.03
N ASN F 184 -14.01 22.63 26.07
CA ASN F 184 -15.06 22.82 27.08
C ASN F 184 -15.49 24.27 27.24
N GLY F 185 -14.74 25.22 26.72
CA GLY F 185 -15.09 26.63 26.81
C GLY F 185 -14.59 27.33 28.05
N ARG F 186 -13.99 26.61 29.00
CA ARG F 186 -13.45 27.23 30.20
C ARG F 186 -12.15 27.95 29.89
N PRO F 187 -11.84 29.04 30.61
CA PRO F 187 -10.59 29.75 30.37
C PRO F 187 -9.38 28.91 30.73
N ARG F 188 -8.29 29.17 30.01
CA ARG F 188 -7.05 28.42 30.24
C ARG F 188 -6.49 28.75 31.63
N GLU F 189 -6.07 27.70 32.34
CA GLU F 189 -5.49 27.84 33.67
C GLU F 189 -4.06 27.31 33.65
N ALA F 190 -3.15 28.07 34.26
CA ALA F 190 -1.74 27.73 34.30
C ALA F 190 -1.27 27.69 35.74
N GLU F 191 -0.48 26.68 36.08
CA GLU F 191 0.13 26.54 37.40
C GLU F 191 1.63 26.69 37.24
N VAL F 192 2.17 27.78 37.76
CA VAL F 192 3.58 28.11 37.61
C VAL F 192 4.28 27.80 38.93
N ARG F 193 5.13 26.79 38.93
CA ARG F 193 5.83 26.34 40.12
C ARG F 193 7.33 26.55 39.95
N PHE F 194 7.97 27.03 41.01
CA PHE F 194 9.40 27.30 41.02
C PHE F 194 10.09 26.36 42.00
N LEU F 195 11.26 25.89 41.60
CA LEU F 195 12.13 25.04 42.42
C LEU F 195 13.53 25.63 42.42
N CYS F 196 14.40 25.04 43.24
CA CYS F 196 15.77 25.52 43.38
C CYS F 196 16.72 24.71 42.51
N ASP F 197 17.72 25.40 41.97
CA ASP F 197 18.76 24.74 41.18
C ASP F 197 19.97 25.66 41.15
N GLU F 198 21.09 25.19 41.73
CA GLU F 198 22.31 25.99 41.74
C GLU F 198 22.89 26.13 40.33
N GLY F 199 22.73 25.11 39.49
CA GLY F 199 23.22 25.18 38.13
C GLY F 199 22.57 26.26 37.28
N ALA F 200 21.45 26.81 37.73
CA ALA F 200 20.79 27.91 37.05
C ALA F 200 21.40 29.26 37.42
N GLY F 201 22.38 29.29 38.31
CA GLY F 201 22.99 30.56 38.68
C GLY F 201 23.72 31.22 37.53
N ILE F 202 24.44 30.42 36.73
CA ILE F 202 25.18 30.98 35.60
C ILE F 202 24.25 31.23 34.42
N SER F 203 23.39 30.26 34.10
CA SER F 203 22.50 30.38 32.95
C SER F 203 21.27 31.22 33.24
N GLY F 204 21.06 31.65 34.48
CA GLY F 204 19.90 32.45 34.82
C GLY F 204 18.65 31.61 34.96
N ASP F 205 17.53 32.31 35.18
CA ASP F 205 16.25 31.65 35.32
C ASP F 205 15.81 31.09 33.97
N TYR F 206 15.39 29.83 33.97
CA TYR F 206 14.93 29.18 32.74
C TYR F 206 13.83 28.20 33.09
N ILE F 207 12.83 28.10 32.21
CA ILE F 207 11.72 27.18 32.40
C ILE F 207 12.22 25.76 32.10
N ASP F 208 12.01 24.85 33.03
CA ASP F 208 12.55 23.49 32.90
C ASP F 208 11.56 22.54 32.23
N ARG F 209 10.33 22.47 32.75
CA ARG F 209 9.38 21.47 32.31
C ARG F 209 8.03 22.11 31.96
N VAL F 210 7.40 21.60 30.91
CA VAL F 210 6.06 21.98 30.51
C VAL F 210 5.20 20.73 30.50
N ASP F 211 4.08 20.77 31.25
CA ASP F 211 3.16 19.65 31.36
C ASP F 211 1.76 20.11 30.96
N GLU F 212 1.06 19.28 30.21
CA GLU F 212 -0.32 19.60 29.90
C GLU F 212 -1.08 18.36 29.47
N PRO F 213 -2.18 18.03 30.13
CA PRO F 213 -3.10 17.02 29.59
C PRO F 213 -3.85 17.56 28.39
N LEU F 214 -4.77 16.77 27.83
CA LEU F 214 -5.48 17.22 26.63
C LEU F 214 -6.40 18.41 26.91
N SER F 215 -6.72 18.68 28.18
CA SER F 215 -7.48 19.88 28.52
C SER F 215 -6.57 21.09 28.60
N CYS F 216 -7.19 22.27 28.71
CA CYS F 216 -6.45 23.53 28.81
C CYS F 216 -6.00 23.77 30.24
N SER F 217 -5.08 22.93 30.70
CA SER F 217 -4.50 23.02 32.04
C SER F 217 -2.99 22.93 31.90
N TYR F 218 -2.32 24.07 31.83
CA TYR F 218 -0.88 24.12 31.66
C TYR F 218 -0.17 24.12 33.01
N VAL F 219 0.98 23.47 33.06
CA VAL F 219 1.82 23.43 34.26
C VAL F 219 3.24 23.76 33.83
N LEU F 220 3.80 24.82 34.39
CA LEU F 220 5.17 25.23 34.11
C LEU F 220 6.01 24.98 35.36
N THR F 221 7.15 24.33 35.18
CA THR F 221 8.09 24.06 36.26
C THR F 221 9.40 24.76 35.92
N ILE F 222 9.76 25.76 36.72
CA ILE F 222 10.91 26.61 36.48
C ILE F 222 11.87 26.48 37.65
N ARG F 223 13.15 26.25 37.35
CA ARG F 223 14.17 26.12 38.37
C ARG F 223 15.01 27.39 38.38
N THR F 224 15.04 28.07 39.52
CA THR F 224 15.73 29.33 39.68
C THR F 224 16.64 29.29 40.90
N PRO F 225 17.77 30.00 40.87
CA PRO F 225 18.67 30.04 42.02
C PRO F 225 18.36 31.10 43.05
N ARG F 226 17.39 31.98 42.79
CA ARG F 226 17.11 33.08 43.71
C ARG F 226 16.53 32.56 45.03
N LEU F 227 15.67 31.55 44.96
CA LEU F 227 15.03 30.99 46.14
C LEU F 227 15.80 29.81 46.72
N CYS F 228 16.95 29.46 46.15
CA CYS F 228 17.77 28.40 46.73
C CYS F 228 18.21 28.68 48.17
N PRO F 229 18.64 29.88 48.55
CA PRO F 229 19.07 30.10 49.95
C PRO F 229 17.99 29.83 50.98
N HIS F 230 16.73 29.69 50.59
CA HIS F 230 15.68 29.33 51.53
C HIS F 230 15.92 27.90 52.02
N PRO F 231 16.12 27.68 53.31
CA PRO F 231 16.38 26.31 53.79
C PRO F 231 15.24 25.34 53.54
N LEU F 232 13.99 25.80 53.61
CA LEU F 232 12.86 24.89 53.42
C LEU F 232 12.71 24.51 51.95
N LEU F 233 12.95 25.45 51.03
CA LEU F 233 12.81 25.16 49.61
C LEU F 233 14.01 24.44 49.03
N ARG F 234 15.20 24.68 49.56
CA ARG F 234 16.38 23.97 49.10
C ARG F 234 16.31 22.50 49.51
N PRO F 235 16.43 21.57 48.59
CA PRO F 235 16.44 20.15 48.96
C PRO F 235 17.61 19.84 49.87
N PRO F 236 17.39 19.00 50.89
CA PRO F 236 18.46 18.73 51.86
C PRO F 236 19.45 17.72 51.29
N PRO F 237 20.68 18.14 51.01
CA PRO F 237 21.68 17.19 50.52
C PRO F 237 22.04 16.16 51.57
N SER F 238 22.49 16.64 52.75
CA SER F 238 22.83 15.78 53.87
C SER F 238 23.75 14.64 53.46
N ALA F 239 24.67 14.95 52.54
CA ALA F 239 25.53 13.91 51.98
C ALA F 239 26.61 13.51 52.97
N ALA F 240 27.48 14.45 53.32
CA ALA F 240 28.66 14.20 54.15
C ALA F 240 29.45 13.04 53.57
N PRO F 241 30.15 13.24 52.45
CA PRO F 241 30.84 12.11 51.80
C PRO F 241 32.01 11.60 52.62
N GLN F 242 31.70 10.77 53.62
CA GLN F 242 32.71 10.20 54.51
C GLN F 242 33.76 9.45 53.71
N ALA F 243 34.98 9.99 53.67
CA ALA F 243 36.03 9.40 52.86
C ALA F 243 36.51 8.08 53.46
N ILE F 244 36.92 7.17 52.59
CA ILE F 244 37.51 5.90 52.98
C ILE F 244 39.02 6.00 52.79
N LEU F 245 39.76 5.77 53.86
CA LEU F 245 41.22 5.91 53.86
C LEU F 245 41.82 4.52 53.78
N CYS F 246 42.48 4.22 52.66
CA CYS F 246 43.13 2.93 52.43
C CYS F 246 44.63 3.11 52.65
N HIS F 247 45.05 3.02 53.91
CA HIS F 247 46.45 3.13 54.24
C HIS F 247 47.16 1.83 53.88
N PRO F 248 48.14 1.86 52.98
CA PRO F 248 48.85 0.62 52.60
C PRO F 248 49.46 -0.09 53.80
N SER F 249 48.99 -1.30 54.08
CA SER F 249 49.49 -2.06 55.21
C SER F 249 50.76 -2.80 54.85
N LEU F 250 51.59 -3.05 55.86
CA LEU F 250 52.83 -3.77 55.69
C LEU F 250 53.01 -4.72 56.87
N GLN F 251 53.78 -5.78 56.64
CA GLN F 251 54.04 -6.75 57.70
C GLN F 251 54.83 -6.09 58.83
N PRO F 252 54.68 -6.56 60.07
CA PRO F 252 55.35 -5.91 61.20
C PRO F 252 56.86 -6.13 61.20
N GLU F 253 57.39 -6.78 60.16
CA GLU F 253 58.81 -7.03 60.05
C GLU F 253 59.53 -6.04 59.14
N GLU F 254 58.85 -5.51 58.12
CA GLU F 254 59.45 -4.55 57.20
C GLU F 254 59.09 -3.11 57.53
N TYR F 255 58.29 -2.88 58.58
CA TYR F 255 57.91 -1.51 58.93
C TYR F 255 59.11 -0.70 59.41
N MET F 256 59.87 -1.25 60.36
CA MET F 256 61.03 -0.53 60.88
C MET F 256 62.14 -0.39 59.86
N ALA F 257 62.19 -1.26 58.86
CA ALA F 257 63.24 -1.18 57.84
C ALA F 257 63.06 0.04 56.95
N TYR F 258 61.82 0.42 56.65
CA TYR F 258 61.55 1.54 55.76
C TYR F 258 61.51 2.88 56.48
N VAL F 259 61.58 2.89 57.81
CA VAL F 259 61.57 4.14 58.56
C VAL F 259 62.95 4.78 58.55
N PRO F 573 36.68 18.94 35.11
CA PRO F 573 36.93 17.77 34.26
C PRO F 573 38.26 17.08 34.55
N GLY F 574 39.30 17.88 34.81
CA GLY F 574 40.60 17.32 35.11
C GLY F 574 40.69 16.71 36.49
N ALA F 575 39.77 17.04 37.39
CA ALA F 575 39.83 16.52 38.75
C ALA F 575 39.66 15.00 38.77
N GLU F 576 38.72 14.48 37.99
CA GLU F 576 38.51 13.03 37.94
C GLU F 576 39.72 12.31 37.35
N GLU F 577 40.28 12.86 36.27
CA GLU F 577 41.47 12.24 35.68
C GLU F 577 42.64 12.26 36.65
N ALA F 578 42.82 13.37 37.37
CA ALA F 578 43.88 13.46 38.36
C ALA F 578 43.65 12.46 39.49
N GLN F 579 42.39 12.31 39.93
CA GLN F 579 42.09 11.35 40.99
C GLN F 579 42.40 9.92 40.56
N LYS F 580 41.99 9.55 39.34
CA LYS F 580 42.27 8.19 38.87
C LYS F 580 43.77 7.96 38.68
N GLU F 581 44.48 8.96 38.16
CA GLU F 581 45.93 8.85 38.06
C GLU F 581 46.57 8.69 39.43
N ARG F 582 46.08 9.43 40.43
CA ARG F 582 46.59 9.30 41.78
C ARG F 582 46.35 7.89 42.32
N GLN F 583 45.14 7.35 42.11
CA GLN F 583 44.82 6.02 42.60
C GLN F 583 45.72 4.97 41.96
N ARG F 584 45.85 5.01 40.63
CA ARG F 584 46.65 4.00 39.93
C ARG F 584 48.13 4.13 40.29
N GLN F 585 48.65 5.36 40.35
CA GLN F 585 50.04 5.57 40.72
C GLN F 585 50.31 5.09 42.14
N LYS F 586 49.39 5.36 43.07
CA LYS F 586 49.55 4.90 44.44
C LYS F 586 49.54 3.38 44.51
N GLU F 587 48.65 2.74 43.74
CA GLU F 587 48.62 1.27 43.74
C GLU F 587 49.91 0.69 43.20
N LEU F 588 50.40 1.23 42.08
CA LEU F 588 51.64 0.73 41.49
C LEU F 588 52.83 0.97 42.41
N GLU F 589 52.92 2.16 43.00
CA GLU F 589 54.06 2.49 43.84
C GLU F 589 54.05 1.67 45.13
N SER F 590 52.88 1.53 45.77
CA SER F 590 52.78 0.71 46.97
C SER F 590 53.05 -0.75 46.66
N ASN F 591 52.79 -1.19 45.42
CA ASN F 591 53.14 -2.55 45.05
C ASN F 591 54.64 -2.80 45.19
N TYR F 592 55.45 -1.76 45.05
CA TYR F 592 56.90 -1.87 45.23
C TYR F 592 57.26 -1.95 46.71
#